data_2PZS
#
_entry.id   2PZS
#
_cell.length_a   216.633
_cell.length_b   146.292
_cell.length_c   115.054
_cell.angle_alpha   90.00
_cell.angle_beta   117.93
_cell.angle_gamma   90.00
#
_symmetry.space_group_name_H-M   'C 1 2 1'
#
loop_
_entity.id
_entity.type
_entity.pdbx_description
1 polymer "5'-d(GACTGCTTAC)-3'"
2 polymer "5'-d(CTAACACGTAAGCAGTC)-3'"
3 polymer 'DNA polymerase'
4 water water
#
loop_
_entity_poly.entity_id
_entity_poly.type
_entity_poly.pdbx_seq_one_letter_code
_entity_poly.pdbx_strand_id
1 'polydeoxyribonucleotide' (DG)(DA)(DC)(DT)(DG)(DC)(DT)(DT)(DA)(DC) X,R
2 'polydeoxyribonucleotide' (DC)(DT)(DA)(DA)(DC)(DA)(DC)(DG)(DT)(DA)(DA)(DG)(DC)(DA)(DG)(DT)(DC) Y,T,U,S
3 'polypeptide(L)'
;MKHMPRKMYSCAFETTTKVEDCRVWAYGYMNIEDHSEYKIGNSLDEFMAWVLKVQADLYFHNLKFAGAFIINWLERNGFK
WSADGLPNTYNTIISRMGQWYMIDICLGYKGKRKIHTVIYDSLKKLPFPVKKIAKDFKLTVLKGDIDYHKERPVGYKITP
EEYAYIKNDIQIIAEALLIQFKQGLDRMTAGSDSLKGFKDIITTKKFKKVFPTLSLGLDKEVRYAYRGGFTWLNDRFKEK
EIGEGMVFDVNSLYPAQMYSRLLPYGEPIVFEGKYVWDEDYPLHIQHIRCEFELKEGYIPTIQIKRSRFYKGNEYLKSSG
GEIADLWLSNVDLELMKEHYDLYNVEYISGLKFKATTGLFKDFIDKWTYIKTTSEGAIKQLAKLMLNSLYGKFASNPDVT
GKVPYLKENGALGFRLGEEETKDPVYTPMGVFITAWARYTTITAAQACYDRIIYCDTDSIHLTGTEIPDVIKDIVDPKKL
GYWAHESTFKRAKYLRQKTYIQDIYMKEVDGKLVEGSPDDYTDIKFSVKCAGMTDKIKKEVTFENFKVGFSRKMKPKPVQ
VPGGVVLVDDTFTIK
;
A,B,C,D
#
loop_
_chem_comp.id
_chem_comp.type
_chem_comp.name
_chem_comp.formula
DA DNA linking 2'-DEOXYADENOSINE-5'-MONOPHOSPHATE 'C10 H14 N5 O6 P'
DC DNA linking 2'-DEOXYCYTIDINE-5'-MONOPHOSPHATE 'C9 H14 N3 O7 P'
DG DNA linking 2'-DEOXYGUANOSINE-5'-MONOPHOSPHATE 'C10 H14 N5 O7 P'
DT DNA linking THYMIDINE-5'-MONOPHOSPHATE 'C10 H15 N2 O8 P'
#
# COMPACT_ATOMS: atom_id res chain seq x y z
N PRO G 5 22.82 51.12 8.76
CA PRO G 5 21.98 50.05 9.31
C PRO G 5 22.60 48.67 9.15
N ARG G 6 22.71 47.90 10.24
CA ARG G 6 23.37 46.59 10.19
C ARG G 6 22.37 45.44 10.21
N LYS G 7 22.50 44.51 9.26
CA LYS G 7 21.49 43.48 9.03
C LYS G 7 21.67 42.25 9.92
N MET G 8 20.55 41.65 10.31
CA MET G 8 20.53 40.44 11.14
C MET G 8 19.93 39.26 10.37
N TYR G 9 20.53 38.08 10.51
CA TYR G 9 20.03 36.90 9.83
C TYR G 9 19.95 35.69 10.74
N SER G 10 18.89 34.89 10.55
CA SER G 10 18.75 33.61 11.23
C SER G 10 19.28 32.54 10.31
N CYS G 11 20.14 31.66 10.84
CA CYS G 11 20.86 30.65 10.03
C CYS G 11 20.81 29.27 10.63
N ALA G 12 21.08 28.27 9.77
CA ALA G 12 21.09 26.87 10.17
C ALA G 12 21.89 26.08 9.17
N PHE G 13 22.50 25.00 9.67
CA PHE G 13 23.15 23.99 8.85
C PHE G 13 22.52 22.65 9.09
N GLU G 14 22.52 21.80 8.08
CA GLU G 14 22.33 20.38 8.27
C GLU G 14 23.63 19.72 7.82
N THR G 15 23.99 18.62 8.47
CA THR G 15 25.34 18.06 8.32
C THR G 15 25.37 16.53 8.31
N THR G 16 26.41 15.96 7.72
CA THR G 16 26.54 14.50 7.61
C THR G 16 27.01 13.88 8.93
N THR G 17 26.97 12.56 9.01
CA THR G 17 27.09 11.85 10.28
C THR G 17 28.32 10.94 10.40
N LYS G 18 29.05 10.76 9.30
CA LYS G 18 30.25 9.93 9.29
C LYS G 18 31.49 10.67 9.82
N VAL G 19 32.18 10.06 10.78
CA VAL G 19 33.49 10.52 11.31
C VAL G 19 34.51 10.76 10.20
N GLU G 20 34.58 9.81 9.26
CA GLU G 20 35.51 9.88 8.13
C GLU G 20 35.05 10.89 7.05
N ASP G 21 33.88 11.50 7.24
CA ASP G 21 33.22 12.28 6.19
C ASP G 21 32.17 13.26 6.75
N CYS G 22 32.65 14.37 7.26
CA CYS G 22 31.83 15.33 7.97
C CYS G 22 31.77 16.60 7.12
N ARG G 23 30.60 16.93 6.61
CA ARG G 23 30.40 18.17 5.84
C ARG G 23 28.99 18.68 6.02
N VAL G 24 28.79 19.92 5.59
CA VAL G 24 27.44 20.49 5.47
C VAL G 24 26.77 19.98 4.19
N TRP G 25 25.55 19.46 4.29
CA TRP G 25 24.80 19.08 3.09
C TRP G 25 23.70 20.07 2.71
N ALA G 26 23.26 20.90 3.64
CA ALA G 26 22.36 22.02 3.34
C ALA G 26 22.62 23.18 4.30
N TYR G 27 22.35 24.41 3.85
CA TYR G 27 22.44 25.59 4.69
C TYR G 27 21.23 26.48 4.41
N GLY G 28 20.80 27.26 5.42
CA GLY G 28 19.80 28.30 5.23
C GLY G 28 20.16 29.60 5.92
N TYR G 29 19.81 30.72 5.31
CA TYR G 29 19.82 32.03 6.02
C TYR G 29 18.57 32.77 5.65
N MET G 30 18.05 33.55 6.60
CA MET G 30 16.87 34.40 6.39
C MET G 30 17.07 35.73 7.10
N ASN G 31 16.81 36.82 6.40
CA ASN G 31 16.88 38.15 6.99
C ASN G 31 15.84 38.24 8.10
N ILE G 32 16.26 38.50 9.34
CA ILE G 32 15.33 38.50 10.49
C ILE G 32 14.22 39.54 10.30
N GLU G 33 14.57 40.64 9.64
CA GLU G 33 13.65 41.74 9.38
C GLU G 33 12.98 41.67 8.03
N ASP G 34 13.26 40.64 7.24
CA ASP G 34 12.59 40.50 5.93
C ASP G 34 12.59 39.06 5.45
N HIS G 35 11.62 38.31 5.95
CA HIS G 35 11.62 36.85 5.82
C HIS G 35 11.53 36.39 4.38
N SER G 36 11.16 37.30 3.50
CA SER G 36 11.23 37.05 2.07
C SER G 36 12.67 36.98 1.56
N GLU G 37 13.62 37.55 2.30
CA GLU G 37 15.03 37.55 1.87
C GLU G 37 15.75 36.39 2.53
N TYR G 38 15.90 35.30 1.79
CA TYR G 38 16.41 34.07 2.35
C TYR G 38 16.95 33.18 1.26
N LYS G 39 17.73 32.18 1.63
CA LYS G 39 18.22 31.21 0.66
C LYS G 39 18.56 29.89 1.31
N ILE G 40 18.15 28.80 0.68
CA ILE G 40 18.60 27.47 1.08
C ILE G 40 19.56 27.01 0.01
N GLY G 41 20.65 26.37 0.41
CA GLY G 41 21.63 25.86 -0.57
C GLY G 41 22.36 24.66 -0.01
N ASN G 42 23.12 23.98 -0.85
CA ASN G 42 23.81 22.76 -0.41
C ASN G 42 25.32 22.85 -0.27
N SER G 43 25.91 24.06 -0.34
CA SER G 43 27.38 24.25 -0.33
C SER G 43 27.89 25.24 0.74
N LEU G 44 28.86 24.79 1.54
CA LEU G 44 29.47 25.63 2.57
C LEU G 44 30.28 26.75 1.95
N ASP G 45 31.07 26.44 0.92
CA ASP G 45 31.80 27.47 0.19
C ASP G 45 30.84 28.61 -0.19
N GLU G 46 29.70 28.23 -0.73
CA GLU G 46 28.72 29.21 -1.16
C GLU G 46 28.15 30.00 0.02
N PHE G 47 27.82 29.31 1.12
CA PHE G 47 27.37 30.00 2.32
C PHE G 47 28.44 30.98 2.77
N MET G 48 29.64 30.46 2.93
CA MET G 48 30.76 31.25 3.45
C MET G 48 31.17 32.39 2.51
N ALA G 49 31.05 32.21 1.20
CA ALA G 49 31.25 33.35 0.24
C ALA G 49 30.29 34.51 0.56
N TRP G 50 29.07 34.14 0.96
CA TRP G 50 28.05 35.10 1.34
C TRP G 50 28.39 35.71 2.70
N VAL G 51 28.76 34.87 3.66
CA VAL G 51 29.17 35.34 4.99
C VAL G 51 30.21 36.45 4.87
N LEU G 52 31.16 36.29 3.97
CA LEU G 52 32.29 37.22 3.89
C LEU G 52 31.95 38.53 3.20
N LYS G 53 30.73 38.65 2.70
CA LYS G 53 30.31 39.86 1.99
C LYS G 53 29.09 40.55 2.59
N VAL G 54 28.25 39.83 3.35
CA VAL G 54 27.03 40.46 3.91
C VAL G 54 27.38 41.55 4.87
N GLN G 55 28.49 41.38 5.57
CA GLN G 55 28.91 42.31 6.60
C GLN G 55 27.74 42.58 7.52
N ALA G 56 27.24 41.52 8.14
CA ALA G 56 26.07 41.62 8.98
C ALA G 56 26.28 40.84 10.26
N ASP G 57 25.23 40.78 11.08
CA ASP G 57 25.21 39.92 12.27
C ASP G 57 24.36 38.66 12.01
N LEU G 58 24.99 37.51 12.19
CA LEU G 58 24.35 36.20 11.96
C LEU G 58 24.07 35.49 13.28
N TYR G 59 23.02 34.67 13.26
CA TYR G 59 22.68 33.85 14.40
C TYR G 59 22.50 32.41 13.96
N PHE G 60 23.11 31.49 14.69
CA PHE G 60 22.71 30.10 14.67
C PHE G 60 22.15 29.73 16.03
N HIS G 61 21.20 28.80 16.05
CA HIS G 61 20.77 28.14 17.28
C HIS G 61 21.78 27.05 17.58
N ASN G 62 22.53 27.21 18.69
CA ASN G 62 23.57 26.26 19.10
C ASN G 62 24.85 26.51 18.32
N LEU G 63 25.39 27.72 18.45
CA LEU G 63 26.62 28.14 17.75
C LEU G 63 27.80 27.20 18.01
N LYS G 64 27.85 26.60 19.18
CA LYS G 64 28.84 25.56 19.48
C LYS G 64 28.93 24.61 18.32
N PHE G 65 27.78 24.24 17.74
CA PHE G 65 27.71 23.21 16.69
C PHE G 65 28.05 23.71 15.28
N ALA G 66 27.20 24.55 14.68
CA ALA G 66 27.54 25.14 13.37
C ALA G 66 28.90 25.85 13.41
N GLY G 67 29.25 26.38 14.57
CA GLY G 67 30.53 27.02 14.74
C GLY G 67 31.75 26.18 14.41
N ALA G 68 31.73 24.89 14.78
CA ALA G 68 32.90 24.04 14.54
C ALA G 68 33.14 23.96 13.03
N PHE G 69 32.04 23.95 12.28
CA PHE G 69 32.10 23.88 10.81
C PHE G 69 32.62 25.19 10.23
N ILE G 70 32.15 26.30 10.78
CA ILE G 70 32.55 27.62 10.31
C ILE G 70 34.05 27.82 10.50
N ILE G 71 34.56 27.48 11.68
CA ILE G 71 35.98 27.67 11.97
C ILE G 71 36.83 26.68 11.20
N ASN G 72 36.32 25.48 10.97
CA ASN G 72 37.04 24.51 10.13
C ASN G 72 37.25 25.08 8.73
N TRP G 73 36.23 25.72 8.17
CA TRP G 73 36.35 26.42 6.89
C TRP G 73 37.36 27.57 6.94
N LEU G 74 37.14 28.49 7.87
CA LEU G 74 37.97 29.69 7.99
C LEU G 74 39.44 29.32 7.96
N GLU G 75 39.78 28.30 8.74
CA GLU G 75 41.18 27.86 8.91
C GLU G 75 41.81 27.27 7.67
N ARG G 76 40.97 26.77 6.77
CA ARG G 76 41.41 26.23 5.47
C ARG G 76 41.25 27.23 4.32
N ASN G 77 40.85 28.46 4.62
CA ASN G 77 40.67 29.46 3.56
C ASN G 77 41.25 30.81 3.94
N GLY G 78 42.40 30.78 4.59
CA GLY G 78 43.21 31.98 4.73
C GLY G 78 42.98 32.84 5.95
N PHE G 79 42.23 32.34 6.93
CA PHE G 79 41.96 33.09 8.16
C PHE G 79 42.68 32.47 9.33
N LYS G 80 42.97 33.28 10.32
CA LYS G 80 43.57 32.81 11.55
C LYS G 80 42.90 33.49 12.72
N TRP G 81 42.98 32.88 13.89
CA TRP G 81 42.43 33.49 15.07
C TRP G 81 43.30 34.67 15.51
N SER G 82 42.66 35.79 15.77
CA SER G 82 43.32 36.98 16.27
C SER G 82 42.37 37.71 17.20
N ALA G 83 42.89 38.14 18.34
CA ALA G 83 42.13 38.95 19.27
C ALA G 83 42.17 40.43 18.88
N ASP G 84 43.04 40.77 17.92
CA ASP G 84 43.31 42.18 17.60
C ASP G 84 42.52 42.68 16.38
N GLY G 85 41.62 41.89 15.86
CA GLY G 85 40.84 42.32 14.70
C GLY G 85 41.62 42.75 13.47
N LEU G 86 42.68 42.04 13.11
CA LEU G 86 43.37 42.31 11.84
C LEU G 86 42.52 41.79 10.66
N PRO G 87 42.83 42.24 9.42
CA PRO G 87 42.21 41.67 8.20
C PRO G 87 42.51 40.19 8.03
N ASN G 88 41.57 39.45 7.45
CA ASN G 88 41.70 38.01 7.28
C ASN G 88 41.98 37.24 8.57
N THR G 89 41.37 37.68 9.65
CA THR G 89 41.42 36.92 10.89
C THR G 89 40.02 36.86 11.46
N TYR G 90 39.87 36.01 12.47
CA TYR G 90 38.62 35.91 13.17
C TYR G 90 38.90 35.93 14.66
N ASN G 91 38.06 36.61 15.41
CA ASN G 91 38.11 36.61 16.85
C ASN G 91 36.92 35.78 17.38
N THR G 92 37.03 35.32 18.63
CA THR G 92 35.97 34.54 19.22
C THR G 92 35.85 34.88 20.68
N ILE G 93 34.66 34.70 21.24
CA ILE G 93 34.43 34.66 22.67
C ILE G 93 33.89 33.25 22.90
N ILE G 94 34.74 32.37 23.40
CA ILE G 94 34.35 30.99 23.80
C ILE G 94 34.82 30.81 25.23
N SER G 95 33.94 30.37 26.11
CA SER G 95 34.25 30.38 27.53
C SER G 95 35.16 29.21 27.94
N ARG G 96 35.61 29.24 29.18
CA ARG G 96 36.40 28.15 29.72
C ARG G 96 35.61 26.84 29.69
N MET G 97 34.29 26.93 29.81
CA MET G 97 33.37 25.78 29.81
C MET G 97 32.89 25.34 28.41
N GLY G 98 33.37 25.98 27.36
CA GLY G 98 33.09 25.51 26.01
C GLY G 98 31.74 25.95 25.49
N GLN G 99 31.24 27.05 26.06
CA GLN G 99 30.05 27.74 25.59
C GLN G 99 30.46 28.82 24.60
N TRP G 100 29.76 28.88 23.47
CA TRP G 100 30.14 29.79 22.40
C TRP G 100 29.20 30.98 22.30
N TYR G 101 29.77 32.18 22.20
CA TYR G 101 29.00 33.43 22.14
C TYR G 101 29.18 34.22 20.84
N MET G 102 30.34 34.13 20.23
CA MET G 102 30.61 34.98 19.09
C MET G 102 31.74 34.46 18.19
N ILE G 103 31.62 34.73 16.90
CA ILE G 103 32.70 34.55 15.94
C ILE G 103 32.71 35.82 15.06
N ASP G 104 33.74 36.63 15.20
CA ASP G 104 33.81 37.88 14.47
C ASP G 104 34.78 37.70 13.31
N ILE G 105 34.27 37.74 12.08
CA ILE G 105 35.11 37.55 10.90
C ILE G 105 35.45 38.89 10.27
N CYS G 106 36.71 39.32 10.43
CA CYS G 106 37.18 40.62 9.89
C CYS G 106 37.81 40.47 8.50
N LEU G 107 37.34 41.29 7.55
CA LEU G 107 37.89 41.31 6.19
C LEU G 107 38.87 42.46 5.98
N GLY G 108 38.63 43.58 6.67
CA GLY G 108 39.47 44.74 6.53
C GLY G 108 38.80 45.96 7.10
N TYR G 109 39.25 47.13 6.67
CA TYR G 109 38.74 48.41 7.16
C TYR G 109 38.55 49.36 6.01
N LYS G 110 37.49 50.14 6.08
CA LYS G 110 37.32 51.30 5.22
C LYS G 110 37.35 52.51 6.13
N GLY G 111 38.48 53.21 6.12
CA GLY G 111 38.73 54.30 7.06
C GLY G 111 38.96 53.74 8.46
N LYS G 112 38.29 54.31 9.45
CA LYS G 112 38.31 53.78 10.80
C LYS G 112 37.39 52.58 10.94
N ARG G 113 36.38 52.47 10.07
CA ARG G 113 35.32 51.48 10.29
C ARG G 113 35.70 50.04 9.86
N LYS G 114 35.37 49.08 10.72
CA LYS G 114 35.63 47.67 10.49
C LYS G 114 34.65 47.09 9.49
N ILE G 115 35.14 46.17 8.66
CA ILE G 115 34.33 45.43 7.72
C ILE G 115 34.35 43.98 8.15
N HIS G 116 33.20 43.48 8.60
CA HIS G 116 33.17 42.17 9.23
C HIS G 116 31.77 41.59 9.29
N THR G 117 31.70 40.29 9.55
CA THR G 117 30.45 39.60 9.83
C THR G 117 30.61 38.92 11.18
N VAL G 118 29.65 39.13 12.07
CA VAL G 118 29.72 38.61 13.41
C VAL G 118 28.66 37.53 13.50
N ILE G 119 29.01 36.41 14.11
CA ILE G 119 28.08 35.30 14.25
C ILE G 119 27.83 35.11 15.73
N TYR G 120 26.56 34.96 16.11
CA TYR G 120 26.16 34.84 17.49
C TYR G 120 25.39 33.55 17.73
N ASP G 121 25.14 33.23 19.01
CA ASP G 121 24.32 32.07 19.39
C ASP G 121 22.89 32.52 19.80
N SER G 122 21.89 32.20 18.98
CA SER G 122 20.48 32.56 19.28
C SER G 122 19.96 31.76 20.48
N LEU G 123 20.62 30.62 20.76
CA LEU G 123 20.35 29.85 21.97
C LEU G 123 20.63 30.67 23.23
N LYS G 124 21.61 31.56 23.17
CA LYS G 124 21.95 32.42 24.33
C LYS G 124 20.89 33.48 24.59
N LYS G 125 20.17 33.84 23.54
CA LYS G 125 19.02 34.76 23.67
C LYS G 125 17.73 34.02 23.95
N LEU G 126 17.59 32.83 23.37
CA LEU G 126 16.39 32.07 23.47
C LEU G 126 16.78 30.69 23.88
N PRO G 127 16.83 30.43 25.21
CA PRO G 127 17.39 29.19 25.74
C PRO G 127 16.42 28.05 25.79
N PHE G 128 15.92 27.67 24.64
CA PHE G 128 15.10 26.48 24.52
C PHE G 128 15.35 25.88 23.17
N PRO G 129 14.94 24.61 22.97
CA PRO G 129 14.93 24.07 21.61
C PRO G 129 13.99 24.87 20.68
N VAL G 130 14.31 24.90 19.39
CA VAL G 130 13.46 25.58 18.39
C VAL G 130 11.99 25.09 18.43
N LYS G 131 11.78 23.78 18.45
CA LYS G 131 10.43 23.24 18.55
C LYS G 131 9.59 23.91 19.68
N LYS G 132 10.22 24.11 20.84
CA LYS G 132 9.52 24.68 22.01
C LYS G 132 9.31 26.19 21.89
N ILE G 133 10.28 26.88 21.30
CA ILE G 133 10.13 28.29 20.97
C ILE G 133 8.87 28.49 20.12
N ALA G 134 8.78 27.72 19.03
CA ALA G 134 7.58 27.70 18.20
C ALA G 134 6.31 27.55 19.02
N LYS G 135 6.20 26.49 19.80
CA LYS G 135 4.96 26.23 20.54
C LYS G 135 4.65 27.42 21.44
N ASP G 136 5.60 27.78 22.29
CA ASP G 136 5.37 28.81 23.31
C ASP G 136 5.17 30.23 22.74
N PHE G 137 5.88 30.56 21.66
CA PHE G 137 5.72 31.89 21.02
C PHE G 137 4.60 31.93 19.98
N LYS G 138 3.80 30.86 19.89
CA LYS G 138 2.70 30.71 18.92
C LYS G 138 3.14 30.99 17.47
N LEU G 139 4.18 30.31 17.03
CA LEU G 139 4.71 30.48 15.67
C LEU G 139 4.54 29.18 14.92
N THR G 140 4.50 29.23 13.59
CA THR G 140 4.31 28.01 12.78
C THR G 140 5.49 27.07 12.82
N VAL G 141 5.23 25.83 13.24
CA VAL G 141 6.27 24.79 13.33
C VAL G 141 5.76 23.48 12.75
N LEU G 142 6.52 22.93 11.80
CA LEU G 142 6.21 21.65 11.19
C LEU G 142 6.49 20.50 12.13
N LYS G 143 5.60 19.51 12.13
CA LYS G 143 5.78 18.31 12.91
C LYS G 143 6.81 17.36 12.24
N GLY G 144 7.50 16.57 13.03
CA GLY G 144 8.55 15.67 12.51
C GLY G 144 9.88 16.36 12.31
N ASP G 145 10.81 15.70 11.63
CA ASP G 145 12.12 16.30 11.35
C ASP G 145 12.78 15.68 10.13
N ILE G 146 13.90 16.26 9.75
CA ILE G 146 14.74 15.72 8.68
C ILE G 146 15.30 14.36 9.10
N ASP G 147 15.29 13.40 8.18
CA ASP G 147 15.82 12.05 8.43
C ASP G 147 17.35 12.16 8.59
N TYR G 148 17.84 11.97 9.80
CA TYR G 148 19.22 12.34 10.16
C TYR G 148 20.24 11.31 9.64
N HIS G 149 20.00 10.05 9.99
CA HIS G 149 20.72 8.96 9.35
C HIS G 149 20.01 8.72 8.00
N LYS G 150 20.72 9.01 6.92
CA LYS G 150 20.22 8.79 5.56
C LYS G 150 21.39 9.12 4.69
N GLU G 151 21.65 8.27 3.71
CA GLU G 151 22.84 8.43 2.90
C GLU G 151 22.78 9.74 2.09
N ARG G 152 23.79 10.59 2.28
CA ARG G 152 23.91 11.87 1.57
C ARG G 152 25.34 12.10 1.10
N PRO G 153 25.69 11.62 -0.10
CA PRO G 153 27.01 11.87 -0.65
C PRO G 153 27.19 13.32 -1.10
N VAL G 154 28.36 13.67 -1.62
CA VAL G 154 28.60 15.03 -2.14
C VAL G 154 27.67 15.29 -3.33
N GLY G 155 27.11 16.49 -3.39
CA GLY G 155 26.12 16.80 -4.42
C GLY G 155 24.81 16.04 -4.22
N TYR G 156 24.51 15.73 -2.97
CA TYR G 156 23.18 15.31 -2.58
C TYR G 156 22.29 16.52 -2.81
N LYS G 157 21.15 16.28 -3.45
CA LYS G 157 20.19 17.35 -3.72
C LYS G 157 19.12 17.38 -2.62
N ILE G 158 18.94 18.55 -2.02
CA ILE G 158 17.93 18.76 -0.97
C ILE G 158 16.57 18.46 -1.56
N THR G 159 15.75 17.74 -0.82
CA THR G 159 14.41 17.43 -1.28
C THR G 159 13.45 18.56 -0.91
N PRO G 160 12.28 18.63 -1.56
CA PRO G 160 11.25 19.59 -1.19
C PRO G 160 10.88 19.59 0.29
N GLU G 161 10.77 18.43 0.91
CA GLU G 161 10.40 18.32 2.34
C GLU G 161 11.49 18.84 3.30
N GLU G 162 12.75 18.63 2.94
CA GLU G 162 13.89 19.10 3.74
C GLU G 162 14.03 20.62 3.63
N TYR G 163 13.92 21.14 2.40
CA TYR G 163 13.77 22.59 2.17
C TYR G 163 12.69 23.17 3.10
N ALA G 164 11.57 22.49 3.20
CA ALA G 164 10.48 22.90 4.07
C ALA G 164 10.94 22.96 5.51
N TYR G 165 11.54 21.89 6.01
CA TYR G 165 12.04 21.87 7.40
C TYR G 165 13.12 22.89 7.67
N ILE G 166 14.03 23.05 6.72
CA ILE G 166 15.14 23.97 6.91
C ILE G 166 14.58 25.40 6.93
N LYS G 167 13.74 25.74 5.97
CA LYS G 167 13.14 27.07 5.96
C LYS G 167 12.36 27.36 7.23
N ASN G 168 11.65 26.37 7.74
CA ASN G 168 10.81 26.57 8.92
C ASN G 168 11.67 26.85 10.17
N ASP G 169 12.72 26.07 10.37
CA ASP G 169 13.64 26.30 11.52
C ASP G 169 14.21 27.70 11.55
N ILE G 170 14.71 28.19 10.42
CA ILE G 170 15.31 29.52 10.40
C ILE G 170 14.23 30.59 10.59
N GLN G 171 13.07 30.38 10.00
CA GLN G 171 11.94 31.33 10.21
C GLN G 171 11.41 31.38 11.67
N ILE G 172 11.24 30.21 12.31
CA ILE G 172 10.81 30.16 13.72
C ILE G 172 11.69 31.11 14.53
N ILE G 173 13.00 30.96 14.36
CA ILE G 173 13.97 31.77 15.08
C ILE G 173 14.07 33.22 14.55
N ALA G 174 13.85 33.45 13.26
CA ALA G 174 13.77 34.82 12.75
C ALA G 174 12.66 35.59 13.43
N GLU G 175 11.45 35.05 13.35
CA GLU G 175 10.24 35.64 13.96
C GLU G 175 10.42 35.90 15.46
N ALA G 176 11.04 34.95 16.16
CA ALA G 176 11.22 35.05 17.61
C ALA G 176 12.25 36.13 17.98
N LEU G 177 13.41 36.07 17.35
CA LEU G 177 14.42 37.11 17.58
C LEU G 177 13.82 38.50 17.33
N LEU G 178 13.11 38.66 16.22
CA LEU G 178 12.51 39.96 15.87
C LEU G 178 11.55 40.47 16.94
N ILE G 179 10.69 39.61 17.46
CA ILE G 179 9.76 40.01 18.54
C ILE G 179 10.52 40.50 19.77
N GLN G 180 11.65 39.86 20.03
CA GLN G 180 12.51 40.17 21.16
C GLN G 180 13.23 41.50 20.96
N PHE G 181 13.89 41.64 19.82
CA PHE G 181 14.50 42.91 19.45
C PHE G 181 13.48 44.04 19.48
N LYS G 182 12.24 43.77 19.07
CA LYS G 182 11.19 44.82 19.07
C LYS G 182 10.78 45.23 20.47
N GLN G 183 10.83 44.28 21.40
CA GLN G 183 10.46 44.51 22.80
C GLN G 183 11.50 45.33 23.55
N GLY G 184 12.68 45.47 22.96
CA GLY G 184 13.75 46.31 23.49
C GLY G 184 14.94 45.46 23.88
N LEU G 185 14.77 44.14 23.83
CA LEU G 185 15.72 43.18 24.39
C LEU G 185 16.79 42.82 23.34
N ASP G 186 17.64 43.79 23.06
CA ASP G 186 18.57 43.72 21.93
C ASP G 186 19.97 43.22 22.27
N ARG G 187 20.24 42.93 23.54
CA ARG G 187 21.59 42.53 23.91
C ARG G 187 21.87 41.07 23.56
N MET G 188 23.12 40.70 23.70
CA MET G 188 23.65 39.44 23.24
C MET G 188 23.01 38.22 23.92
N THR G 189 22.72 38.35 25.21
CA THR G 189 22.17 37.25 25.98
C THR G 189 20.94 37.66 26.80
N ALA G 190 20.08 36.67 27.04
CA ALA G 190 18.93 36.83 27.92
C ALA G 190 19.31 37.40 29.26
N GLY G 191 20.48 36.99 29.75
CA GLY G 191 20.97 37.49 31.03
C GLY G 191 21.41 38.93 30.97
N SER G 192 22.13 39.30 29.91
CA SER G 192 22.48 40.67 29.68
C SER G 192 21.23 41.57 29.53
N ASP G 193 20.18 41.06 28.88
CA ASP G 193 18.91 41.82 28.75
C ASP G 193 18.26 42.09 30.10
N SER G 194 18.26 41.09 30.98
CA SER G 194 17.71 41.28 32.32
C SER G 194 18.47 42.33 33.08
N LEU G 195 19.77 42.13 33.21
CA LEU G 195 20.61 43.03 34.00
C LEU G 195 20.51 44.44 33.45
N LYS G 196 20.62 44.61 32.15
CA LYS G 196 20.42 45.97 31.59
C LYS G 196 19.02 46.53 31.93
N GLY G 197 17.99 45.69 31.83
CA GLY G 197 16.63 46.08 32.22
C GLY G 197 16.55 46.52 33.67
N PHE G 198 17.22 45.78 34.55
CA PHE G 198 17.32 46.15 35.97
C PHE G 198 18.12 47.44 36.18
N LYS G 199 19.28 47.57 35.54
CA LYS G 199 20.08 48.81 35.62
C LYS G 199 19.25 49.99 35.13
N ASP G 200 18.57 49.82 33.99
CA ASP G 200 17.68 50.85 33.46
C ASP G 200 16.77 51.43 34.54
N ILE G 201 16.13 50.57 35.32
CA ILE G 201 15.09 50.97 36.26
C ILE G 201 15.67 51.66 37.50
N ILE G 202 16.83 51.21 37.98
CA ILE G 202 17.44 51.85 39.17
C ILE G 202 18.46 52.93 38.78
N THR G 203 18.80 52.92 37.49
CA THR G 203 19.77 53.84 36.86
C THR G 203 21.21 53.38 37.14
N THR G 204 22.05 53.52 36.12
CA THR G 204 23.45 53.19 36.20
C THR G 204 24.16 53.86 37.36
N LYS G 205 23.97 55.17 37.51
CA LYS G 205 24.60 55.92 38.61
C LYS G 205 24.34 55.24 39.95
N LYS G 206 23.09 54.89 40.21
CA LYS G 206 22.73 54.30 41.49
C LYS G 206 23.25 52.89 41.60
N PHE G 207 23.22 52.16 40.48
CA PHE G 207 23.69 50.77 40.48
C PHE G 207 25.14 50.71 40.97
N LYS G 208 25.98 51.61 40.44
CA LYS G 208 27.42 51.62 40.74
C LYS G 208 27.69 51.92 42.18
N LYS G 209 26.84 52.74 42.78
CA LYS G 209 27.02 53.12 44.19
C LYS G 209 26.43 52.08 45.14
N VAL G 210 25.27 51.53 44.81
CA VAL G 210 24.63 50.49 45.63
C VAL G 210 25.29 49.14 45.43
N PHE G 211 25.76 48.85 44.22
CA PHE G 211 26.51 47.63 43.92
C PHE G 211 27.96 47.88 43.48
N PRO G 212 28.81 48.34 44.42
CA PRO G 212 30.20 48.67 44.09
C PRO G 212 31.07 47.51 43.68
N THR G 213 32.12 47.83 42.92
CA THR G 213 33.13 46.86 42.49
C THR G 213 34.05 46.44 43.66
N LEU G 214 33.98 45.16 44.03
CA LEU G 214 34.90 44.57 44.98
C LEU G 214 36.22 44.20 44.26
N SER G 215 37.30 44.13 45.01
CA SER G 215 38.55 43.65 44.47
C SER G 215 38.42 42.15 44.19
N LEU G 216 39.29 41.62 43.33
CA LEU G 216 39.31 40.19 43.01
C LEU G 216 39.51 39.31 44.24
N GLY G 217 40.27 39.80 45.21
CA GLY G 217 40.52 39.08 46.45
C GLY G 217 39.26 38.88 47.27
N LEU G 218 38.54 39.98 47.52
CA LEU G 218 37.32 39.89 48.29
C LEU G 218 36.25 39.09 47.56
N ASP G 219 36.14 39.29 46.25
CA ASP G 219 35.15 38.60 45.44
C ASP G 219 35.29 37.09 45.56
N LYS G 220 36.54 36.62 45.47
CA LYS G 220 36.86 35.21 45.63
C LYS G 220 36.46 34.66 47.00
N GLU G 221 36.54 35.50 48.02
CA GLU G 221 36.18 35.09 49.37
C GLU G 221 34.67 35.05 49.48
N VAL G 222 34.00 36.08 48.97
CA VAL G 222 32.55 36.05 48.93
C VAL G 222 32.11 34.81 48.20
N ARG G 223 32.80 34.45 47.13
CA ARG G 223 32.41 33.31 46.29
C ARG G 223 32.53 31.94 46.98
N TYR G 224 33.40 31.79 47.97
CA TYR G 224 33.44 30.53 48.73
C TYR G 224 32.11 30.25 49.44
N ALA G 225 31.26 31.27 49.58
CA ALA G 225 29.97 31.12 50.22
C ALA G 225 28.83 31.04 49.21
N TYR G 226 29.17 30.88 47.92
CA TYR G 226 28.19 30.88 46.85
C TYR G 226 27.89 29.46 46.45
N ARG G 227 26.70 28.96 46.84
CA ARG G 227 26.23 27.61 46.51
C ARG G 227 24.90 27.64 45.76
N GLY G 228 24.49 26.50 45.20
CA GLY G 228 23.27 26.43 44.40
C GLY G 228 22.05 25.82 45.10
N GLY G 229 21.42 24.87 44.44
CA GLY G 229 20.20 24.27 44.97
C GLY G 229 20.47 23.15 45.96
N PHE G 230 19.52 22.94 46.85
CA PHE G 230 19.52 21.83 47.78
C PHE G 230 18.93 20.60 47.10
N THR G 231 19.72 19.54 46.98
CA THR G 231 19.28 18.35 46.29
C THR G 231 19.52 17.14 47.18
N TRP G 232 18.44 16.63 47.77
CA TRP G 232 18.56 15.66 48.85
C TRP G 232 17.49 14.55 48.79
N LEU G 233 17.94 13.29 48.83
CA LEU G 233 17.06 12.14 48.96
C LEU G 233 17.12 11.58 50.38
N ASN G 234 15.99 11.59 51.08
CA ASN G 234 15.87 10.93 52.37
C ASN G 234 16.21 9.45 52.23
N ASP G 235 17.30 9.02 52.88
CA ASP G 235 17.94 7.74 52.53
C ASP G 235 17.14 6.50 52.93
N ARG G 236 16.09 6.68 53.70
CA ARG G 236 15.22 5.59 54.03
C ARG G 236 14.30 5.24 52.87
N PHE G 237 14.19 6.12 51.87
CA PHE G 237 13.42 5.83 50.66
C PHE G 237 14.28 5.41 49.48
N LYS G 238 15.60 5.36 49.69
CA LYS G 238 16.57 5.08 48.64
C LYS G 238 16.38 3.70 47.99
N GLU G 239 16.27 3.68 46.66
CA GLU G 239 16.14 2.42 45.89
C GLU G 239 14.99 1.53 46.38
N LYS G 240 13.89 2.15 46.78
CA LYS G 240 12.74 1.43 47.34
C LYS G 240 11.44 1.92 46.72
N GLU G 241 10.76 1.06 45.97
CA GLU G 241 9.46 1.37 45.35
C GLU G 241 8.42 1.73 46.40
N ILE G 242 8.02 2.99 46.42
CA ILE G 242 7.00 3.47 47.33
C ILE G 242 5.65 3.53 46.64
N GLY G 243 4.62 3.86 47.42
CA GLY G 243 3.25 4.01 46.92
C GLY G 243 2.92 5.47 46.66
N GLU G 244 1.79 5.92 47.18
CA GLU G 244 1.26 7.25 46.84
C GLU G 244 2.06 8.40 47.43
N GLY G 245 2.07 9.52 46.71
CA GLY G 245 2.81 10.70 47.15
C GLY G 245 2.46 11.96 46.36
N MET G 246 3.17 13.05 46.61
CA MET G 246 2.83 14.34 46.00
C MET G 246 4.00 15.32 45.92
N VAL G 247 3.98 16.17 44.88
CA VAL G 247 5.07 17.14 44.64
C VAL G 247 4.55 18.58 44.68
N PHE G 248 5.13 19.36 45.60
CA PHE G 248 4.89 20.79 45.65
C PHE G 248 6.16 21.45 45.17
N ASP G 249 6.03 22.56 44.45
CA ASP G 249 7.18 23.43 44.18
C ASP G 249 6.84 24.90 44.28
N VAL G 250 7.85 25.70 44.60
CA VAL G 250 7.64 27.12 44.85
C VAL G 250 7.33 27.77 43.55
N ASN G 251 6.54 28.83 43.59
CA ASN G 251 6.27 29.66 42.43
C ASN G 251 7.37 30.71 42.29
N SER G 252 8.23 30.53 41.28
CA SER G 252 9.33 31.42 40.97
C SER G 252 10.23 31.62 42.16
N LEU G 253 10.98 30.58 42.48
CA LEU G 253 11.80 30.53 43.69
C LEU G 253 12.67 31.78 43.84
N TYR G 254 13.47 32.06 42.83
CA TYR G 254 14.48 33.09 42.94
C TYR G 254 13.89 34.50 42.92
N PRO G 255 13.06 34.82 41.90
CA PRO G 255 12.39 36.09 41.94
C PRO G 255 11.68 36.30 43.26
N ALA G 256 11.12 35.22 43.82
CA ALA G 256 10.36 35.32 45.06
C ALA G 256 11.24 35.84 46.21
N GLN G 257 12.44 35.30 46.31
CA GLN G 257 13.41 35.77 47.29
C GLN G 257 13.83 37.22 47.00
N MET G 258 14.02 37.53 45.72
CA MET G 258 14.45 38.88 45.31
C MET G 258 13.41 39.92 45.66
N TYR G 259 12.14 39.51 45.63
CA TYR G 259 11.04 40.43 45.88
C TYR G 259 10.93 40.86 47.31
N SER G 260 11.29 39.98 48.25
CA SER G 260 10.94 40.23 49.64
C SER G 260 11.91 39.78 50.75
N ARG G 261 13.05 39.19 50.40
CA ARG G 261 14.06 38.82 51.38
C ARG G 261 15.05 39.95 51.69
N LEU G 262 15.69 39.89 52.85
CA LEU G 262 16.67 40.92 53.23
C LEU G 262 17.94 40.62 52.47
N LEU G 263 18.30 41.48 51.53
CA LEU G 263 19.41 41.21 50.63
C LEU G 263 20.52 42.28 50.74
N PRO G 264 21.79 41.90 50.47
CA PRO G 264 22.90 42.78 50.75
C PRO G 264 23.21 43.80 49.65
N TYR G 265 23.82 44.90 50.04
CA TYR G 265 24.27 45.92 49.09
C TYR G 265 25.39 46.81 49.71
N GLY G 266 25.99 47.65 48.89
CA GLY G 266 26.95 48.63 49.34
C GLY G 266 28.35 48.08 49.57
N GLU G 267 29.21 48.95 50.10
CA GLU G 267 30.61 48.63 50.34
C GLU G 267 30.72 47.82 51.63
N PRO G 268 31.21 46.57 51.54
CA PRO G 268 31.25 45.71 52.72
C PRO G 268 32.40 46.06 53.66
N ILE G 269 32.22 45.77 54.95
CA ILE G 269 33.26 45.99 55.94
C ILE G 269 33.83 44.65 56.41
N VAL G 270 35.14 44.53 56.36
CA VAL G 270 35.81 43.27 56.68
C VAL G 270 36.07 43.19 58.17
N PHE G 271 35.78 42.03 58.75
CA PHE G 271 36.03 41.81 60.17
C PHE G 271 36.86 40.58 60.41
N GLU G 272 37.54 40.58 61.54
CA GLU G 272 38.29 39.45 62.00
C GLU G 272 37.43 38.76 63.06
N GLY G 273 37.64 37.45 63.22
CA GLY G 273 36.94 36.69 64.25
C GLY G 273 35.48 36.42 63.92
N LYS G 274 34.63 36.46 64.94
CA LYS G 274 33.20 36.20 64.80
C LYS G 274 32.48 37.51 64.63
N TYR G 275 31.61 37.58 63.63
CA TYR G 275 30.78 38.74 63.38
C TYR G 275 30.13 39.22 64.68
N VAL G 276 30.19 40.52 64.93
CA VAL G 276 29.40 41.14 66.01
C VAL G 276 28.19 41.83 65.40
N TRP G 277 27.02 41.64 66.02
CA TRP G 277 25.76 42.20 65.51
C TRP G 277 25.85 43.71 65.21
N ASP G 278 25.12 44.12 64.17
CA ASP G 278 25.14 45.51 63.70
C ASP G 278 23.91 45.75 62.81
N GLU G 279 22.97 46.55 63.31
CA GLU G 279 21.73 46.93 62.57
C GLU G 279 21.98 47.46 61.17
N ASP G 280 23.00 48.31 61.05
CA ASP G 280 23.33 48.97 59.79
C ASP G 280 23.95 47.99 58.81
N TYR G 281 24.59 46.93 59.34
CA TYR G 281 25.23 45.89 58.52
C TYR G 281 24.80 44.49 59.01
N PRO G 282 23.50 44.15 58.82
CA PRO G 282 22.87 42.97 59.45
C PRO G 282 23.03 41.64 58.73
N LEU G 283 23.58 41.66 57.51
CA LEU G 283 23.97 40.45 56.80
C LEU G 283 25.50 40.28 56.86
N HIS G 284 25.96 39.04 56.85
CA HIS G 284 27.40 38.78 56.80
C HIS G 284 27.70 37.42 56.25
N ILE G 285 28.94 37.26 55.78
CA ILE G 285 29.49 35.98 55.38
C ILE G 285 30.62 35.68 56.37
N GLN G 286 30.53 34.53 57.03
CA GLN G 286 31.44 34.13 58.10
C GLN G 286 32.26 32.93 57.66
N HIS G 287 33.59 33.01 57.84
CA HIS G 287 34.49 31.88 57.63
C HIS G 287 34.66 31.22 58.98
N ILE G 288 34.32 29.95 59.05
CA ILE G 288 34.54 29.16 60.25
C ILE G 288 35.25 27.85 59.93
N ARG G 289 35.74 27.22 61.01
CA ARG G 289 36.20 25.84 61.01
C ARG G 289 35.48 25.19 62.19
N CYS G 290 34.95 23.99 62.02
CA CYS G 290 34.26 23.36 63.14
C CYS G 290 34.03 21.88 62.98
N GLU G 291 33.51 21.29 64.05
CA GLU G 291 32.94 19.95 64.04
C GLU G 291 31.44 20.10 64.26
N PHE G 292 30.66 19.05 63.98
CA PHE G 292 29.19 19.10 64.14
C PHE G 292 28.47 17.75 64.19
N GLU G 293 27.23 17.79 64.64
CA GLU G 293 26.39 16.59 64.72
C GLU G 293 24.96 16.97 64.38
N LEU G 294 24.32 16.22 63.47
CA LEU G 294 22.89 16.41 63.17
C LEU G 294 22.05 16.01 64.40
N LYS G 295 21.09 16.84 64.76
CA LYS G 295 20.18 16.54 65.86
C LYS G 295 19.10 15.58 65.36
N GLU G 296 18.59 14.70 66.22
CA GLU G 296 17.47 13.82 65.84
C GLU G 296 16.28 14.65 65.41
N GLY G 297 15.56 14.16 64.39
CA GLY G 297 14.37 14.81 63.86
C GLY G 297 14.62 15.85 62.78
N TYR G 298 15.89 16.04 62.41
CA TYR G 298 16.29 17.08 61.47
C TYR G 298 16.94 16.57 60.18
N ILE G 299 16.60 17.25 59.09
CA ILE G 299 17.24 17.08 57.78
C ILE G 299 18.66 17.69 57.81
N PRO G 300 19.66 16.97 57.26
CA PRO G 300 21.00 17.56 57.17
C PRO G 300 21.07 18.62 56.08
N THR G 301 21.90 19.63 56.30
CA THR G 301 22.05 20.74 55.36
C THR G 301 23.50 21.10 55.01
N ILE G 302 24.47 20.45 55.64
CA ILE G 302 25.89 20.79 55.43
C ILE G 302 26.47 19.85 54.39
N GLN G 303 26.91 20.45 53.29
CA GLN G 303 27.54 19.73 52.19
C GLN G 303 28.95 20.30 51.98
N ILE G 304 29.99 19.48 52.09
CA ILE G 304 31.38 19.98 52.03
C ILE G 304 32.14 19.53 50.79
N LYS G 305 32.29 20.44 49.84
CA LYS G 305 33.04 20.18 48.63
C LYS G 305 34.51 20.52 48.82
N ARG G 306 35.33 20.09 47.86
CA ARG G 306 36.74 20.49 47.77
C ARG G 306 37.61 20.14 49.00
N SER G 307 37.29 19.03 49.67
CA SER G 307 38.09 18.51 50.78
C SER G 307 38.41 17.04 50.55
N ARG G 308 39.51 16.57 51.15
CA ARG G 308 39.92 15.19 50.98
C ARG G 308 39.26 14.26 52.03
N PHE G 309 38.24 14.75 52.71
CA PHE G 309 37.53 13.99 53.74
C PHE G 309 36.07 13.66 53.41
N TYR G 310 35.49 14.42 52.48
CA TYR G 310 34.15 14.17 51.89
C TYR G 310 34.32 14.53 50.41
N LYS G 311 33.78 13.81 49.42
CA LYS G 311 32.36 13.33 49.29
C LYS G 311 31.46 14.56 49.29
N GLY G 312 31.68 15.37 48.25
CA GLY G 312 31.12 16.70 48.14
C GLY G 312 29.66 16.76 47.79
N ASN G 313 29.04 15.63 47.44
CA ASN G 313 27.59 15.60 47.16
C ASN G 313 26.71 15.13 48.33
N GLU G 314 27.34 14.52 49.33
CA GLU G 314 26.65 14.06 50.54
C GLU G 314 26.26 15.22 51.47
N TYR G 315 25.03 15.16 51.99
CA TYR G 315 24.65 16.01 53.15
C TYR G 315 24.91 15.16 54.39
N LEU G 316 25.69 15.70 55.31
CA LEU G 316 26.35 14.89 56.33
C LEU G 316 25.60 14.82 57.66
N LYS G 317 25.41 13.60 58.17
CA LYS G 317 24.86 13.41 59.54
C LYS G 317 25.88 13.84 60.61
N SER G 318 27.13 14.12 60.21
CA SER G 318 28.22 14.34 61.16
C SER G 318 29.53 14.70 60.49
N SER G 319 30.40 15.39 61.21
CA SER G 319 31.69 15.82 60.66
C SER G 319 32.75 14.71 60.78
N GLY G 320 32.38 13.62 61.44
CA GLY G 320 33.13 12.35 61.39
C GLY G 320 34.55 12.43 61.85
N GLY G 321 34.79 13.24 62.88
CA GLY G 321 36.08 13.36 63.51
C GLY G 321 37.02 14.26 62.79
N GLU G 322 36.52 15.08 61.87
CA GLU G 322 37.39 15.98 61.11
C GLU G 322 36.91 17.41 61.21
N ILE G 323 37.84 18.34 61.01
CA ILE G 323 37.55 19.77 61.15
C ILE G 323 37.11 20.30 59.80
N ALA G 324 35.88 20.84 59.77
CA ALA G 324 35.24 21.27 58.54
C ALA G 324 35.44 22.77 58.35
N ASP G 325 36.02 23.14 57.20
CA ASP G 325 36.37 24.51 56.87
C ASP G 325 35.36 25.11 55.89
N LEU G 326 34.51 26.03 56.35
CA LEU G 326 33.48 26.55 55.45
C LEU G 326 33.14 28.05 55.56
N TRP G 327 32.84 28.65 54.41
CA TRP G 327 32.43 30.06 54.31
C TRP G 327 30.93 30.09 54.12
N LEU G 328 30.24 30.71 55.07
CA LEU G 328 28.80 30.67 55.15
C LEU G 328 28.19 32.03 55.29
N SER G 329 27.05 32.23 54.62
CA SER G 329 26.20 33.40 54.84
C SER G 329 25.53 33.26 56.19
N ASN G 330 25.01 34.35 56.70
CA ASN G 330 24.31 34.29 57.99
C ASN G 330 23.00 33.51 57.88
N VAL G 331 22.43 33.44 56.68
CA VAL G 331 21.25 32.61 56.47
C VAL G 331 21.61 31.13 56.58
N ASP G 332 22.68 30.74 55.90
CA ASP G 332 23.19 29.37 56.00
C ASP G 332 23.46 29.02 57.45
N LEU G 333 24.23 29.88 58.13
CA LEU G 333 24.70 29.55 59.47
C LEU G 333 23.54 29.49 60.47
N GLU G 334 22.55 30.35 60.33
CA GLU G 334 21.38 30.35 61.23
C GLU G 334 20.55 29.04 61.09
N LEU G 335 20.38 28.57 59.87
CA LEU G 335 19.68 27.30 59.59
C LEU G 335 20.48 26.14 60.17
N MET G 336 21.77 26.18 59.90
CA MET G 336 22.74 25.19 60.31
C MET G 336 22.85 25.06 61.84
N LYS G 337 22.78 26.19 62.53
CA LYS G 337 22.77 26.18 63.99
C LYS G 337 21.49 25.56 64.54
N GLU G 338 20.42 25.56 63.76
CA GLU G 338 19.13 25.05 64.22
C GLU G 338 18.92 23.57 63.90
N HIS G 339 19.67 23.04 62.93
CA HIS G 339 19.54 21.64 62.51
C HIS G 339 20.62 20.77 63.11
N TYR G 340 21.81 21.36 63.32
CA TYR G 340 22.95 20.67 63.90
C TYR G 340 23.29 21.16 65.29
N ASP G 341 24.06 20.33 66.00
CA ASP G 341 24.90 20.79 67.10
C ASP G 341 26.29 21.06 66.53
N LEU G 342 26.67 22.34 66.50
CA LEU G 342 28.00 22.78 66.10
C LEU G 342 28.85 22.94 67.33
N TYR G 343 30.07 22.41 67.29
CA TYR G 343 30.93 22.50 68.43
C TYR G 343 32.37 22.66 68.05
N ASN G 344 33.15 23.19 69.00
CA ASN G 344 34.55 23.53 68.80
C ASN G 344 34.69 24.46 67.60
N VAL G 345 33.87 25.52 67.58
CA VAL G 345 33.82 26.41 66.43
C VAL G 345 34.89 27.51 66.48
N GLU G 346 35.66 27.59 65.43
CA GLU G 346 36.69 28.58 65.30
C GLU G 346 36.17 29.63 64.33
N TYR G 347 35.98 30.84 64.81
CA TYR G 347 35.50 31.92 63.96
C TYR G 347 36.70 32.68 63.42
N ILE G 348 37.00 32.50 62.15
CA ILE G 348 38.20 33.09 61.56
C ILE G 348 37.98 34.55 61.20
N SER G 349 37.18 34.79 60.18
CA SER G 349 36.99 36.14 59.64
C SER G 349 35.72 36.21 58.81
N GLY G 350 35.42 37.40 58.32
CA GLY G 350 34.28 37.60 57.45
C GLY G 350 34.09 39.04 57.00
N LEU G 351 33.12 39.22 56.11
CA LEU G 351 32.68 40.54 55.68
C LEU G 351 31.25 40.67 56.16
N LYS G 352 30.85 41.91 56.45
CA LYS G 352 29.46 42.23 56.77
C LYS G 352 28.95 43.25 55.76
N PHE G 353 27.65 43.20 55.48
CA PHE G 353 27.03 44.05 54.47
C PHE G 353 25.81 44.74 55.03
N LYS G 354 25.58 45.97 54.60
CA LYS G 354 24.27 46.60 54.82
C LYS G 354 23.26 45.88 53.93
N ALA G 355 21.97 46.07 54.19
CA ALA G 355 20.93 45.25 53.60
C ALA G 355 19.61 45.99 53.47
N THR G 356 18.78 45.57 52.51
CA THR G 356 17.44 46.13 52.36
C THR G 356 16.55 45.12 51.67
N THR G 357 15.26 45.43 51.62
CA THR G 357 14.30 44.59 50.90
C THR G 357 13.69 45.42 49.79
N GLY G 358 13.29 44.78 48.70
CA GLY G 358 12.68 45.48 47.56
C GLY G 358 13.62 46.26 46.64
N LEU G 359 14.90 45.92 46.64
CA LEU G 359 15.82 46.42 45.60
C LEU G 359 15.35 46.00 44.19
N PHE G 360 14.58 44.93 44.10
CA PHE G 360 14.08 44.38 42.83
C PHE G 360 12.55 44.60 42.62
N LYS G 361 11.88 45.19 43.61
CA LYS G 361 10.44 45.45 43.54
C LYS G 361 10.01 45.97 42.16
N ASP G 362 10.45 47.17 41.79
CA ASP G 362 9.98 47.82 40.53
C ASP G 362 10.19 46.92 39.30
N PHE G 363 11.39 46.35 39.20
CA PHE G 363 11.70 45.42 38.15
C PHE G 363 10.70 44.25 38.12
N ILE G 364 10.56 43.58 39.26
CA ILE G 364 9.75 42.35 39.31
C ILE G 364 8.29 42.64 39.05
N ASP G 365 7.71 43.67 39.66
CA ASP G 365 6.28 43.90 39.38
C ASP G 365 6.03 44.49 37.97
N LYS G 366 7.03 45.10 37.35
CA LYS G 366 6.89 45.53 35.96
C LYS G 366 6.67 44.34 35.03
N TRP G 367 7.59 43.38 35.12
CA TRP G 367 7.61 42.25 34.21
C TRP G 367 6.64 41.15 34.61
N THR G 368 6.25 41.14 35.87
CA THR G 368 5.19 40.26 36.32
C THR G 368 3.87 40.77 35.77
N TYR G 369 3.66 42.09 35.77
CA TYR G 369 2.46 42.65 35.15
C TYR G 369 2.40 42.24 33.70
N ILE G 370 3.50 42.45 33.00
CA ILE G 370 3.59 42.12 31.58
C ILE G 370 3.34 40.62 31.35
N LYS G 371 3.76 39.80 32.31
CA LYS G 371 3.52 38.34 32.24
C LYS G 371 2.02 37.98 32.43
N THR G 372 1.42 38.48 33.51
CA THR G 372 0.01 38.25 33.81
C THR G 372 -0.95 38.72 32.69
N THR G 373 -0.58 39.79 31.97
CA THR G 373 -1.50 40.44 31.06
C THR G 373 -1.29 40.10 29.59
N SER G 374 -0.25 39.33 29.28
CA SER G 374 0.08 39.02 27.89
C SER G 374 0.04 37.50 27.54
N GLU G 375 -0.13 37.19 26.26
CA GLU G 375 -0.18 35.81 25.76
C GLU G 375 1.11 35.46 25.01
N GLY G 376 1.30 34.16 24.75
CA GLY G 376 2.42 33.68 23.92
C GLY G 376 3.80 34.35 24.06
N ALA G 377 4.25 34.97 22.97
CA ALA G 377 5.63 35.42 22.83
C ALA G 377 6.02 36.39 23.93
N ILE G 378 5.31 37.49 24.03
CA ILE G 378 5.63 38.48 25.01
C ILE G 378 5.56 37.84 26.41
N LYS G 379 4.55 37.01 26.67
CA LYS G 379 4.50 36.33 27.98
C LYS G 379 5.81 35.61 28.28
N GLN G 380 6.28 34.81 27.32
CA GLN G 380 7.58 34.09 27.45
C GLN G 380 8.75 35.05 27.70
N LEU G 381 8.84 36.11 26.90
CA LEU G 381 9.92 37.09 27.05
C LEU G 381 9.90 37.73 28.44
N ALA G 382 8.70 37.95 28.98
CA ALA G 382 8.56 38.45 30.34
C ALA G 382 9.00 37.40 31.38
N LYS G 383 8.74 36.12 31.13
CA LYS G 383 9.32 35.09 32.01
C LYS G 383 10.85 35.10 31.90
N LEU G 384 11.34 35.35 30.70
CA LEU G 384 12.76 35.24 30.45
C LEU G 384 13.49 36.35 31.20
N MET G 385 12.88 37.52 31.24
CA MET G 385 13.48 38.63 31.95
C MET G 385 13.49 38.38 33.45
N LEU G 386 12.42 37.79 33.97
CA LEU G 386 12.31 37.60 35.40
C LEU G 386 13.28 36.53 35.85
N ASN G 387 13.42 35.47 35.08
CA ASN G 387 14.19 34.33 35.50
C ASN G 387 15.69 34.37 35.20
N SER G 388 16.14 35.33 34.41
CA SER G 388 17.55 35.38 33.98
C SER G 388 18.39 36.41 34.74
N LEU G 389 17.79 37.10 35.70
CA LEU G 389 18.44 38.24 36.36
C LEU G 389 19.44 37.86 37.44
N TYR G 390 19.04 36.99 38.36
CA TYR G 390 19.81 36.82 39.60
C TYR G 390 21.17 36.17 39.36
N GLY G 391 21.29 35.42 38.26
CA GLY G 391 22.46 34.55 38.01
C GLY G 391 23.73 35.30 37.66
N LYS G 392 23.63 36.60 37.72
CA LYS G 392 24.31 37.47 36.82
C LYS G 392 25.08 38.46 37.68
N PHE G 393 24.52 38.73 38.86
CA PHE G 393 25.23 39.37 39.96
C PHE G 393 26.51 38.65 40.43
N ALA G 394 26.48 37.33 40.45
CA ALA G 394 27.63 36.51 40.85
C ALA G 394 28.49 36.03 39.68
N SER G 395 28.47 36.77 38.56
CA SER G 395 29.31 36.46 37.38
C SER G 395 30.78 36.37 37.74
N ASN G 396 31.40 35.25 37.41
CA ASN G 396 32.80 35.03 37.71
C ASN G 396 33.66 36.05 36.96
N PRO G 397 34.43 36.87 37.69
CA PRO G 397 35.21 37.90 37.02
C PRO G 397 36.38 37.36 36.21
N ASP G 398 36.61 36.04 36.29
CA ASP G 398 37.59 35.37 35.45
C ASP G 398 36.97 34.95 34.14
N VAL G 399 37.29 35.70 33.09
CA VAL G 399 36.79 35.47 31.75
C VAL G 399 37.89 34.94 30.83
N THR G 400 38.82 34.16 31.38
CA THR G 400 39.80 33.46 30.57
C THR G 400 39.07 32.64 29.52
N GLY G 401 39.38 32.90 28.25
CA GLY G 401 38.69 32.24 27.13
C GLY G 401 39.34 30.96 26.61
N LYS G 402 38.72 30.39 25.57
CA LYS G 402 39.30 29.30 24.77
C LYS G 402 39.53 29.81 23.38
N VAL G 403 40.69 29.46 22.83
CA VAL G 403 41.12 29.90 21.53
C VAL G 403 41.10 28.65 20.65
N PRO G 404 40.45 28.71 19.47
CA PRO G 404 40.44 27.62 18.51
C PRO G 404 41.66 27.55 17.56
N TYR G 405 42.05 26.34 17.21
CA TYR G 405 43.05 26.11 16.17
C TYR G 405 42.78 24.72 15.57
N LEU G 406 43.37 24.46 14.40
CA LEU G 406 43.34 23.13 13.79
C LEU G 406 44.46 22.28 14.32
N LYS G 407 44.12 21.18 14.99
CA LYS G 407 45.10 20.21 15.36
C LYS G 407 45.67 19.61 14.10
N GLU G 408 46.90 19.12 14.19
CA GLU G 408 47.57 18.52 13.03
C GLU G 408 46.73 17.48 12.32
N ASN G 409 45.79 16.84 13.04
CA ASN G 409 44.92 15.79 12.45
C ASN G 409 43.69 16.32 11.69
N GLY G 410 43.67 17.61 11.37
CA GLY G 410 42.58 18.22 10.64
C GLY G 410 41.39 18.70 11.47
N ALA G 411 41.24 18.17 12.67
CA ALA G 411 40.14 18.54 13.54
C ALA G 411 40.49 19.78 14.37
N LEU G 412 39.44 20.34 14.97
CA LEU G 412 39.50 21.56 15.73
C LEU G 412 39.83 21.32 17.24
N GLY G 413 40.97 21.82 17.67
CA GLY G 413 41.34 21.84 19.08
C GLY G 413 41.11 23.19 19.75
N PHE G 414 41.47 23.26 21.03
CA PHE G 414 41.28 24.46 21.86
C PHE G 414 42.31 24.60 22.96
N ARG G 415 42.92 25.76 23.02
CA ARG G 415 43.87 26.09 24.10
C ARG G 415 43.30 27.23 24.93
N LEU G 416 43.62 27.26 26.21
CA LEU G 416 43.23 28.37 27.07
C LEU G 416 44.13 29.55 26.74
N GLY G 417 43.54 30.70 26.50
CA GLY G 417 44.29 31.91 26.22
C GLY G 417 44.83 32.54 27.48
N GLU G 418 45.19 33.82 27.39
CA GLU G 418 45.76 34.54 28.51
C GLU G 418 44.73 34.70 29.62
N GLU G 419 45.19 34.89 30.85
CA GLU G 419 44.30 35.25 31.94
C GLU G 419 43.67 36.60 31.60
N GLU G 420 42.34 36.62 31.60
CA GLU G 420 41.59 37.87 31.47
C GLU G 420 40.69 37.99 32.69
N THR G 421 40.51 39.21 33.16
CA THR G 421 39.72 39.46 34.34
C THR G 421 38.75 40.64 34.08
N LYS G 422 37.46 40.41 34.29
CA LYS G 422 36.47 41.51 34.24
C LYS G 422 36.10 41.99 35.63
N ASP G 423 35.45 43.14 35.71
CA ASP G 423 35.02 43.66 37.00
C ASP G 423 33.89 42.82 37.59
N PRO G 424 34.02 42.46 38.88
CA PRO G 424 32.98 41.74 39.60
C PRO G 424 31.70 42.54 39.62
N VAL G 425 30.58 41.86 39.37
CA VAL G 425 29.30 42.53 39.37
C VAL G 425 28.91 42.79 40.82
N TYR G 426 28.18 41.88 41.45
CA TYR G 426 27.98 41.98 42.90
C TYR G 426 27.69 40.63 43.50
N THR G 427 28.75 39.86 43.69
CA THR G 427 28.66 38.46 44.11
C THR G 427 27.92 38.21 45.43
N PRO G 428 28.03 39.12 46.42
CA PRO G 428 27.26 38.82 47.64
C PRO G 428 25.76 38.64 47.40
N MET G 429 25.17 39.47 46.53
CA MET G 429 23.76 39.35 46.18
C MET G 429 23.41 37.94 45.71
N GLY G 430 24.30 37.34 44.91
CA GLY G 430 24.11 35.96 44.43
C GLY G 430 24.21 34.95 45.56
N VAL G 431 25.13 35.20 46.49
CA VAL G 431 25.30 34.35 47.67
C VAL G 431 24.00 34.27 48.49
N PHE G 432 23.40 35.43 48.75
CA PHE G 432 22.21 35.49 49.58
C PHE G 432 20.91 35.03 48.87
N ILE G 433 20.75 35.38 47.59
CA ILE G 433 19.55 34.96 46.86
C ILE G 433 19.39 33.44 46.94
N THR G 434 20.47 32.71 46.61
CA THR G 434 20.43 31.24 46.59
C THR G 434 20.40 30.66 47.98
N ALA G 435 20.97 31.42 48.93
CA ALA G 435 20.90 31.06 50.35
C ALA G 435 19.44 31.08 50.84
N TRP G 436 18.70 32.09 50.41
CA TRP G 436 17.31 32.20 50.81
C TRP G 436 16.46 31.10 50.17
N ALA G 437 16.72 30.80 48.89
CA ALA G 437 16.03 29.71 48.19
C ALA G 437 16.19 28.41 48.96
N ARG G 438 17.43 28.06 49.27
CA ARG G 438 17.71 26.89 50.09
C ARG G 438 16.94 26.91 51.41
N TYR G 439 16.98 28.02 52.13
CA TYR G 439 16.28 28.14 53.41
C TYR G 439 14.78 27.87 53.23
N THR G 440 14.22 28.43 52.16
CA THR G 440 12.82 28.25 51.81
C THR G 440 12.50 26.76 51.65
N THR G 441 13.24 26.09 50.80
CA THR G 441 13.00 24.67 50.56
C THR G 441 13.22 23.81 51.83
N ILE G 442 14.32 24.06 52.54
CA ILE G 442 14.71 23.20 53.64
C ILE G 442 13.75 23.31 54.81
N THR G 443 13.29 24.52 55.11
CA THR G 443 12.41 24.69 56.26
C THR G 443 11.03 24.08 56.00
N ALA G 444 10.61 24.07 54.74
CA ALA G 444 9.36 23.40 54.30
C ALA G 444 9.48 21.87 54.39
N ALA G 445 10.56 21.35 53.81
CA ALA G 445 10.93 19.95 54.01
C ALA G 445 10.88 19.58 55.50
N GLN G 446 11.63 20.30 56.33
CA GLN G 446 11.74 20.01 57.75
C GLN G 446 10.40 20.08 58.48
N ALA G 447 9.54 21.03 58.10
CA ALA G 447 8.19 21.10 58.65
C ALA G 447 7.38 19.85 58.29
N CYS G 448 7.73 19.20 57.19
CA CYS G 448 7.08 17.97 56.75
C CYS G 448 7.97 16.75 56.96
N TYR G 449 8.87 16.84 57.93
CA TYR G 449 9.91 15.83 58.13
C TYR G 449 9.37 14.41 58.13
N ASP G 450 8.26 14.19 58.84
CA ASP G 450 7.66 12.84 58.92
C ASP G 450 7.14 12.32 57.58
N ARG G 451 7.18 13.14 56.52
CA ARG G 451 6.68 12.75 55.20
C ARG G 451 7.64 12.98 54.04
N ILE G 452 8.70 13.72 54.25
CA ILE G 452 9.59 14.08 53.16
C ILE G 452 10.28 12.89 52.52
N ILE G 453 10.43 12.95 51.19
CA ILE G 453 11.17 11.94 50.44
C ILE G 453 12.38 12.56 49.73
N TYR G 454 12.18 13.75 49.19
CA TYR G 454 13.14 14.30 48.25
C TYR G 454 12.94 15.81 48.09
N CYS G 455 14.04 16.51 47.83
CA CYS G 455 14.03 17.91 47.39
C CYS G 455 15.04 18.11 46.28
N ASP G 456 14.70 18.98 45.34
CA ASP G 456 15.69 19.46 44.41
C ASP G 456 15.40 20.92 44.13
N THR G 457 16.10 21.78 44.86
CA THR G 457 16.17 23.25 44.65
C THR G 457 14.89 23.96 45.04
N ASP G 458 13.81 23.70 44.31
CA ASP G 458 12.53 24.36 44.60
C ASP G 458 11.39 23.38 44.78
N SER G 459 11.70 22.12 45.05
CA SER G 459 10.67 21.08 45.12
C SER G 459 10.76 20.31 46.42
N ILE G 460 9.60 19.91 46.96
CA ILE G 460 9.54 18.95 48.06
C ILE G 460 8.59 17.79 47.69
N HIS G 461 9.11 16.57 47.78
CA HIS G 461 8.39 15.36 47.40
C HIS G 461 7.97 14.62 48.66
N LEU G 462 6.65 14.46 48.88
CA LEU G 462 6.10 13.85 50.12
C LEU G 462 5.29 12.57 49.86
N THR G 463 5.32 11.65 50.83
CA THR G 463 4.47 10.47 50.82
C THR G 463 3.05 10.90 51.17
N GLY G 464 2.06 10.17 50.66
CA GLY G 464 0.65 10.47 50.92
C GLY G 464 0.11 11.52 49.96
N THR G 465 -1.20 11.74 49.98
CA THR G 465 -1.85 12.65 49.01
C THR G 465 -2.52 13.91 49.58
N GLU G 466 -2.77 13.97 50.88
CA GLU G 466 -3.36 15.16 51.51
C GLU G 466 -2.30 16.24 51.73
N ILE G 467 -2.71 17.50 51.62
CA ILE G 467 -1.81 18.62 51.87
C ILE G 467 -1.55 18.74 53.38
N PRO G 468 -0.28 18.67 53.79
CA PRO G 468 0.10 18.75 55.23
C PRO G 468 -0.33 20.06 55.87
N ASP G 469 -0.70 20.01 57.15
CA ASP G 469 -1.26 21.20 57.82
C ASP G 469 -0.26 22.34 58.04
N VAL G 470 0.99 22.02 58.41
CA VAL G 470 2.02 23.08 58.59
C VAL G 470 2.27 23.91 57.33
N ILE G 471 2.03 23.31 56.18
CA ILE G 471 2.22 23.94 54.87
C ILE G 471 0.95 24.62 54.30
N LYS G 472 -0.20 24.15 54.75
CA LYS G 472 -1.51 24.60 54.24
C LYS G 472 -1.66 26.13 54.08
N ASP G 473 -1.00 26.91 54.92
CA ASP G 473 -1.08 28.38 54.89
C ASP G 473 -0.31 29.02 53.73
N ILE G 474 0.86 28.46 53.43
CA ILE G 474 1.72 28.98 52.34
C ILE G 474 1.56 28.19 51.03
N VAL G 475 0.41 27.57 50.81
CA VAL G 475 0.15 26.84 49.56
C VAL G 475 -0.91 27.56 48.74
N ASP G 476 -0.57 27.81 47.48
CA ASP G 476 -1.42 28.51 46.54
C ASP G 476 -0.78 28.29 45.16
N PRO G 477 -1.60 28.00 44.13
CA PRO G 477 -0.99 27.60 42.85
C PRO G 477 -0.44 28.75 42.00
N LYS G 478 -0.58 29.99 42.46
CA LYS G 478 -0.25 31.17 41.65
C LYS G 478 0.64 32.21 42.35
N LYS G 479 0.40 32.47 43.63
CA LYS G 479 1.06 33.58 44.33
C LYS G 479 2.56 33.40 44.38
N LEU G 480 3.29 34.47 44.12
CA LEU G 480 4.77 34.44 44.12
C LEU G 480 5.35 33.92 45.45
N GLY G 481 6.30 33.00 45.36
CA GLY G 481 6.99 32.47 46.56
C GLY G 481 6.23 31.49 47.44
N TYR G 482 4.98 31.19 47.08
CA TYR G 482 4.18 30.20 47.81
C TYR G 482 4.40 28.86 47.15
N TRP G 483 3.92 27.79 47.78
CA TRP G 483 4.07 26.44 47.22
C TRP G 483 2.84 25.99 46.45
N ALA G 484 3.05 25.49 45.24
CA ALA G 484 1.96 24.99 44.40
C ALA G 484 2.01 23.47 44.35
N HIS G 485 0.87 22.84 44.66
CA HIS G 485 0.70 21.40 44.47
C HIS G 485 0.66 21.11 42.98
N GLU G 486 1.78 20.66 42.41
CA GLU G 486 1.88 20.49 40.97
C GLU G 486 1.56 19.06 40.51
N SER G 487 1.71 18.07 41.38
CA SER G 487 1.38 16.70 41.01
C SER G 487 1.15 15.76 42.19
N THR G 488 0.43 14.69 41.92
CA THR G 488 0.29 13.57 42.84
C THR G 488 0.61 12.30 42.06
N PHE G 489 1.29 11.34 42.69
CA PHE G 489 1.66 10.10 42.02
C PHE G 489 1.19 8.81 42.72
N LYS G 490 0.98 7.77 41.91
CA LYS G 490 0.43 6.48 42.39
C LYS G 490 1.52 5.63 43.04
N ARG G 491 2.74 5.76 42.50
CA ARG G 491 3.90 5.06 43.01
C ARG G 491 5.14 5.72 42.42
N ALA G 492 6.28 5.51 43.07
CA ALA G 492 7.53 6.16 42.70
C ALA G 492 8.73 5.33 43.15
N LYS G 493 9.90 5.59 42.53
CA LYS G 493 11.14 4.96 42.92
C LYS G 493 12.30 5.93 42.79
N TYR G 494 12.84 6.38 43.93
CA TYR G 494 13.99 7.27 43.95
C TYR G 494 15.29 6.48 44.22
N LEU G 495 16.20 6.56 43.26
CA LEU G 495 17.46 5.80 43.27
C LEU G 495 18.56 6.59 44.00
N ARG G 496 18.66 7.87 43.68
CA ARG G 496 19.67 8.75 44.24
C ARG G 496 19.34 10.18 43.77
N GLN G 497 20.26 11.12 43.99
CA GLN G 497 20.07 12.51 43.61
C GLN G 497 19.83 12.66 42.09
N LYS G 498 18.80 13.44 41.76
CA LYS G 498 18.39 13.70 40.38
C LYS G 498 18.09 12.44 39.55
N THR G 499 17.68 11.39 40.24
CA THR G 499 17.42 10.08 39.64
C THR G 499 16.14 9.45 40.26
N TYR G 500 14.98 9.68 39.64
CA TYR G 500 13.71 9.10 40.11
C TYR G 500 12.65 8.92 39.01
N ILE G 501 11.71 8.04 39.27
CA ILE G 501 10.57 7.85 38.39
C ILE G 501 9.26 7.98 39.19
N GLN G 502 8.23 8.46 38.50
CA GLN G 502 6.91 8.66 39.08
C GLN G 502 5.86 8.21 38.07
N ASP G 503 4.78 7.62 38.58
CA ASP G 503 3.58 7.32 37.81
C ASP G 503 2.53 8.33 38.25
N ILE G 504 2.47 9.43 37.51
CA ILE G 504 1.70 10.63 37.87
C ILE G 504 0.21 10.45 37.56
N TYR G 505 -0.66 10.82 38.50
CA TYR G 505 -2.12 10.86 38.25
C TYR G 505 -2.41 12.01 37.30
N MET G 506 -3.04 11.71 36.16
CA MET G 506 -3.44 12.73 35.18
C MET G 506 -4.96 12.67 34.93
N LYS G 507 -5.48 13.61 34.14
CA LYS G 507 -6.89 13.63 33.79
C LYS G 507 -7.10 14.41 32.48
N GLU G 508 -8.31 14.31 31.94
CA GLU G 508 -8.67 14.98 30.69
C GLU G 508 -9.45 16.26 30.95
N VAL G 509 -8.83 17.40 30.62
CA VAL G 509 -9.52 18.70 30.65
C VAL G 509 -9.50 19.31 29.24
N ASP G 510 -10.67 19.30 28.59
CA ASP G 510 -10.80 19.73 27.20
C ASP G 510 -10.03 18.77 26.29
N GLY G 511 -10.21 17.48 26.56
CA GLY G 511 -9.46 16.44 25.84
C GLY G 511 -7.93 16.49 25.94
N LYS G 512 -7.40 17.14 26.99
CA LYS G 512 -5.94 17.21 27.20
C LYS G 512 -5.50 16.48 28.46
N LEU G 513 -4.35 15.82 28.39
CA LEU G 513 -3.80 15.06 29.52
C LEU G 513 -3.05 16.01 30.49
N VAL G 514 -3.76 16.44 31.54
CA VAL G 514 -3.26 17.37 32.54
C VAL G 514 -3.30 16.72 33.93
N GLU G 515 -2.37 17.10 34.79
CA GLU G 515 -2.25 16.53 36.15
C GLU G 515 -3.60 16.54 36.88
N GLY G 516 -3.85 15.46 37.62
CA GLY G 516 -5.07 15.31 38.37
C GLY G 516 -4.80 14.89 39.80
N SER G 517 -5.76 14.20 40.39
CA SER G 517 -5.65 13.70 41.74
C SER G 517 -6.27 12.30 41.79
N PRO G 518 -6.03 11.55 42.89
CA PRO G 518 -6.53 10.17 43.03
C PRO G 518 -8.05 9.98 43.19
N ASP G 519 -8.81 11.05 43.39
CA ASP G 519 -10.28 10.96 43.31
C ASP G 519 -10.78 11.58 41.99
N ASP G 520 -9.87 11.72 41.02
CA ASP G 520 -10.16 12.34 39.74
C ASP G 520 -9.86 11.42 38.56
N TYR G 521 -8.66 10.87 38.59
CA TYR G 521 -7.85 10.63 37.41
C TYR G 521 -8.42 9.67 36.37
N THR G 522 -8.15 9.96 35.10
CA THR G 522 -8.58 9.10 34.00
C THR G 522 -7.44 8.20 33.52
N ASP G 523 -6.21 8.57 33.84
CA ASP G 523 -5.03 7.99 33.20
C ASP G 523 -3.80 8.11 34.08
N ILE G 524 -2.79 7.28 33.83
CA ILE G 524 -1.46 7.43 34.47
C ILE G 524 -0.40 7.82 33.42
N LYS G 525 0.61 8.57 33.85
CA LYS G 525 1.70 9.02 32.98
C LYS G 525 3.06 8.77 33.62
N PHE G 526 3.84 7.91 32.99
CA PHE G 526 5.17 7.56 33.44
C PHE G 526 6.15 8.73 33.21
N SER G 527 6.96 9.03 34.21
CA SER G 527 7.85 10.19 34.17
C SER G 527 9.21 9.88 34.76
N VAL G 528 10.23 10.09 33.95
CA VAL G 528 11.58 9.71 34.26
C VAL G 528 12.44 10.96 34.41
N LYS G 529 12.99 11.15 35.61
CA LYS G 529 13.96 12.21 35.86
C LYS G 529 15.24 11.54 36.25
N CYS G 530 16.27 11.83 35.47
CA CYS G 530 17.52 11.15 35.65
C CYS G 530 18.65 11.86 34.94
N ALA G 531 19.45 12.60 35.70
CA ALA G 531 20.53 13.45 35.16
C ALA G 531 21.51 12.67 34.30
N GLY G 532 21.74 13.19 33.10
CA GLY G 532 22.64 12.57 32.14
C GLY G 532 21.97 11.63 31.18
N MET G 533 20.67 11.35 31.39
CA MET G 533 19.93 10.39 30.56
C MET G 533 19.13 11.15 29.51
N THR G 534 19.51 10.95 28.25
CA THR G 534 18.92 11.66 27.12
C THR G 534 17.58 11.03 26.78
N ASP G 535 16.66 11.83 26.26
CA ASP G 535 15.23 11.45 26.12
C ASP G 535 14.95 10.08 25.44
N LYS G 536 15.80 9.65 24.52
CA LYS G 536 15.58 8.37 23.83
C LYS G 536 15.76 7.21 24.78
N ILE G 537 16.76 7.31 25.64
CA ILE G 537 17.03 6.27 26.66
C ILE G 537 15.93 6.19 27.70
N LYS G 538 15.35 7.35 28.04
CA LYS G 538 14.25 7.38 29.00
C LYS G 538 13.08 6.46 28.58
N LYS G 539 12.84 6.32 27.28
CA LYS G 539 11.76 5.45 26.79
C LYS G 539 12.00 3.98 27.14
N GLU G 540 13.26 3.59 27.21
CA GLU G 540 13.64 2.24 27.59
C GLU G 540 13.46 1.98 29.09
N VAL G 541 13.38 3.03 29.89
CA VAL G 541 13.20 2.84 31.34
C VAL G 541 11.79 2.35 31.61
N THR G 542 11.71 1.31 32.44
CA THR G 542 10.45 0.89 33.03
C THR G 542 10.66 0.83 34.54
N PHE G 543 9.60 0.55 35.28
CA PHE G 543 9.67 0.49 36.75
C PHE G 543 10.55 -0.65 37.24
N GLU G 544 10.55 -1.76 36.50
CA GLU G 544 11.27 -2.95 36.90
C GLU G 544 12.79 -2.78 36.72
N ASN G 545 13.22 -2.23 35.59
CA ASN G 545 14.65 -2.13 35.21
C ASN G 545 15.40 -0.86 35.65
N PHE G 546 14.70 0.07 36.30
CA PHE G 546 15.29 1.35 36.71
C PHE G 546 16.08 1.16 37.99
N LYS G 547 17.34 0.80 37.82
CA LYS G 547 18.17 0.50 38.97
C LYS G 547 19.60 0.52 38.57
N VAL G 548 20.46 0.70 39.57
CA VAL G 548 21.90 0.60 39.37
C VAL G 548 22.13 -0.66 38.54
N GLY G 549 22.73 -0.48 37.38
CA GLY G 549 22.84 -1.53 36.38
C GLY G 549 22.38 -1.03 35.02
N PHE G 550 21.12 -0.59 34.96
CA PHE G 550 20.52 -0.08 33.71
C PHE G 550 21.58 0.52 32.81
N SER G 551 21.63 0.06 31.57
CA SER G 551 22.60 0.54 30.61
C SER G 551 22.05 0.46 29.21
N ARG G 552 22.23 1.49 28.41
CA ARG G 552 21.82 1.47 27.00
C ARG G 552 22.80 2.27 26.16
N LYS G 553 23.18 1.71 25.01
CA LYS G 553 24.19 2.32 24.12
C LYS G 553 23.53 3.29 23.12
N MET G 554 22.64 4.16 23.59
CA MET G 554 21.88 5.01 22.69
C MET G 554 22.19 6.50 22.84
N LYS G 555 23.33 6.86 23.43
CA LYS G 555 23.57 8.28 23.80
C LYS G 555 24.49 9.04 22.82
N PRO G 556 23.95 10.07 22.13
CA PRO G 556 24.78 10.93 21.28
C PRO G 556 25.92 11.58 22.05
N LYS G 557 27.11 11.53 21.47
CA LYS G 557 28.28 12.23 21.99
C LYS G 557 28.87 13.04 20.83
N PRO G 558 28.93 14.38 20.96
CA PRO G 558 29.51 15.17 19.86
C PRO G 558 31.03 15.19 19.92
N VAL G 559 31.68 14.77 18.84
CA VAL G 559 33.12 14.65 18.76
C VAL G 559 33.67 15.54 17.65
N GLN G 560 34.81 16.19 17.92
CA GLN G 560 35.48 16.99 16.89
C GLN G 560 36.15 16.05 15.89
N VAL G 561 35.95 16.34 14.61
CA VAL G 561 36.63 15.60 13.54
C VAL G 561 37.00 16.58 12.42
N PRO G 562 37.89 16.15 11.50
CA PRO G 562 38.21 17.10 10.44
C PRO G 562 36.96 17.52 9.75
N GLY G 563 36.80 18.82 9.55
CA GLY G 563 35.64 19.35 8.89
C GLY G 563 34.66 19.97 9.84
N GLY G 564 34.38 19.32 10.97
CA GLY G 564 33.37 19.81 11.91
C GLY G 564 33.12 18.91 13.11
N VAL G 565 31.85 18.85 13.55
CA VAL G 565 31.44 17.95 14.66
C VAL G 565 30.48 16.87 14.15
N VAL G 566 30.57 15.70 14.76
CA VAL G 566 29.71 14.56 14.44
C VAL G 566 29.22 13.92 15.73
N LEU G 567 27.93 13.60 15.78
CA LEU G 567 27.37 12.87 16.91
C LEU G 567 27.76 11.41 16.78
N VAL G 568 28.37 10.87 17.82
CA VAL G 568 28.72 9.46 17.85
C VAL G 568 27.93 8.79 18.97
N ASP G 569 27.60 7.51 18.79
CA ASP G 569 26.77 6.84 19.79
C ASP G 569 27.60 6.30 20.95
N ASP G 570 27.15 6.64 22.15
CA ASP G 570 27.83 6.32 23.38
C ASP G 570 26.85 5.60 24.34
N THR G 571 27.38 5.10 25.46
CA THR G 571 26.55 4.37 26.43
C THR G 571 26.26 5.22 27.67
N PHE G 572 25.06 5.05 28.22
CA PHE G 572 24.72 5.63 29.53
C PHE G 572 24.36 4.51 30.50
N THR G 573 25.04 4.47 31.64
CA THR G 573 24.80 3.45 32.63
C THR G 573 24.61 4.08 34.00
N ILE G 574 23.70 3.53 34.81
CA ILE G 574 23.57 4.00 36.18
C ILE G 574 24.56 3.22 37.01
N LYS G 575 25.49 3.94 37.63
CA LYS G 575 26.53 3.32 38.43
C LYS G 575 26.20 3.40 39.92
N PRO H 5 -0.27 55.31 -0.02
CA PRO H 5 0.18 54.37 1.01
C PRO H 5 -1.02 53.69 1.69
N ARG H 6 -1.53 52.65 1.05
CA ARG H 6 -2.80 52.01 1.46
C ARG H 6 -2.63 50.53 1.79
N LYS H 7 -2.97 50.16 3.03
CA LYS H 7 -2.60 48.85 3.58
C LYS H 7 -3.38 47.65 3.03
N MET H 8 -2.74 46.49 3.08
CA MET H 8 -3.29 45.23 2.56
C MET H 8 -3.24 44.16 3.61
N TYR H 9 -4.35 43.46 3.82
CA TYR H 9 -4.41 42.38 4.79
C TYR H 9 -4.86 41.07 4.18
N SER H 10 -4.34 39.97 4.71
CA SER H 10 -4.73 38.63 4.36
C SER H 10 -5.64 38.16 5.45
N CYS H 11 -6.76 37.52 5.08
CA CYS H 11 -7.86 37.27 6.02
C CYS H 11 -8.50 35.92 5.80
N ALA H 12 -9.16 35.43 6.84
CA ALA H 12 -9.81 34.14 6.78
C ALA H 12 -10.87 34.00 7.89
N PHE H 13 -11.85 33.13 7.65
CA PHE H 13 -12.83 32.77 8.63
C PHE H 13 -12.85 31.26 8.84
N GLU H 14 -13.19 30.88 10.05
CA GLU H 14 -13.66 29.55 10.32
C GLU H 14 -15.10 29.71 10.81
N THR H 15 -15.97 28.83 10.32
CA THR H 15 -17.39 28.96 10.53
C THR H 15 -18.05 27.65 11.01
N THR H 16 -19.22 27.77 11.62
CA THR H 16 -19.97 26.61 12.10
C THR H 16 -20.71 25.98 10.93
N THR H 17 -20.99 24.69 11.04
CA THR H 17 -21.45 23.91 9.90
C THR H 17 -22.90 23.49 10.02
N LYS H 18 -23.67 24.24 10.80
CA LYS H 18 -25.05 23.91 11.11
C LYS H 18 -25.97 24.82 10.35
N VAL H 19 -26.91 24.23 9.60
CA VAL H 19 -27.80 25.00 8.76
C VAL H 19 -28.64 25.95 9.60
N GLU H 20 -28.84 25.58 10.86
CA GLU H 20 -29.68 26.32 11.79
C GLU H 20 -28.90 27.15 12.83
N ASP H 21 -27.58 27.27 12.66
CA ASP H 21 -26.73 27.97 13.64
C ASP H 21 -25.39 28.26 13.00
N CYS H 22 -25.46 29.05 11.95
CA CYS H 22 -24.34 29.34 11.05
C CYS H 22 -23.65 30.66 11.43
N ARG H 23 -22.39 30.59 11.84
CA ARG H 23 -21.68 31.78 12.34
C ARG H 23 -20.18 31.59 12.37
N VAL H 24 -19.47 32.70 12.25
CA VAL H 24 -18.02 32.72 12.37
C VAL H 24 -17.68 32.38 13.79
N TRP H 25 -16.72 31.48 14.00
CA TRP H 25 -16.23 31.18 15.35
C TRP H 25 -14.75 31.51 15.52
N ALA H 26 -14.06 31.74 14.40
CA ALA H 26 -12.69 32.24 14.41
C ALA H 26 -12.47 33.15 13.21
N TYR H 27 -11.78 34.26 13.43
CA TYR H 27 -11.28 35.12 12.32
C TYR H 27 -9.82 35.37 12.51
N GLY H 28 -9.19 35.79 11.43
CA GLY H 28 -7.80 36.19 11.49
C GLY H 28 -7.46 37.14 10.38
N TYR H 29 -6.62 38.13 10.68
CA TYR H 29 -6.06 39.02 9.67
C TYR H 29 -4.58 39.19 9.85
N MET H 30 -3.87 39.43 8.75
CA MET H 30 -2.43 39.64 8.78
C MET H 30 -2.00 40.67 7.73
N ASN H 31 -1.37 41.75 8.18
CA ASN H 31 -0.75 42.72 7.27
C ASN H 31 0.13 42.02 6.24
N ILE H 32 -0.20 42.16 4.97
CA ILE H 32 0.54 41.45 3.89
C ILE H 32 1.98 41.91 3.78
N GLU H 33 2.23 43.20 4.05
CA GLU H 33 3.60 43.79 4.04
C GLU H 33 4.25 43.80 5.42
N ASP H 34 3.71 43.04 6.37
CA ASP H 34 4.28 42.97 7.70
C ASP H 34 3.60 41.86 8.49
N HIS H 35 4.12 40.65 8.35
CA HIS H 35 3.42 39.44 8.83
C HIS H 35 3.45 39.30 10.34
N SER H 36 4.14 40.23 10.98
CA SER H 36 4.20 40.24 12.42
C SER H 36 2.99 40.99 12.99
N GLU H 37 2.35 41.80 12.15
CA GLU H 37 1.13 42.48 12.53
C GLU H 37 -0.04 41.63 12.05
N TYR H 38 -0.66 40.93 12.99
CA TYR H 38 -1.71 39.99 12.67
C TYR H 38 -2.57 39.80 13.92
N LYS H 39 -3.80 39.38 13.75
CA LYS H 39 -4.67 39.08 14.90
C LYS H 39 -5.59 37.91 14.61
N ILE H 40 -5.78 37.04 15.59
CA ILE H 40 -6.76 35.97 15.51
C ILE H 40 -7.72 36.10 16.68
N GLY H 41 -9.02 35.98 16.41
CA GLY H 41 -10.06 36.11 17.44
C GLY H 41 -11.28 35.27 17.12
N ASN H 42 -12.30 35.36 17.97
CA ASN H 42 -13.47 34.48 17.92
C ASN H 42 -14.84 35.17 17.85
N SER H 43 -14.91 36.30 17.15
CA SER H 43 -16.19 37.03 17.01
C SER H 43 -16.20 37.89 15.76
N LEU H 44 -17.26 37.76 14.96
CA LEU H 44 -17.39 38.51 13.71
C LEU H 44 -17.58 39.99 13.96
N ASP H 45 -18.27 40.37 15.03
CA ASP H 45 -18.43 41.78 15.38
C ASP H 45 -17.08 42.49 15.61
N GLU H 46 -16.17 41.81 16.32
CA GLU H 46 -14.81 42.31 16.56
C GLU H 46 -14.06 42.49 15.25
N PHE H 47 -14.04 41.44 14.43
CA PHE H 47 -13.48 41.54 13.10
C PHE H 47 -13.99 42.74 12.33
N MET H 48 -15.31 42.95 12.37
CA MET H 48 -15.97 44.00 11.58
C MET H 48 -15.80 45.39 12.16
N ALA H 49 -15.75 45.48 13.49
CA ALA H 49 -15.36 46.72 14.11
C ALA H 49 -14.01 47.16 13.50
N TRP H 50 -13.07 46.21 13.40
CA TRP H 50 -11.77 46.45 12.76
C TRP H 50 -11.88 46.72 11.25
N VAL H 51 -12.72 45.97 10.55
CA VAL H 51 -12.94 46.20 9.14
C VAL H 51 -13.33 47.67 8.88
N LEU H 52 -14.31 48.18 9.62
CA LEU H 52 -14.82 49.55 9.39
C LEU H 52 -13.83 50.63 9.85
N LYS H 53 -12.84 50.24 10.63
CA LYS H 53 -11.86 51.16 11.18
C LYS H 53 -10.62 51.31 10.27
N VAL H 54 -10.20 50.21 9.66
CA VAL H 54 -8.89 50.14 8.97
C VAL H 54 -8.76 50.94 7.70
N GLN H 55 -9.86 51.15 6.98
CA GLN H 55 -9.81 51.78 5.63
C GLN H 55 -8.73 51.14 4.75
N ALA H 56 -8.72 49.82 4.66
CA ALA H 56 -7.68 49.14 3.91
C ALA H 56 -8.25 48.21 2.86
N ASP H 57 -7.36 47.49 2.17
CA ASP H 57 -7.75 46.44 1.27
C ASP H 57 -7.61 45.12 2.00
N LEU H 58 -8.63 44.27 1.93
CA LEU H 58 -8.57 42.97 2.56
C LEU H 58 -8.75 41.87 1.51
N TYR H 59 -8.07 40.76 1.73
CA TYR H 59 -8.15 39.65 0.84
C TYR H 59 -8.63 38.44 1.60
N PHE H 60 -9.56 37.73 0.99
CA PHE H 60 -10.01 36.45 1.46
C PHE H 60 -9.72 35.44 0.34
N HIS H 61 -9.46 34.19 0.70
CA HIS H 61 -9.29 33.15 -0.28
C HIS H 61 -10.63 32.45 -0.50
N ASN H 62 -11.17 32.60 -1.71
CA ASN H 62 -12.54 32.20 -2.03
C ASN H 62 -13.50 33.11 -1.29
N LEU H 63 -13.55 34.35 -1.75
CA LEU H 63 -14.47 35.39 -1.19
C LEU H 63 -15.95 35.04 -1.36
N LYS H 64 -16.27 34.19 -2.32
CA LYS H 64 -17.63 33.65 -2.44
C LYS H 64 -18.13 33.13 -1.07
N PHE H 65 -17.24 32.51 -0.32
CA PHE H 65 -17.58 31.93 0.98
C PHE H 65 -17.63 32.96 2.14
N ALA H 66 -16.50 33.56 2.48
CA ALA H 66 -16.46 34.52 3.58
C ALA H 66 -17.36 35.72 3.27
N GLY H 67 -17.43 36.07 2.00
CA GLY H 67 -18.23 37.21 1.57
C GLY H 67 -19.69 37.12 1.96
N ALA H 68 -20.21 35.89 1.98
CA ALA H 68 -21.59 35.66 2.39
C ALA H 68 -21.76 36.02 3.86
N PHE H 69 -20.78 35.67 4.70
CA PHE H 69 -20.86 36.02 6.12
C PHE H 69 -20.80 37.52 6.31
N ILE H 70 -19.94 38.17 5.55
CA ILE H 70 -19.75 39.62 5.64
C ILE H 70 -20.99 40.44 5.24
N ILE H 71 -21.68 40.04 4.16
CA ILE H 71 -22.88 40.76 3.75
C ILE H 71 -24.03 40.52 4.75
N ASN H 72 -24.11 39.29 5.27
CA ASN H 72 -25.07 38.99 6.33
C ASN H 72 -24.88 39.93 7.53
N TRP H 73 -23.62 40.22 7.86
CA TRP H 73 -23.34 41.18 8.92
C TRP H 73 -23.76 42.60 8.49
N LEU H 74 -23.24 43.03 7.35
CA LEU H 74 -23.49 44.37 6.88
C LEU H 74 -24.97 44.71 6.92
N GLU H 75 -25.81 43.86 6.32
CA GLU H 75 -27.28 44.08 6.27
C GLU H 75 -27.94 44.17 7.66
N ARG H 76 -27.32 43.58 8.68
CA ARG H 76 -27.84 43.56 10.05
C ARG H 76 -27.25 44.64 10.96
N ASN H 77 -26.31 45.43 10.43
CA ASN H 77 -25.63 46.47 11.21
C ASN H 77 -25.55 47.83 10.47
N GLY H 78 -26.64 48.16 9.78
CA GLY H 78 -26.88 49.52 9.30
C GLY H 78 -26.40 49.86 7.91
N PHE H 79 -26.01 48.87 7.14
CA PHE H 79 -25.50 49.07 5.80
C PHE H 79 -26.42 48.41 4.80
N LYS H 80 -26.89 49.17 3.84
CA LYS H 80 -27.60 48.61 2.72
C LYS H 80 -26.73 48.66 1.45
N TRP H 81 -27.12 47.89 0.44
CA TRP H 81 -26.42 47.90 -0.86
C TRP H 81 -26.65 49.22 -1.58
N SER H 82 -25.62 49.69 -2.29
CA SER H 82 -25.76 50.81 -3.22
C SER H 82 -24.60 50.86 -4.19
N ALA H 83 -24.89 51.00 -5.46
CA ALA H 83 -23.84 51.07 -6.50
C ALA H 83 -23.16 52.43 -6.56
N ASP H 84 -23.73 53.42 -5.87
CA ASP H 84 -23.33 54.82 -5.99
C ASP H 84 -22.31 55.24 -4.93
N GLY H 85 -21.86 54.32 -4.08
CA GLY H 85 -20.87 54.63 -3.06
C GLY H 85 -21.31 55.62 -1.99
N LEU H 86 -22.60 55.62 -1.66
CA LEU H 86 -23.16 56.50 -0.62
C LEU H 86 -22.59 56.13 0.74
N PRO H 87 -22.57 57.08 1.68
CA PRO H 87 -21.99 56.83 3.00
C PRO H 87 -22.83 55.86 3.79
N ASN H 88 -22.17 54.97 4.50
CA ASN H 88 -22.84 53.90 5.24
C ASN H 88 -23.63 52.94 4.34
N THR H 89 -23.04 52.64 3.19
CA THR H 89 -23.51 51.57 2.33
C THR H 89 -22.30 50.75 1.82
N TYR H 90 -22.61 49.71 1.06
CA TYR H 90 -21.62 48.88 0.43
C TYR H 90 -22.01 48.57 -1.03
N ASN H 91 -21.02 48.46 -1.89
CA ASN H 91 -21.20 48.01 -3.23
C ASN H 91 -20.51 46.68 -3.39
N THR H 92 -20.87 45.96 -4.46
CA THR H 92 -20.22 44.69 -4.78
C THR H 92 -20.05 44.55 -6.28
N ILE H 93 -18.93 43.94 -6.68
CA ILE H 93 -18.81 43.39 -8.01
C ILE H 93 -18.96 41.89 -7.87
N ILE H 94 -20.09 41.37 -8.31
CA ILE H 94 -20.42 39.95 -8.27
C ILE H 94 -21.03 39.65 -9.61
N SER H 95 -20.43 38.77 -10.39
CA SER H 95 -20.90 38.53 -11.77
C SER H 95 -22.23 37.80 -11.79
N ARG H 96 -22.91 37.84 -12.94
CA ARG H 96 -24.17 37.11 -13.10
C ARG H 96 -23.97 35.60 -12.98
N MET H 97 -22.74 35.13 -13.14
CA MET H 97 -22.45 33.71 -13.07
C MET H 97 -21.89 33.25 -11.71
N GLY H 98 -21.99 34.08 -10.66
CA GLY H 98 -21.58 33.69 -9.30
C GLY H 98 -20.12 33.92 -8.92
N GLN H 99 -19.34 34.55 -9.81
CA GLN H 99 -17.99 34.94 -9.50
C GLN H 99 -17.96 36.19 -8.63
N TRP H 100 -17.26 36.11 -7.49
CA TRP H 100 -17.16 37.24 -6.56
C TRP H 100 -15.81 37.91 -6.72
N TYR H 101 -15.84 39.23 -6.87
CA TYR H 101 -14.64 40.04 -7.12
C TYR H 101 -14.32 41.12 -6.09
N MET H 102 -15.34 41.72 -5.46
CA MET H 102 -15.12 42.90 -4.60
C MET H 102 -16.30 43.15 -3.66
N ILE H 103 -16.00 43.57 -2.43
CA ILE H 103 -17.00 44.17 -1.52
C ILE H 103 -16.49 45.53 -1.00
N ASP H 104 -17.01 46.64 -1.53
CA ASP H 104 -16.56 47.97 -1.15
C ASP H 104 -17.46 48.46 -0.04
N ILE H 105 -16.92 48.63 1.17
CA ILE H 105 -17.75 49.12 2.30
C ILE H 105 -17.45 50.58 2.59
N CYS H 106 -18.35 51.48 2.19
CA CYS H 106 -18.13 52.94 2.32
C CYS H 106 -18.69 53.53 3.62
N LEU H 107 -17.84 54.28 4.33
CA LEU H 107 -18.24 54.98 5.56
C LEU H 107 -18.53 56.45 5.31
N GLY H 108 -17.73 57.07 4.45
CA GLY H 108 -17.97 58.47 4.15
C GLY H 108 -16.95 59.04 3.19
N TYR H 109 -16.91 60.36 3.15
CA TYR H 109 -15.95 61.10 2.33
C TYR H 109 -15.27 62.22 3.09
N LYS H 110 -14.23 62.73 2.48
CA LYS H 110 -13.48 63.85 3.02
C LYS H 110 -12.95 64.59 1.79
N GLY H 111 -13.82 65.39 1.19
CA GLY H 111 -13.62 65.89 -0.17
C GLY H 111 -13.91 64.77 -1.15
N LYS H 112 -13.13 64.69 -2.22
CA LYS H 112 -13.24 63.55 -3.14
C LYS H 112 -12.46 62.30 -2.65
N ARG H 113 -12.05 62.30 -1.38
CA ARG H 113 -11.38 61.13 -0.79
C ARG H 113 -12.41 60.24 -0.10
N LYS H 114 -12.47 58.98 -0.52
CA LYS H 114 -13.49 58.03 -0.05
C LYS H 114 -13.00 57.25 1.14
N ILE H 115 -13.71 57.37 2.26
CA ILE H 115 -13.41 56.59 3.45
C ILE H 115 -14.09 55.22 3.34
N HIS H 116 -13.29 54.17 3.22
CA HIS H 116 -13.81 52.83 3.01
C HIS H 116 -12.79 51.73 3.14
N THR H 117 -13.29 50.52 3.29
CA THR H 117 -12.51 49.31 3.22
C THR H 117 -13.07 48.49 2.05
N VAL H 118 -12.17 48.05 1.15
CA VAL H 118 -12.54 47.20 0.01
C VAL H 118 -12.08 45.79 0.32
N ILE H 119 -12.87 44.80 -0.09
CA ILE H 119 -12.54 43.39 0.13
C ILE H 119 -12.49 42.61 -1.18
N TYR H 120 -11.40 41.89 -1.39
CA TYR H 120 -11.12 41.24 -2.65
C TYR H 120 -10.93 39.78 -2.42
N ASP H 121 -10.91 39.04 -3.53
CA ASP H 121 -10.76 37.60 -3.57
C ASP H 121 -9.34 37.27 -4.00
N SER H 122 -8.56 36.67 -3.10
CA SER H 122 -7.20 36.27 -3.45
C SER H 122 -7.24 35.05 -4.37
N LEU H 123 -8.36 34.35 -4.43
CA LEU H 123 -8.52 33.26 -5.39
C LEU H 123 -8.45 33.79 -6.81
N LYS H 124 -8.84 35.04 -7.02
CA LYS H 124 -8.78 35.64 -8.35
C LYS H 124 -7.38 36.09 -8.70
N LYS H 125 -6.52 36.21 -7.69
CA LYS H 125 -5.12 36.59 -7.91
C LYS H 125 -4.20 35.38 -7.96
N LEU H 126 -4.49 34.40 -7.11
CA LEU H 126 -3.74 33.16 -7.03
C LEU H 126 -4.70 31.98 -7.11
N PRO H 127 -5.05 31.57 -8.33
CA PRO H 127 -6.16 30.63 -8.59
C PRO H 127 -5.79 29.19 -8.32
N PHE H 128 -5.55 28.90 -7.06
CA PHE H 128 -5.21 27.55 -6.60
C PHE H 128 -5.68 27.45 -5.17
N PRO H 129 -5.91 26.23 -4.70
CA PRO H 129 -6.09 26.01 -3.27
C PRO H 129 -4.89 26.47 -2.44
N VAL H 130 -5.16 26.85 -1.20
CA VAL H 130 -4.12 27.31 -0.27
C VAL H 130 -2.95 26.33 -0.13
N LYS H 131 -3.25 25.03 -0.08
CA LYS H 131 -2.18 24.02 0.09
C LYS H 131 -1.34 23.85 -1.17
N LYS H 132 -1.97 23.94 -2.34
CA LYS H 132 -1.22 23.87 -3.58
C LYS H 132 -0.32 25.10 -3.71
N ILE H 133 -0.80 26.27 -3.27
CA ILE H 133 0.02 27.47 -3.29
C ILE H 133 1.27 27.27 -2.42
N ALA H 134 1.07 26.94 -1.15
CA ALA H 134 2.15 26.69 -0.21
C ALA H 134 3.24 25.80 -0.83
N LYS H 135 2.82 24.66 -1.36
CA LYS H 135 3.73 23.72 -1.97
C LYS H 135 4.48 24.34 -3.16
N ASP H 136 3.71 24.82 -4.13
CA ASP H 136 4.27 25.39 -5.35
C ASP H 136 5.18 26.62 -5.12
N PHE H 137 4.85 27.42 -4.10
CA PHE H 137 5.60 28.65 -3.80
C PHE H 137 6.64 28.41 -2.71
N LYS H 138 6.79 27.15 -2.30
CA LYS H 138 7.74 26.76 -1.25
C LYS H 138 7.53 27.55 0.06
N LEU H 139 6.27 27.65 0.48
CA LEU H 139 5.93 28.32 1.75
C LEU H 139 5.51 27.26 2.77
N THR H 140 5.85 27.51 4.03
CA THR H 140 5.53 26.58 5.10
C THR H 140 4.02 26.30 5.14
N VAL H 141 3.68 25.02 5.22
CA VAL H 141 2.29 24.64 5.41
C VAL H 141 2.15 23.49 6.38
N LEU H 142 1.32 23.69 7.40
CA LEU H 142 1.02 22.66 8.38
C LEU H 142 0.23 21.53 7.73
N LYS H 143 0.59 20.30 8.08
CA LYS H 143 -0.14 19.14 7.63
C LYS H 143 -1.37 18.97 8.47
N GLY H 144 -2.49 18.72 7.80
CA GLY H 144 -3.76 18.44 8.47
C GLY H 144 -4.73 19.59 8.32
N ASP H 145 -5.85 19.51 9.02
CA ASP H 145 -6.81 20.61 9.11
C ASP H 145 -7.40 20.63 10.50
N ILE H 146 -8.09 21.71 10.80
CA ILE H 146 -9.00 21.77 11.93
C ILE H 146 -10.16 20.76 11.74
N ASP H 147 -10.66 20.22 12.87
CA ASP H 147 -11.90 19.41 12.92
C ASP H 147 -13.12 20.28 12.57
N TYR H 148 -13.62 20.15 11.34
CA TYR H 148 -14.67 21.05 10.85
C TYR H 148 -15.99 21.02 11.62
N HIS H 149 -16.34 19.89 12.20
CA HIS H 149 -17.68 19.73 12.83
C HIS H 149 -17.74 19.75 14.38
N LYS H 150 -16.58 19.80 15.06
CA LYS H 150 -16.54 19.98 16.53
C LYS H 150 -17.57 21.00 17.00
N GLU H 151 -18.23 20.69 18.11
CA GLU H 151 -19.23 21.57 18.69
C GLU H 151 -18.58 22.80 19.27
N ARG H 152 -18.89 23.95 18.68
CA ARG H 152 -18.29 25.22 19.08
C ARG H 152 -19.39 26.25 19.31
N PRO H 153 -19.85 26.43 20.56
CA PRO H 153 -20.89 27.41 20.91
C PRO H 153 -20.39 28.85 20.83
N VAL H 154 -21.27 29.82 20.97
CA VAL H 154 -20.82 31.22 20.98
C VAL H 154 -19.91 31.44 22.19
N GLY H 155 -18.83 32.19 21.99
CA GLY H 155 -17.83 32.41 23.03
C GLY H 155 -16.78 31.31 23.09
N TYR H 156 -16.90 30.31 22.21
CA TYR H 156 -15.97 29.20 22.19
C TYR H 156 -14.56 29.73 22.06
N LYS H 157 -13.66 29.08 22.79
CA LYS H 157 -12.27 29.54 22.88
C LYS H 157 -11.36 28.77 21.91
N ILE H 158 -10.75 29.52 21.00
CA ILE H 158 -9.87 28.95 19.99
C ILE H 158 -8.68 28.22 20.69
N THR H 159 -8.44 26.96 20.32
CA THR H 159 -7.36 26.20 20.93
C THR H 159 -6.02 26.65 20.30
N PRO H 160 -4.91 26.35 20.99
CA PRO H 160 -3.59 26.61 20.40
C PRO H 160 -3.38 25.95 19.03
N GLU H 161 -3.87 24.73 18.86
CA GLU H 161 -3.75 24.00 17.57
C GLU H 161 -4.57 24.65 16.47
N GLU H 162 -5.72 25.21 16.84
CA GLU H 162 -6.62 25.89 15.90
C GLU H 162 -6.01 27.22 15.44
N TYR H 163 -5.52 27.95 16.43
CA TYR H 163 -4.73 29.16 16.22
C TYR H 163 -3.59 28.93 15.20
N ALA H 164 -2.95 27.76 15.26
CA ALA H 164 -1.82 27.49 14.35
C ALA H 164 -2.34 27.35 12.93
N TYR H 165 -3.38 26.54 12.73
CA TYR H 165 -3.95 26.38 11.38
C TYR H 165 -4.37 27.72 10.82
N ILE H 166 -5.00 28.54 11.64
CA ILE H 166 -5.56 29.80 11.15
C ILE H 166 -4.43 30.77 10.78
N LYS H 167 -3.49 31.00 11.70
CA LYS H 167 -2.32 31.82 11.38
C LYS H 167 -1.60 31.31 10.14
N ASN H 168 -1.47 29.99 10.04
CA ASN H 168 -0.77 29.42 8.90
C ASN H 168 -1.48 29.74 7.60
N ASP H 169 -2.82 29.55 7.59
CA ASP H 169 -3.66 29.81 6.39
C ASP H 169 -3.53 31.25 5.93
N ILE H 170 -3.64 32.20 6.85
CA ILE H 170 -3.58 33.60 6.45
C ILE H 170 -2.16 34.02 6.04
N GLN H 171 -1.18 33.42 6.69
CA GLN H 171 0.23 33.69 6.41
C GLN H 171 0.67 33.15 5.07
N ILE H 172 0.17 31.99 4.67
CA ILE H 172 0.51 31.45 3.37
C ILE H 172 0.11 32.47 2.29
N ILE H 173 -1.15 32.92 2.31
CA ILE H 173 -1.64 33.87 1.30
C ILE H 173 -0.97 35.26 1.44
N ALA H 174 -0.60 35.64 2.68
CA ALA H 174 0.14 36.89 2.87
C ALA H 174 1.50 36.82 2.20
N GLU H 175 2.20 35.70 2.35
CA GLU H 175 3.52 35.55 1.75
C GLU H 175 3.42 35.51 0.24
N ALA H 176 2.45 34.73 -0.26
CA ALA H 176 2.26 34.57 -1.70
C ALA H 176 1.95 35.91 -2.32
N LEU H 177 0.91 36.55 -1.83
CA LEU H 177 0.52 37.86 -2.34
C LEU H 177 1.69 38.86 -2.34
N LEU H 178 2.47 38.88 -1.27
CA LEU H 178 3.54 39.87 -1.15
C LEU H 178 4.58 39.70 -2.25
N ILE H 179 4.89 38.45 -2.57
CA ILE H 179 5.87 38.17 -3.61
C ILE H 179 5.34 38.67 -4.95
N GLN H 180 4.03 38.53 -5.12
CA GLN H 180 3.32 38.90 -6.32
C GLN H 180 3.29 40.42 -6.44
N PHE H 181 2.84 41.08 -5.36
CA PHE H 181 2.84 42.55 -5.31
C PHE H 181 4.24 43.10 -5.64
N LYS H 182 5.28 42.42 -5.16
CA LYS H 182 6.68 42.86 -5.34
C LYS H 182 7.16 42.68 -6.78
N GLN H 183 6.56 41.74 -7.49
CA GLN H 183 6.85 41.54 -8.91
C GLN H 183 6.13 42.61 -9.78
N GLY H 184 5.23 43.37 -9.15
CA GLY H 184 4.48 44.44 -9.81
C GLY H 184 3.10 43.97 -10.25
N LEU H 185 2.80 42.71 -9.94
CA LEU H 185 1.54 42.09 -10.32
C LEU H 185 0.49 42.44 -9.27
N ASP H 186 -0.04 43.66 -9.37
CA ASP H 186 -0.81 44.29 -8.29
C ASP H 186 -2.21 44.70 -8.70
N ARG H 187 -2.78 44.01 -9.68
CA ARG H 187 -4.14 44.35 -10.11
C ARG H 187 -5.13 43.39 -9.49
N MET H 188 -6.40 43.58 -9.78
CA MET H 188 -7.44 42.81 -9.10
C MET H 188 -7.36 41.32 -9.39
N THR H 189 -7.14 40.93 -10.66
CA THR H 189 -7.06 39.51 -11.03
C THR H 189 -5.75 39.15 -11.72
N ALA H 190 -5.43 37.86 -11.73
CA ALA H 190 -4.28 37.36 -12.48
C ALA H 190 -4.36 37.73 -13.97
N GLY H 191 -5.57 37.72 -14.55
CA GLY H 191 -5.78 38.11 -15.96
C GLY H 191 -5.44 39.57 -16.25
N SER H 192 -5.86 40.46 -15.36
CA SER H 192 -5.52 41.87 -15.53
C SER H 192 -4.02 42.04 -15.56
N ASP H 193 -3.32 41.35 -14.65
CA ASP H 193 -1.84 41.42 -14.56
C ASP H 193 -1.21 41.04 -15.89
N SER H 194 -1.60 39.90 -16.44
CA SER H 194 -1.14 39.54 -17.76
C SER H 194 -1.42 40.63 -18.79
N LEU H 195 -2.66 41.14 -18.79
CA LEU H 195 -3.13 42.10 -19.81
C LEU H 195 -2.30 43.36 -19.74
N LYS H 196 -2.23 43.94 -18.56
CA LYS H 196 -1.43 45.14 -18.30
C LYS H 196 0.04 44.93 -18.62
N GLY H 197 0.56 43.75 -18.23
CA GLY H 197 1.93 43.40 -18.51
C GLY H 197 2.17 43.36 -19.98
N PHE H 198 1.25 42.71 -20.70
CA PHE H 198 1.31 42.66 -22.15
C PHE H 198 1.21 44.06 -22.75
N LYS H 199 0.23 44.81 -22.26
CA LYS H 199 0.00 46.17 -22.71
C LYS H 199 1.22 47.06 -22.47
N ASP H 200 1.92 46.84 -21.36
CA ASP H 200 3.14 47.58 -21.07
C ASP H 200 4.26 47.25 -22.07
N ILE H 201 4.35 45.99 -22.51
CA ILE H 201 5.44 45.62 -23.41
C ILE H 201 5.26 46.16 -24.82
N ILE H 202 4.07 46.12 -25.39
CA ILE H 202 3.87 46.73 -26.73
C ILE H 202 3.44 48.21 -26.69
N THR H 203 3.11 48.71 -25.50
CA THR H 203 2.61 50.09 -25.27
C THR H 203 1.10 50.15 -25.53
N THR H 204 0.39 50.89 -24.68
CA THR H 204 -1.06 50.97 -24.79
C THR H 204 -1.43 51.67 -26.09
N LYS H 205 -0.58 52.59 -26.54
CA LYS H 205 -0.84 53.30 -27.78
C LYS H 205 -0.90 52.35 -28.99
N LYS H 206 0.09 51.47 -29.10
CA LYS H 206 0.06 50.48 -30.18
C LYS H 206 -1.03 49.45 -29.94
N PHE H 207 -1.24 49.10 -28.68
CA PHE H 207 -2.37 48.23 -28.32
C PHE H 207 -3.70 48.73 -28.94
N LYS H 208 -4.07 49.98 -28.62
CA LYS H 208 -5.28 50.62 -29.15
C LYS H 208 -5.35 50.59 -30.67
N LYS H 209 -4.23 50.81 -31.35
CA LYS H 209 -4.22 50.77 -32.81
C LYS H 209 -4.29 49.35 -33.34
N VAL H 210 -3.71 48.41 -32.63
CA VAL H 210 -3.63 47.05 -33.12
C VAL H 210 -4.90 46.26 -32.78
N PHE H 211 -5.51 46.58 -31.64
CA PHE H 211 -6.74 45.95 -31.20
C PHE H 211 -7.78 47.03 -30.91
N PRO H 212 -8.44 47.54 -31.94
CA PRO H 212 -9.42 48.60 -31.68
C PRO H 212 -10.77 48.06 -31.16
N THR H 213 -11.48 48.90 -30.41
CA THR H 213 -12.76 48.53 -29.83
C THR H 213 -13.83 48.38 -30.90
N LEU H 214 -14.28 47.15 -31.10
CA LEU H 214 -15.41 46.85 -31.98
C LEU H 214 -16.73 47.24 -31.34
N SER H 215 -17.75 47.41 -32.18
CA SER H 215 -19.11 47.62 -31.71
C SER H 215 -19.66 46.35 -31.05
N LEU H 216 -20.64 46.51 -30.17
CA LEU H 216 -21.20 45.37 -29.43
C LEU H 216 -21.74 44.35 -30.41
N GLY H 217 -22.42 44.84 -31.45
CA GLY H 217 -22.99 43.99 -32.48
C GLY H 217 -21.93 43.14 -33.16
N LEU H 218 -20.85 43.78 -33.60
CA LEU H 218 -19.74 43.07 -34.25
C LEU H 218 -19.14 42.03 -33.33
N ASP H 219 -18.96 42.39 -32.08
CA ASP H 219 -18.35 41.50 -31.09
C ASP H 219 -19.29 40.34 -30.68
N LYS H 220 -20.59 40.62 -30.65
CA LYS H 220 -21.61 39.58 -30.42
C LYS H 220 -21.45 38.48 -31.46
N GLU H 221 -21.31 38.89 -32.72
CA GLU H 221 -21.18 37.99 -33.85
C GLU H 221 -19.93 37.19 -33.71
N VAL H 222 -18.82 37.89 -33.55
CA VAL H 222 -17.51 37.26 -33.40
C VAL H 222 -17.56 36.26 -32.24
N ARG H 223 -18.29 36.61 -31.19
CA ARG H 223 -18.34 35.76 -30.00
C ARG H 223 -18.98 34.40 -30.27
N TYR H 224 -19.89 34.33 -31.25
CA TYR H 224 -20.51 33.03 -31.61
C TYR H 224 -19.49 31.98 -32.07
N ALA H 225 -18.33 32.43 -32.56
CA ALA H 225 -17.26 31.56 -33.07
C ALA H 225 -16.22 31.23 -32.01
N TYR H 226 -16.50 31.58 -30.76
CA TYR H 226 -15.58 31.42 -29.65
C TYR H 226 -15.94 30.19 -28.85
N ARG H 227 -15.13 29.15 -28.99
CA ARG H 227 -15.32 27.90 -28.28
C ARG H 227 -14.07 27.56 -27.46
N GLY H 228 -14.26 26.71 -26.45
CA GLY H 228 -13.17 26.22 -25.61
C GLY H 228 -12.54 24.98 -26.22
N GLY H 229 -11.85 24.20 -25.40
CA GLY H 229 -10.99 23.13 -25.91
C GLY H 229 -11.71 21.93 -26.47
N PHE H 230 -10.94 21.09 -27.17
CA PHE H 230 -11.46 19.86 -27.74
C PHE H 230 -11.41 18.73 -26.70
N THR H 231 -12.57 18.28 -26.25
CA THR H 231 -12.64 17.18 -25.28
C THR H 231 -13.63 16.14 -25.77
N TRP H 232 -13.11 14.98 -26.15
CA TRP H 232 -13.89 13.96 -26.85
C TRP H 232 -13.41 12.58 -26.44
N LEU H 233 -14.36 11.66 -26.26
CA LEU H 233 -14.08 10.27 -25.98
C LEU H 233 -14.52 9.43 -27.19
N ASN H 234 -13.64 8.54 -27.63
CA ASN H 234 -13.94 7.72 -28.80
C ASN H 234 -15.02 6.69 -28.45
N ASP H 235 -16.15 6.74 -29.14
CA ASP H 235 -17.29 5.83 -28.89
C ASP H 235 -16.83 4.38 -28.83
N ARG H 236 -15.87 4.05 -29.67
CA ARG H 236 -15.19 2.75 -29.65
C ARG H 236 -14.76 2.30 -28.22
N PHE H 237 -14.38 3.25 -27.37
CA PHE H 237 -13.84 3.00 -26.02
C PHE H 237 -14.75 3.50 -24.90
N LYS H 238 -15.94 3.94 -25.26
CA LYS H 238 -16.91 4.44 -24.31
C LYS H 238 -17.32 3.34 -23.30
N GLU H 239 -17.14 3.62 -22.00
CA GLU H 239 -17.53 2.73 -20.87
C GLU H 239 -16.77 1.39 -20.80
N LYS H 240 -15.65 1.31 -21.50
CA LYS H 240 -14.99 0.04 -21.77
C LYS H 240 -13.62 -0.05 -21.07
N GLU H 241 -13.36 -1.18 -20.40
CA GLU H 241 -12.08 -1.41 -19.72
C GLU H 241 -11.02 -1.87 -20.71
N ILE H 242 -9.90 -1.15 -20.75
CA ILE H 242 -8.85 -1.40 -21.74
C ILE H 242 -7.50 -1.67 -21.10
N GLY H 243 -6.54 -2.07 -21.92
CA GLY H 243 -5.19 -2.42 -21.48
C GLY H 243 -4.20 -1.27 -21.60
N GLU H 244 -2.98 -1.62 -21.97
CA GLU H 244 -1.85 -0.67 -21.97
C GLU H 244 -2.10 0.51 -22.88
N GLY H 245 -1.70 1.68 -22.43
CA GLY H 245 -1.79 2.90 -23.23
C GLY H 245 -0.86 3.99 -22.71
N MET H 246 -0.88 5.12 -23.39
CA MET H 246 -0.03 6.27 -23.05
C MET H 246 -0.73 7.61 -23.29
N VAL H 247 -0.20 8.64 -22.66
CA VAL H 247 -0.77 9.98 -22.72
C VAL H 247 0.30 10.94 -23.19
N PHE H 248 0.00 11.71 -24.23
CA PHE H 248 0.84 12.83 -24.64
C PHE H 248 0.13 14.12 -24.27
N ASP H 249 0.86 15.05 -23.65
CA ASP H 249 0.35 16.39 -23.30
C ASP H 249 1.23 17.40 -23.99
N VAL H 250 0.65 18.38 -24.68
CA VAL H 250 1.41 19.48 -25.30
C VAL H 250 2.08 20.38 -24.25
N ASN H 251 3.30 20.84 -24.54
CA ASN H 251 4.02 21.73 -23.63
C ASN H 251 3.55 23.17 -23.84
N SER H 252 2.78 23.68 -22.88
CA SER H 252 2.20 25.04 -22.91
C SER H 252 1.42 25.34 -24.20
N LEU H 253 0.31 24.63 -24.38
CA LEU H 253 -0.48 24.66 -25.64
C LEU H 253 -0.76 26.06 -26.14
N TYR H 254 -1.33 26.88 -25.26
CA TYR H 254 -1.86 28.17 -25.68
C TYR H 254 -0.77 29.18 -25.99
N PRO H 255 0.18 29.40 -25.07
CA PRO H 255 1.31 30.24 -25.46
C PRO H 255 1.96 29.72 -26.74
N ALA H 256 2.08 28.41 -26.88
CA ALA H 256 2.62 27.83 -28.09
C ALA H 256 1.92 28.45 -29.31
N GLN H 257 0.58 28.49 -29.29
CA GLN H 257 -0.20 29.04 -30.43
C GLN H 257 0.09 30.51 -30.61
N MET H 258 0.18 31.21 -29.48
CA MET H 258 0.39 32.65 -29.49
C MET H 258 1.76 33.02 -30.03
N TYR H 259 2.70 32.08 -29.98
CA TYR H 259 4.06 32.34 -30.38
C TYR H 259 4.31 32.16 -31.85
N SER H 260 3.65 31.17 -32.46
CA SER H 260 3.92 30.78 -33.85
C SER H 260 2.79 31.07 -34.85
N ARG H 261 1.54 31.00 -34.40
CA ARG H 261 0.40 30.96 -35.35
C ARG H 261 0.06 32.32 -35.95
N LEU H 262 -0.62 32.30 -37.09
CA LEU H 262 -1.09 33.52 -37.73
C LEU H 262 -2.37 33.95 -37.02
N LEU H 263 -2.32 35.10 -36.35
CA LEU H 263 -3.42 35.57 -35.51
C LEU H 263 -3.96 36.93 -35.98
N PRO H 264 -5.25 37.21 -35.72
CA PRO H 264 -5.87 38.42 -36.28
C PRO H 264 -5.50 39.68 -35.50
N TYR H 265 -5.61 40.83 -36.15
CA TYR H 265 -5.48 42.14 -35.48
C TYR H 265 -6.15 43.21 -36.36
N GLY H 266 -6.35 44.40 -35.80
CA GLY H 266 -6.95 45.52 -36.52
C GLY H 266 -8.46 45.48 -36.70
N GLU H 267 -8.98 46.46 -37.43
CA GLU H 267 -10.39 46.54 -37.74
C GLU H 267 -10.76 45.43 -38.70
N PRO H 268 -11.83 44.68 -38.41
CA PRO H 268 -12.35 43.70 -39.36
C PRO H 268 -13.14 44.35 -40.50
N ILE H 269 -13.22 43.67 -41.63
CA ILE H 269 -14.05 44.11 -42.73
C ILE H 269 -15.23 43.16 -42.83
N VAL H 270 -16.44 43.71 -42.71
CA VAL H 270 -17.66 42.94 -42.77
C VAL H 270 -17.99 42.64 -44.22
N PHE H 271 -18.29 41.37 -44.51
CA PHE H 271 -18.73 40.95 -45.86
C PHE H 271 -20.01 40.11 -45.83
N GLU H 272 -20.72 40.12 -46.95
CA GLU H 272 -21.93 39.36 -47.13
C GLU H 272 -21.66 38.14 -48.00
N GLY H 273 -22.17 36.98 -47.57
CA GLY H 273 -21.95 35.72 -48.28
C GLY H 273 -20.66 35.00 -47.88
N LYS H 274 -20.01 34.38 -48.87
CA LYS H 274 -18.82 33.54 -48.65
C LYS H 274 -17.55 34.34 -48.80
N TYR H 275 -16.63 34.14 -47.85
CA TYR H 275 -15.36 34.85 -47.82
C TYR H 275 -14.60 34.57 -49.10
N VAL H 276 -14.21 35.65 -49.78
CA VAL H 276 -13.31 35.59 -50.93
C VAL H 276 -11.87 35.76 -50.44
N TRP H 277 -10.96 34.93 -50.98
CA TRP H 277 -9.56 35.00 -50.59
C TRP H 277 -9.01 36.40 -50.70
N ASP H 278 -8.30 36.83 -49.68
CA ASP H 278 -7.69 38.15 -49.63
C ASP H 278 -6.35 38.07 -48.85
N GLU H 279 -5.23 38.07 -49.57
CA GLU H 279 -3.92 38.00 -48.93
C GLU H 279 -3.69 39.09 -47.86
N ASP H 280 -4.27 40.29 -48.07
CA ASP H 280 -4.17 41.37 -47.06
C ASP H 280 -4.99 41.08 -45.80
N TYR H 281 -6.07 40.30 -45.94
CA TYR H 281 -6.98 39.93 -44.84
C TYR H 281 -7.17 38.41 -44.78
N PRO H 282 -6.12 37.68 -44.37
CA PRO H 282 -6.10 36.22 -44.62
C PRO H 282 -7.03 35.42 -43.74
N LEU H 283 -7.23 35.84 -42.51
CA LEU H 283 -8.10 35.13 -41.57
C LEU H 283 -9.56 35.63 -41.69
N HIS H 284 -10.52 34.73 -41.46
CA HIS H 284 -11.92 35.12 -41.45
C HIS H 284 -12.80 34.29 -40.52
N ILE H 285 -13.99 34.83 -40.24
CA ILE H 285 -15.04 34.10 -39.54
C ILE H 285 -16.29 34.06 -40.41
N GLN H 286 -16.67 32.85 -40.80
CA GLN H 286 -17.80 32.63 -41.68
C GLN H 286 -19.02 32.20 -40.87
N HIS H 287 -20.20 32.66 -41.31
CA HIS H 287 -21.49 32.18 -40.79
C HIS H 287 -22.10 31.27 -41.85
N ILE H 288 -22.36 30.02 -41.47
CA ILE H 288 -22.96 29.07 -42.39
C ILE H 288 -24.12 28.32 -41.79
N ARG H 289 -25.07 27.98 -42.64
CA ARG H 289 -26.03 26.93 -42.35
C ARG H 289 -25.68 25.75 -43.25
N CYS H 290 -25.79 24.54 -42.71
CA CYS H 290 -25.44 23.35 -43.46
C CYS H 290 -25.96 22.07 -42.84
N GLU H 291 -25.61 20.97 -43.49
CA GLU H 291 -25.77 19.64 -42.94
C GLU H 291 -24.45 18.91 -43.16
N PHE H 292 -24.27 17.79 -42.45
CA PHE H 292 -23.00 17.07 -42.51
C PHE H 292 -23.09 15.60 -42.12
N GLU H 293 -22.21 14.82 -42.73
CA GLU H 293 -21.90 13.48 -42.27
C GLU H 293 -20.39 13.38 -42.10
N LEU H 294 -19.95 12.96 -40.92
CA LEU H 294 -18.55 12.65 -40.66
C LEU H 294 -18.04 11.69 -41.69
N LYS H 295 -16.88 11.98 -42.28
CA LYS H 295 -16.28 11.04 -43.23
C LYS H 295 -15.77 9.80 -42.48
N GLU H 296 -15.67 8.70 -43.20
CA GLU H 296 -15.23 7.43 -42.62
C GLU H 296 -13.75 7.51 -42.25
N GLY H 297 -13.40 6.97 -41.09
CA GLY H 297 -12.03 7.00 -40.58
C GLY H 297 -11.58 8.33 -39.99
N TYR H 298 -12.55 9.16 -39.57
CA TYR H 298 -12.27 10.51 -39.09
C TYR H 298 -12.91 10.79 -37.74
N ILE H 299 -12.22 11.62 -36.94
CA ILE H 299 -12.69 12.10 -35.65
C ILE H 299 -13.69 13.24 -35.85
N PRO H 300 -14.77 13.26 -35.06
CA PRO H 300 -15.73 14.35 -35.17
C PRO H 300 -15.16 15.62 -34.56
N THR H 301 -15.55 16.78 -35.08
CA THR H 301 -14.99 18.06 -34.63
C THR H 301 -16.01 19.19 -34.41
N ILE H 302 -17.26 18.98 -34.78
CA ILE H 302 -18.24 20.06 -34.69
C ILE H 302 -19.15 19.86 -33.49
N GLN H 303 -19.20 20.90 -32.65
CA GLN H 303 -19.96 20.90 -31.41
C GLN H 303 -20.92 22.09 -31.41
N ILE H 304 -22.21 21.84 -31.20
CA ILE H 304 -23.22 22.90 -31.29
C ILE H 304 -23.84 23.23 -29.93
N LYS H 305 -23.58 24.45 -29.48
CA LYS H 305 -24.28 25.01 -28.30
C LYS H 305 -25.66 25.50 -28.75
N LYS H 311 -28.10 18.57 -27.04
CA LYS H 311 -26.82 18.41 -26.33
C LYS H 311 -25.80 19.46 -26.81
N GLY H 312 -24.88 19.83 -25.90
CA GLY H 312 -23.80 20.79 -26.19
C GLY H 312 -22.38 20.32 -25.85
N ASN H 313 -22.28 19.23 -25.06
CA ASN H 313 -20.99 18.56 -24.79
C ASN H 313 -20.64 17.46 -25.82
N GLU H 314 -21.52 17.28 -26.81
CA GLU H 314 -21.40 16.19 -27.80
C GLU H 314 -20.82 16.65 -29.14
N TYR H 315 -19.81 15.93 -29.61
CA TYR H 315 -19.26 16.13 -30.94
C TYR H 315 -20.02 15.24 -31.91
N LEU H 316 -20.50 15.84 -32.99
CA LEU H 316 -21.55 15.23 -33.80
C LEU H 316 -20.99 14.53 -35.03
N LYS H 317 -21.46 13.30 -35.23
CA LYS H 317 -21.11 12.51 -36.41
C LYS H 317 -21.96 12.97 -37.59
N SER H 318 -23.26 12.99 -37.37
CA SER H 318 -24.21 13.46 -38.36
C SER H 318 -24.99 14.67 -37.85
N SER H 319 -25.69 15.34 -38.76
CA SER H 319 -26.54 16.48 -38.42
C SER H 319 -28.00 16.06 -38.22
N GLY H 320 -28.32 14.82 -38.61
CA GLY H 320 -29.61 14.19 -38.30
C GLY H 320 -30.82 14.77 -39.02
N GLY H 321 -30.62 15.25 -40.25
CA GLY H 321 -31.71 15.88 -41.01
C GLY H 321 -32.20 17.19 -40.41
N GLU H 322 -31.35 17.86 -39.64
CA GLU H 322 -31.64 19.20 -39.14
C GLU H 322 -30.54 20.13 -39.61
N ILE H 323 -30.89 21.34 -40.05
CA ILE H 323 -29.89 22.29 -40.50
C ILE H 323 -29.18 22.89 -39.29
N ALA H 324 -27.85 22.91 -39.33
CA ALA H 324 -27.01 23.45 -38.24
C ALA H 324 -26.64 24.91 -38.52
N ASP H 325 -26.60 25.75 -37.48
CA ASP H 325 -26.25 27.16 -37.63
C ASP H 325 -24.92 27.45 -36.93
N LEU H 326 -23.86 27.62 -37.71
CA LEU H 326 -22.51 27.66 -37.17
C LEU H 326 -21.78 28.93 -37.58
N TRP H 327 -21.05 29.52 -36.63
CA TRP H 327 -20.08 30.57 -36.95
C TRP H 327 -18.71 29.98 -36.71
N LEU H 328 -17.83 30.05 -37.69
CA LEU H 328 -16.58 29.32 -37.61
C LEU H 328 -15.39 30.15 -38.04
N SER H 329 -14.25 29.91 -37.41
CA SER H 329 -12.99 30.48 -37.87
C SER H 329 -12.57 29.70 -39.09
N ASN H 330 -11.76 30.29 -39.96
CA ASN H 330 -11.29 29.57 -41.11
C ASN H 330 -10.40 28.35 -40.70
N VAL H 331 -9.76 28.43 -39.55
CA VAL H 331 -9.06 27.26 -39.01
C VAL H 331 -10.05 26.15 -38.72
N ASP H 332 -11.18 26.54 -38.12
CA ASP H 332 -12.27 25.63 -37.79
C ASP H 332 -12.97 25.09 -39.04
N LEU H 333 -13.07 25.94 -40.07
CA LEU H 333 -13.77 25.59 -41.30
C LEU H 333 -12.94 24.64 -42.14
N GLU H 334 -11.65 24.96 -42.33
CA GLU H 334 -10.69 24.08 -43.03
C GLU H 334 -10.73 22.70 -42.41
N LEU H 335 -10.80 22.67 -41.10
CA LEU H 335 -10.78 21.42 -40.37
C LEU H 335 -12.02 20.63 -40.76
N MET H 336 -13.17 21.24 -40.51
CA MET H 336 -14.46 20.67 -40.80
C MET H 336 -14.54 20.05 -42.19
N LYS H 337 -13.97 20.74 -43.19
CA LYS H 337 -14.01 20.25 -44.56
C LYS H 337 -13.21 18.96 -44.75
N GLU H 338 -12.15 18.81 -43.98
CA GLU H 338 -11.31 17.63 -44.08
C GLU H 338 -11.97 16.40 -43.44
N HIS H 339 -12.78 16.64 -42.41
CA HIS H 339 -13.35 15.55 -41.60
C HIS H 339 -14.81 15.24 -41.91
N TYR H 340 -15.50 16.15 -42.59
CA TYR H 340 -16.92 15.94 -42.95
C TYR H 340 -17.21 16.13 -44.42
N ASP H 341 -18.10 15.29 -44.95
CA ASP H 341 -18.86 15.62 -46.16
C ASP H 341 -19.92 16.66 -45.78
N LEU H 342 -19.77 17.89 -46.28
CA LEU H 342 -20.69 19.01 -45.93
C LEU H 342 -21.78 19.22 -46.99
N TYR H 343 -23.01 18.93 -46.62
CA TYR H 343 -24.13 18.92 -47.58
C TYR H 343 -24.87 20.24 -47.57
N ASN H 344 -25.25 20.71 -48.76
CA ASN H 344 -26.22 21.79 -48.88
C ASN H 344 -25.84 23.00 -48.03
N VAL H 345 -24.61 23.48 -48.23
CA VAL H 345 -24.05 24.54 -47.40
C VAL H 345 -24.55 25.89 -47.87
N GLU H 346 -25.04 26.69 -46.92
CA GLU H 346 -25.53 28.04 -47.18
C GLU H 346 -24.60 29.03 -46.44
N TYR H 347 -23.95 29.92 -47.20
CA TYR H 347 -22.94 30.83 -46.65
C TYR H 347 -23.52 32.23 -46.44
N ILE H 348 -24.02 32.50 -45.24
CA ILE H 348 -24.77 33.74 -44.95
C ILE H 348 -23.97 35.04 -44.93
N SER H 349 -22.97 35.14 -44.05
CA SER H 349 -22.15 36.37 -43.92
C SER H 349 -20.88 36.10 -43.11
N GLY H 350 -20.07 37.15 -42.91
CA GLY H 350 -18.88 37.02 -42.07
C GLY H 350 -18.02 38.27 -41.92
N LEU H 351 -16.86 38.09 -41.29
CA LEU H 351 -15.87 39.17 -41.06
C LEU H 351 -14.48 38.67 -41.42
N LYS H 352 -13.64 39.53 -41.98
CA LYS H 352 -12.24 39.17 -42.31
C LYS H 352 -11.24 40.12 -41.62
N PHE H 353 -10.04 39.62 -41.36
CA PHE H 353 -9.10 40.33 -40.50
C PHE H 353 -7.73 40.33 -41.10
N LYS H 354 -6.96 41.39 -40.84
CA LYS H 354 -5.53 41.38 -41.05
C LYS H 354 -4.92 40.43 -40.00
N ALA H 355 -3.70 39.99 -40.23
CA ALA H 355 -3.04 39.04 -39.35
C ALA H 355 -1.53 39.04 -39.55
N THR H 356 -0.79 38.91 -38.45
CA THR H 356 0.63 38.52 -38.50
C THR H 356 0.88 37.57 -37.36
N THR H 357 2.04 36.91 -37.43
CA THR H 357 2.62 36.16 -36.32
C THR H 357 3.32 37.18 -35.36
N GLY H 358 4.05 36.70 -34.36
CA GLY H 358 4.90 37.58 -33.52
C GLY H 358 4.29 38.60 -32.55
N LEU H 359 2.98 38.73 -32.53
CA LEU H 359 2.33 39.74 -31.67
C LEU H 359 2.61 39.53 -30.18
N PHE H 360 2.81 38.27 -29.79
CA PHE H 360 3.11 37.92 -28.40
C PHE H 360 4.57 37.46 -28.20
N LYS H 361 5.43 37.74 -29.17
CA LYS H 361 6.83 37.33 -29.07
C LYS H 361 7.52 37.86 -27.79
N ASP H 362 7.58 39.18 -27.61
CA ASP H 362 8.33 39.75 -26.48
C ASP H 362 7.77 39.27 -25.13
N PHE H 363 6.46 39.41 -24.95
CA PHE H 363 5.83 39.03 -23.69
C PHE H 363 6.17 37.59 -23.34
N ILE H 364 5.96 36.67 -24.29
CA ILE H 364 6.20 35.26 -24.03
C ILE H 364 7.69 35.00 -23.82
N ASP H 365 8.54 35.72 -24.55
CA ASP H 365 9.99 35.63 -24.32
C ASP H 365 10.37 36.03 -22.89
N LYS H 366 9.96 37.23 -22.47
CA LYS H 366 10.28 37.75 -21.13
C LYS H 366 9.90 36.77 -20.03
N TRP H 367 8.66 36.33 -20.07
CA TRP H 367 8.13 35.47 -19.02
C TRP H 367 8.54 34.00 -19.11
N THR H 368 8.75 33.50 -20.32
CA THR H 368 9.26 32.12 -20.48
C THR H 368 10.66 32.04 -19.90
N TYR H 369 11.45 33.12 -20.10
CA TYR H 369 12.82 33.22 -19.59
C TYR H 369 12.82 33.18 -18.07
N ILE H 370 11.97 34.01 -17.48
CA ILE H 370 11.84 34.04 -16.02
C ILE H 370 11.41 32.66 -15.46
N LYS H 371 10.52 31.96 -16.15
CA LYS H 371 10.08 30.63 -15.72
C LYS H 371 11.20 29.58 -15.77
N THR H 372 12.01 29.63 -16.83
CA THR H 372 13.14 28.70 -17.03
C THR H 372 14.25 28.97 -16.02
N THR H 373 14.38 30.25 -15.66
CA THR H 373 15.47 30.77 -14.85
C THR H 373 15.22 30.68 -13.34
N SER H 374 13.98 30.40 -12.92
CA SER H 374 13.65 30.44 -11.50
C SER H 374 13.01 29.16 -10.93
N GLU H 375 12.94 29.11 -9.61
CA GLU H 375 12.31 28.01 -8.88
C GLU H 375 11.23 28.58 -7.97
N GLY H 376 10.39 27.71 -7.44
CA GLY H 376 9.33 28.11 -6.48
C GLY H 376 8.40 29.24 -6.93
N ALA H 377 8.13 30.17 -6.00
CA ALA H 377 7.15 31.24 -6.18
C ALA H 377 7.20 31.98 -7.52
N ILE H 378 8.35 32.60 -7.83
CA ILE H 378 8.45 33.48 -9.00
C ILE H 378 8.27 32.73 -10.34
N LYS H 379 8.66 31.45 -10.37
CA LYS H 379 8.40 30.57 -11.54
C LYS H 379 6.90 30.34 -11.74
N GLN H 380 6.21 30.10 -10.63
CA GLN H 380 4.78 29.87 -10.70
C GLN H 380 4.06 31.12 -11.23
N LEU H 381 4.50 32.30 -10.80
CA LEU H 381 3.92 33.56 -11.26
C LEU H 381 4.20 33.83 -12.75
N ALA H 382 5.34 33.34 -13.22
CA ALA H 382 5.71 33.45 -14.62
C ALA H 382 4.78 32.61 -15.46
N LYS H 383 4.43 31.43 -14.96
CA LYS H 383 3.45 30.54 -15.63
C LYS H 383 2.08 31.18 -15.62
N LEU H 384 1.71 31.72 -14.47
CA LEU H 384 0.43 32.37 -14.29
C LEU H 384 0.28 33.49 -15.31
N MET H 385 1.28 34.36 -15.39
CA MET H 385 1.26 35.46 -16.33
C MET H 385 1.17 35.01 -17.80
N LEU H 386 1.77 33.87 -18.12
CA LEU H 386 1.72 33.35 -19.50
C LEU H 386 0.34 32.74 -19.74
N ASN H 387 -0.13 31.95 -18.77
CA ASN H 387 -1.34 31.18 -18.90
C ASN H 387 -2.61 32.00 -18.91
N SER H 388 -2.59 33.18 -18.29
CA SER H 388 -3.82 33.92 -18.09
C SER H 388 -3.96 35.16 -18.97
N LEU H 389 -3.21 35.19 -20.07
CA LEU H 389 -3.29 36.31 -20.99
C LEU H 389 -4.43 36.14 -21.98
N TYR H 390 -4.53 34.96 -22.58
CA TYR H 390 -5.33 34.83 -23.80
C TYR H 390 -6.84 34.94 -23.54
N GLY H 391 -7.29 34.45 -22.39
CA GLY H 391 -8.70 34.49 -22.05
C GLY H 391 -9.27 35.90 -21.91
N LYS H 392 -8.37 36.83 -21.60
CA LYS H 392 -8.74 38.18 -21.26
C LYS H 392 -9.10 38.95 -22.54
N PHE H 393 -8.63 38.47 -23.69
CA PHE H 393 -8.99 39.06 -25.01
C PHE H 393 -10.47 38.92 -25.36
N ALA H 394 -11.08 37.81 -24.96
CA ALA H 394 -12.50 37.55 -25.26
C ALA H 394 -13.34 37.80 -24.02
N SER H 395 -12.95 38.81 -23.24
CA SER H 395 -13.73 39.26 -22.10
C SER H 395 -15.12 39.67 -22.63
N ASN H 396 -16.18 39.20 -21.98
CA ASN H 396 -17.54 39.53 -22.38
C ASN H 396 -17.87 40.99 -22.00
N PRO H 397 -18.32 41.79 -22.99
CA PRO H 397 -18.74 43.18 -22.75
C PRO H 397 -19.93 43.34 -21.80
N ASP H 398 -20.71 42.28 -21.57
CA ASP H 398 -21.82 42.34 -20.62
C ASP H 398 -21.36 42.07 -19.18
N VAL H 399 -21.05 43.14 -18.45
CA VAL H 399 -20.59 43.05 -17.04
C VAL H 399 -21.73 43.16 -16.02
N THR H 400 -22.96 42.84 -16.45
CA THR H 400 -24.13 42.89 -15.58
C THR H 400 -23.93 41.95 -14.41
N GLY H 401 -24.18 42.44 -13.20
CA GLY H 401 -23.95 41.67 -11.97
C GLY H 401 -25.20 41.19 -11.23
N LYS H 402 -24.96 40.51 -10.11
CA LYS H 402 -26.01 40.19 -9.15
C LYS H 402 -25.97 41.16 -7.98
N VAL H 403 -27.16 41.59 -7.54
CA VAL H 403 -27.31 42.47 -6.39
C VAL H 403 -27.67 41.59 -5.21
N PRO H 404 -26.91 41.68 -4.11
CA PRO H 404 -27.23 40.87 -2.94
C PRO H 404 -28.41 41.43 -2.18
N TYR H 405 -29.19 40.54 -1.57
CA TYR H 405 -30.24 40.96 -0.65
C TYR H 405 -30.61 39.85 0.32
N LEU H 406 -31.24 40.23 1.42
CA LEU H 406 -31.69 39.27 2.41
C LEU H 406 -33.10 38.84 2.07
N LYS H 407 -33.28 37.53 1.91
CA LYS H 407 -34.58 36.93 1.65
C LYS H 407 -35.46 37.00 2.91
N GLU H 408 -36.62 36.37 2.85
CA GLU H 408 -37.59 36.40 3.92
C GLU H 408 -37.12 35.59 5.11
N ASN H 409 -36.43 34.50 4.80
CA ASN H 409 -35.89 33.61 5.82
C ASN H 409 -34.61 34.10 6.50
N GLY H 410 -34.15 35.30 6.20
CA GLY H 410 -32.90 35.81 6.78
C GLY H 410 -31.61 35.48 6.00
N ALA H 411 -31.71 34.53 5.06
CA ALA H 411 -30.55 34.11 4.26
C ALA H 411 -30.34 35.02 3.05
N LEU H 412 -29.13 35.00 2.51
CA LEU H 412 -28.74 35.91 1.42
C LEU H 412 -29.31 35.40 0.12
N GLY H 413 -29.89 36.32 -0.66
CA GLY H 413 -30.40 36.00 -2.00
C GLY H 413 -29.75 36.92 -3.00
N PHE H 414 -29.90 36.60 -4.29
CA PHE H 414 -29.39 37.44 -5.37
C PHE H 414 -30.45 37.75 -6.42
N ARG H 415 -30.43 38.98 -6.94
CA ARG H 415 -31.28 39.41 -8.04
C ARG H 415 -30.41 40.00 -9.10
N LEU H 416 -30.69 39.70 -10.35
CA LEU H 416 -29.97 40.31 -11.48
C LEU H 416 -30.09 41.83 -11.36
N GLY H 417 -29.01 42.54 -11.65
CA GLY H 417 -28.97 43.99 -11.50
C GLY H 417 -29.17 44.68 -12.82
N GLU H 418 -28.90 45.99 -12.83
CA GLU H 418 -29.05 46.83 -14.03
C GLU H 418 -28.16 46.35 -15.14
N GLU H 419 -28.63 46.45 -16.38
CA GLU H 419 -27.84 46.06 -17.53
C GLU H 419 -26.63 46.96 -17.62
N GLU H 420 -25.46 46.36 -17.79
CA GLU H 420 -24.20 47.08 -17.80
C GLU H 420 -23.29 46.56 -18.88
N THR H 421 -22.95 47.46 -19.82
CA THR H 421 -22.10 47.15 -20.97
C THR H 421 -20.76 47.84 -20.84
N LYS H 422 -19.72 47.20 -21.36
CA LYS H 422 -18.34 47.64 -21.19
C LYS H 422 -17.62 47.47 -22.51
N ASP H 423 -16.59 48.27 -22.75
CA ASP H 423 -15.85 48.18 -24.01
C ASP H 423 -15.23 46.77 -24.16
N PRO H 424 -15.46 46.11 -25.32
CA PRO H 424 -14.73 44.86 -25.59
C PRO H 424 -13.22 45.07 -25.66
N VAL H 425 -12.48 44.01 -25.43
CA VAL H 425 -11.05 44.00 -25.68
C VAL H 425 -10.85 43.65 -27.17
N TYR H 426 -10.68 42.38 -27.50
CA TYR H 426 -10.56 41.96 -28.90
C TYR H 426 -10.86 40.48 -29.05
N THR H 427 -12.14 40.15 -29.09
CA THR H 427 -12.62 38.75 -29.13
C THR H 427 -12.05 37.88 -30.30
N PRO H 428 -11.80 38.49 -31.49
CA PRO H 428 -11.19 37.67 -32.56
C PRO H 428 -9.97 36.89 -32.10
N MET H 429 -9.06 37.57 -31.39
CA MET H 429 -7.85 36.94 -30.85
C MET H 429 -8.13 35.71 -29.98
N GLY H 430 -9.21 35.71 -29.22
CA GLY H 430 -9.58 34.52 -28.45
C GLY H 430 -10.07 33.42 -29.38
N VAL H 431 -11.00 33.76 -30.26
CA VAL H 431 -11.51 32.83 -31.26
C VAL H 431 -10.35 32.04 -31.87
N PHE H 432 -9.37 32.76 -32.38
CA PHE H 432 -8.28 32.13 -33.13
C PHE H 432 -7.24 31.44 -32.25
N ILE H 433 -6.98 31.96 -31.06
CA ILE H 433 -6.07 31.27 -30.15
C ILE H 433 -6.60 29.89 -29.78
N THR H 434 -7.86 29.79 -29.34
CA THR H 434 -8.45 28.46 -29.01
C THR H 434 -8.64 27.59 -30.27
N ALA H 435 -8.91 28.21 -31.42
CA ALA H 435 -9.03 27.47 -32.68
C ALA H 435 -7.72 26.76 -33.03
N TRP H 436 -6.64 27.50 -33.07
CA TRP H 436 -5.34 26.89 -33.33
C TRP H 436 -4.99 25.82 -32.27
N ALA H 437 -5.38 26.02 -31.02
CA ALA H 437 -5.26 24.99 -29.98
C ALA H 437 -5.97 23.69 -30.40
N ARG H 438 -7.25 23.79 -30.76
CA ARG H 438 -8.01 22.61 -31.23
C ARG H 438 -7.37 22.00 -32.45
N TYR H 439 -7.05 22.86 -33.41
CA TYR H 439 -6.34 22.39 -34.59
C TYR H 439 -5.11 21.53 -34.21
N THR H 440 -4.36 21.94 -33.18
CA THR H 440 -3.17 21.22 -32.76
C THR H 440 -3.53 19.84 -32.20
N THR H 441 -4.48 19.82 -31.27
CA THR H 441 -4.90 18.58 -30.65
C THR H 441 -5.58 17.69 -31.69
N ILE H 442 -6.52 18.24 -32.45
CA ILE H 442 -7.33 17.41 -33.32
C ILE H 442 -6.46 16.72 -34.35
N THR H 443 -5.56 17.46 -34.98
CA THR H 443 -4.78 16.90 -36.09
C THR H 443 -3.86 15.80 -35.56
N ALA H 444 -3.27 16.01 -34.38
CA ALA H 444 -2.45 14.96 -33.77
C ALA H 444 -3.29 13.70 -33.54
N ALA H 445 -4.50 13.86 -33.01
CA ALA H 445 -5.37 12.71 -32.71
C ALA H 445 -5.78 11.96 -33.97
N GLN H 446 -6.20 12.69 -34.99
CA GLN H 446 -6.61 12.11 -36.27
C GLN H 446 -5.47 11.38 -36.94
N ALA H 447 -4.26 11.93 -36.79
CA ALA H 447 -3.06 11.28 -37.33
C ALA H 447 -2.82 9.92 -36.66
N CYS H 448 -3.26 9.78 -35.42
CA CYS H 448 -3.19 8.51 -34.71
C CYS H 448 -4.56 7.85 -34.59
N TYR H 449 -5.38 7.94 -35.64
CA TYR H 449 -6.79 7.48 -35.59
C TYR H 449 -6.96 6.01 -35.15
N ASP H 450 -6.05 5.15 -35.59
CA ASP H 450 -6.13 3.73 -35.27
C ASP H 450 -5.81 3.46 -33.80
N ARG H 451 -5.22 4.43 -33.11
CA ARG H 451 -4.85 4.27 -31.72
C ARG H 451 -5.60 5.17 -30.73
N ILE H 452 -6.34 6.17 -31.21
CA ILE H 452 -6.82 7.24 -30.34
C ILE H 452 -8.03 6.82 -29.46
N ILE H 453 -7.93 7.13 -28.17
CA ILE H 453 -8.96 6.82 -27.19
C ILE H 453 -9.71 8.09 -26.80
N TYR H 454 -8.95 9.12 -26.45
CA TYR H 454 -9.51 10.29 -25.78
C TYR H 454 -8.64 11.53 -26.00
N CYS H 455 -9.29 12.68 -26.16
CA CYS H 455 -8.60 13.98 -26.13
C CYS H 455 -9.15 14.86 -25.03
N ASP H 456 -8.34 15.80 -24.58
CA ASP H 456 -8.82 16.82 -23.66
C ASP H 456 -7.98 18.09 -23.72
N THR H 457 -8.35 18.97 -24.63
CA THR H 457 -7.78 20.32 -24.72
C THR H 457 -6.35 20.32 -25.24
N ASP H 458 -5.41 19.83 -24.43
CA ASP H 458 -3.98 19.80 -24.81
C ASP H 458 -3.34 18.44 -24.54
N SER H 459 -4.11 17.37 -24.69
CA SER H 459 -3.58 16.02 -24.46
C SER H 459 -4.34 14.99 -25.25
N ILE H 460 -3.60 13.99 -25.74
CA ILE H 460 -4.19 12.88 -26.47
C ILE H 460 -3.80 11.57 -25.79
N HIS H 461 -4.78 10.67 -25.65
CA HIS H 461 -4.56 9.38 -25.00
C HIS H 461 -4.60 8.33 -26.10
N LEU H 462 -3.61 7.45 -26.15
CA LEU H 462 -3.54 6.39 -27.16
C LEU H 462 -3.58 5.04 -26.50
N THR H 463 -3.87 4.00 -27.28
CA THR H 463 -3.65 2.62 -26.84
C THR H 463 -2.24 2.25 -27.23
N GLY H 464 -1.68 1.25 -26.58
CA GLY H 464 -0.28 0.86 -26.82
C GLY H 464 0.73 1.77 -26.11
N THR H 465 2.00 1.39 -26.16
CA THR H 465 3.03 2.08 -25.37
C THR H 465 4.22 2.61 -26.18
N GLU H 466 4.26 2.31 -27.47
CA GLU H 466 5.34 2.79 -28.32
C GLU H 466 4.92 4.13 -28.95
N ILE H 467 5.88 5.03 -29.15
CA ILE H 467 5.58 6.35 -29.71
C ILE H 467 5.32 6.24 -31.22
N PRO H 468 4.10 6.58 -31.68
CA PRO H 468 3.78 6.54 -33.12
C PRO H 468 4.78 7.31 -33.98
N ASP H 469 5.22 6.69 -35.07
CA ASP H 469 6.14 7.35 -35.99
C ASP H 469 5.54 8.64 -36.53
N VAL H 470 4.24 8.64 -36.76
CA VAL H 470 3.60 9.77 -37.42
C VAL H 470 3.74 11.06 -36.62
N ILE H 471 3.91 10.93 -35.28
CA ILE H 471 4.12 12.11 -34.42
C ILE H 471 5.52 12.19 -33.80
N LYS H 472 6.38 11.23 -34.10
CA LYS H 472 7.72 11.17 -33.51
C LYS H 472 8.43 12.52 -33.58
N ASP H 473 8.32 13.19 -34.72
CA ASP H 473 9.05 14.43 -34.94
C ASP H 473 8.51 15.61 -34.14
N ILE H 474 7.28 15.52 -33.63
CA ILE H 474 6.71 16.62 -32.83
C ILE H 474 6.60 16.26 -31.34
N VAL H 475 7.49 15.40 -30.87
CA VAL H 475 7.50 14.92 -29.48
C VAL H 475 8.79 15.32 -28.77
N ASP H 476 8.64 16.00 -27.64
CA ASP H 476 9.77 16.45 -26.84
C ASP H 476 9.23 16.76 -25.46
N PRO H 477 10.01 16.50 -24.40
CA PRO H 477 9.46 16.72 -23.07
C PRO H 477 9.38 18.17 -22.64
N LYS H 478 10.09 19.08 -23.32
CA LYS H 478 10.16 20.48 -22.88
C LYS H 478 9.78 21.51 -23.95
N LYS H 479 10.33 21.34 -25.16
CA LYS H 479 10.18 22.30 -26.27
C LYS H 479 8.73 22.80 -26.45
N LEU H 480 8.58 24.13 -26.56
CA LEU H 480 7.26 24.80 -26.61
C LEU H 480 6.44 24.37 -27.84
N GLY H 481 5.20 23.98 -27.59
CA GLY H 481 4.31 23.53 -28.65
C GLY H 481 4.58 22.13 -29.17
N TYR H 482 5.54 21.41 -28.58
CA TYR H 482 5.74 19.99 -28.91
C TYR H 482 4.97 19.15 -27.91
N TRP H 483 4.79 17.88 -28.25
CA TRP H 483 4.09 16.94 -27.38
C TRP H 483 5.08 16.24 -26.47
N ALA H 484 4.72 16.12 -25.20
CA ALA H 484 5.51 15.33 -24.26
C ALA H 484 4.75 14.05 -23.95
N HIS H 485 5.48 12.94 -23.98
CA HIS H 485 4.99 11.67 -23.47
C HIS H 485 4.98 11.75 -21.95
N GLU H 486 3.84 12.12 -21.38
CA GLU H 486 3.76 12.44 -19.96
C GLU H 486 3.51 11.20 -19.13
N SER H 487 2.83 10.22 -19.69
CA SER H 487 2.32 9.10 -18.90
C SER H 487 2.26 7.80 -19.71
N THR H 488 2.19 6.68 -18.98
CA THR H 488 1.95 5.35 -19.59
C THR H 488 1.21 4.45 -18.60
N PHE H 489 0.09 3.86 -19.02
CA PHE H 489 -0.73 3.04 -18.11
C PHE H 489 -0.90 1.59 -18.54
N LYS H 490 -1.24 0.76 -17.57
CA LYS H 490 -1.32 -0.70 -17.72
C LYS H 490 -2.72 -1.09 -18.14
N ARG H 491 -3.70 -0.52 -17.46
CA ARG H 491 -5.08 -0.63 -17.85
C ARG H 491 -5.77 0.71 -17.63
N ALA H 492 -7.05 0.80 -17.97
CA ALA H 492 -7.78 2.07 -17.87
C ALA H 492 -9.25 1.90 -18.23
N LYS H 493 -10.06 2.86 -17.80
CA LYS H 493 -11.48 2.89 -18.14
C LYS H 493 -11.89 4.33 -18.31
N TYR H 494 -12.45 4.64 -19.47
CA TYR H 494 -13.01 5.95 -19.75
C TYR H 494 -14.53 5.81 -19.85
N LEU H 495 -15.26 6.69 -19.17
CA LEU H 495 -16.72 6.66 -19.16
C LEU H 495 -17.28 7.75 -20.02
N ARG H 496 -16.88 8.98 -19.74
CA ARG H 496 -17.37 10.15 -20.48
C ARG H 496 -16.22 11.14 -20.60
N GLN H 497 -16.50 12.32 -21.15
CA GLN H 497 -15.52 13.41 -21.17
C GLN H 497 -15.07 13.70 -19.75
N LYS H 498 -13.82 14.11 -19.61
CA LYS H 498 -13.23 14.43 -18.28
C LYS H 498 -13.65 13.44 -17.18
N THR H 499 -13.73 12.15 -17.53
CA THR H 499 -14.15 11.09 -16.60
C THR H 499 -13.51 9.74 -16.94
N TYR H 500 -12.38 9.46 -16.31
CA TYR H 500 -11.65 8.22 -16.53
C TYR H 500 -10.73 7.88 -15.35
N ILE H 501 -10.32 6.61 -15.27
CA ILE H 501 -9.35 6.16 -14.26
C ILE H 501 -8.24 5.43 -14.97
N GLN H 502 -7.05 5.39 -14.36
CA GLN H 502 -5.86 4.74 -14.97
C GLN H 502 -4.97 4.10 -13.93
N ASP H 503 -4.35 2.97 -14.27
CA ASP H 503 -3.27 2.39 -13.46
C ASP H 503 -1.93 2.75 -14.08
N ILE H 504 -1.37 3.87 -13.64
CA ILE H 504 -0.16 4.43 -14.25
C ILE H 504 1.04 3.66 -13.75
N TYR H 505 1.93 3.29 -14.67
CA TYR H 505 3.23 2.69 -14.30
C TYR H 505 4.08 3.70 -13.56
N MET H 506 4.74 3.24 -12.51
CA MET H 506 5.57 4.10 -11.70
C MET H 506 6.88 3.40 -11.37
N LYS H 507 7.93 4.20 -11.17
CA LYS H 507 9.25 3.71 -10.76
C LYS H 507 9.87 4.61 -9.69
N GLU H 508 10.72 4.01 -8.86
CA GLU H 508 11.40 4.70 -7.78
C GLU H 508 12.64 5.39 -8.28
N VAL H 509 12.62 6.72 -8.26
CA VAL H 509 13.78 7.54 -8.57
C VAL H 509 14.02 8.48 -7.38
N ASP H 510 15.14 8.27 -6.68
CA ASP H 510 15.52 9.01 -5.45
C ASP H 510 14.68 8.64 -4.20
N GLY H 511 14.15 7.42 -4.17
CA GLY H 511 13.19 7.02 -3.13
C GLY H 511 11.79 7.63 -3.27
N LYS H 512 11.52 8.32 -4.38
CA LYS H 512 10.21 8.91 -4.68
C LYS H 512 9.62 8.29 -5.95
N LEU H 513 8.28 8.24 -6.02
CA LEU H 513 7.59 7.70 -7.21
C LEU H 513 7.58 8.72 -8.35
N VAL H 514 7.69 8.23 -9.57
CA VAL H 514 7.81 9.09 -10.75
C VAL H 514 7.44 8.25 -11.97
N GLU H 515 6.92 8.89 -13.01
CA GLU H 515 6.32 8.15 -14.14
C GLU H 515 7.27 7.14 -14.74
N GLY H 516 6.88 5.87 -14.68
CA GLY H 516 7.66 4.76 -15.22
C GLY H 516 7.14 4.28 -16.55
N SER H 517 7.62 3.10 -16.96
CA SER H 517 7.22 2.46 -18.22
C SER H 517 7.17 0.95 -18.01
N PRO H 518 6.52 0.20 -18.92
CA PRO H 518 6.27 -1.21 -18.61
C PRO H 518 7.55 -2.07 -18.54
N ASP H 519 8.62 -1.59 -19.17
CA ASP H 519 9.95 -2.18 -19.02
C ASP H 519 10.55 -1.85 -17.65
N ASP H 520 10.47 -0.58 -17.29
CA ASP H 520 11.08 -0.07 -16.07
C ASP H 520 10.02 0.47 -15.11
N TYR H 521 9.56 -0.39 -14.21
CA TYR H 521 8.54 0.01 -13.22
C TYR H 521 8.53 -0.91 -12.00
N THR H 522 8.29 -0.30 -10.83
CA THR H 522 8.19 -1.03 -9.55
C THR H 522 6.84 -0.81 -8.84
N ASP H 523 6.03 0.14 -9.32
CA ASP H 523 4.74 0.46 -8.69
C ASP H 523 3.66 0.82 -9.71
N ILE H 524 2.41 0.70 -9.27
CA ILE H 524 1.23 1.12 -10.04
C ILE H 524 0.49 2.15 -9.21
N LYS H 525 0.17 3.28 -9.84
CA LYS H 525 -0.57 4.35 -9.20
C LYS H 525 -1.97 4.38 -9.79
N PHE H 526 -2.97 4.23 -8.93
CA PHE H 526 -4.37 4.29 -9.36
C PHE H 526 -4.77 5.77 -9.42
N SER H 527 -5.06 6.27 -10.60
CA SER H 527 -5.38 7.69 -10.79
C SER H 527 -6.84 7.86 -11.22
N VAL H 528 -7.56 8.81 -10.61
CA VAL H 528 -8.98 9.05 -10.90
C VAL H 528 -9.22 10.50 -11.29
N LYS H 529 -9.64 10.75 -12.53
CA LYS H 529 -9.86 12.11 -13.01
C LYS H 529 -11.30 12.31 -13.46
N CYS H 530 -12.16 12.79 -12.57
CA CYS H 530 -13.58 12.91 -12.90
C CYS H 530 -14.14 14.30 -12.57
N ALA H 531 -14.59 15.02 -13.59
CA ALA H 531 -15.06 16.42 -13.43
C ALA H 531 -16.06 16.53 -12.27
N GLY H 532 -15.74 17.34 -11.27
CA GLY H 532 -16.63 17.57 -10.11
C GLY H 532 -16.34 16.72 -8.87
N MET H 533 -15.53 15.67 -9.02
CA MET H 533 -15.32 14.68 -7.93
C MET H 533 -14.26 15.22 -6.95
N THR H 534 -14.56 15.12 -5.64
CA THR H 534 -13.64 15.55 -4.57
C THR H 534 -12.74 14.42 -4.15
N ASP H 535 -11.62 14.76 -3.50
CA ASP H 535 -10.64 13.77 -3.01
C ASP H 535 -11.32 12.64 -2.25
N LYS H 536 -12.24 13.00 -1.36
CA LYS H 536 -12.96 12.02 -0.57
C LYS H 536 -13.71 11.03 -1.47
N ILE H 537 -14.47 11.54 -2.45
CA ILE H 537 -15.21 10.66 -3.38
C ILE H 537 -14.26 9.86 -4.26
N LYS H 538 -13.12 10.46 -4.62
CA LYS H 538 -12.12 9.77 -5.45
C LYS H 538 -11.66 8.49 -4.79
N LYS H 539 -11.44 8.52 -3.48
CA LYS H 539 -11.00 7.29 -2.80
C LYS H 539 -12.11 6.26 -2.55
N GLU H 540 -13.36 6.61 -2.85
CA GLU H 540 -14.42 5.61 -2.93
C GLU H 540 -14.31 4.83 -4.24
N VAL H 541 -13.80 5.46 -5.30
CA VAL H 541 -13.75 4.83 -6.63
C VAL H 541 -12.76 3.64 -6.69
N THR H 542 -13.18 2.61 -7.44
CA THR H 542 -12.41 1.41 -7.69
C THR H 542 -12.62 1.00 -9.16
N PHE H 543 -11.69 0.23 -9.73
CA PHE H 543 -11.87 -0.24 -11.09
C PHE H 543 -13.25 -0.87 -11.29
N GLU H 544 -13.63 -1.76 -10.38
CA GLU H 544 -14.88 -2.50 -10.58
C GLU H 544 -16.16 -1.72 -10.27
N ASN H 545 -16.09 -0.61 -9.54
CA ASN H 545 -17.30 0.21 -9.25
C ASN H 545 -17.47 1.48 -10.11
N PHE H 546 -16.48 1.72 -10.98
CA PHE H 546 -16.42 2.94 -11.81
C PHE H 546 -17.24 2.73 -13.08
N LYS H 547 -18.48 3.19 -13.03
CA LYS H 547 -19.41 3.05 -14.16
C LYS H 547 -20.53 4.08 -14.05
N VAL H 548 -21.19 4.37 -15.17
CA VAL H 548 -22.37 5.26 -15.17
C VAL H 548 -23.33 4.73 -14.10
N GLY H 549 -24.02 5.65 -13.42
CA GLY H 549 -24.82 5.28 -12.25
C GLY H 549 -24.05 5.40 -10.93
N PHE H 550 -22.71 5.30 -10.97
CA PHE H 550 -21.89 5.50 -9.77
C PHE H 550 -22.36 6.73 -9.02
N SER H 551 -22.75 6.53 -7.76
CA SER H 551 -23.40 7.56 -6.97
C SER H 551 -22.91 7.49 -5.55
N ARG H 552 -22.80 8.65 -4.91
CA ARG H 552 -22.15 8.78 -3.61
C ARG H 552 -22.62 10.11 -3.04
N LYS H 553 -23.11 10.13 -1.81
CA LYS H 553 -23.71 11.38 -1.26
C LYS H 553 -22.72 12.20 -0.42
N MET H 554 -21.68 12.70 -1.06
CA MET H 554 -20.56 13.27 -0.33
C MET H 554 -19.97 14.49 -1.06
N LYS H 555 -20.83 15.23 -1.75
CA LYS H 555 -20.43 16.40 -2.53
C LYS H 555 -20.88 17.64 -1.76
N PRO H 556 -19.91 18.39 -1.18
CA PRO H 556 -20.29 19.61 -0.49
C PRO H 556 -20.93 20.66 -1.40
N LYS H 557 -22.13 21.10 -1.02
CA LYS H 557 -22.90 22.10 -1.74
C LYS H 557 -23.11 23.33 -0.84
N PRO H 558 -22.70 24.52 -1.31
CA PRO H 558 -22.98 25.73 -0.55
C PRO H 558 -24.47 26.02 -0.50
N VAL H 559 -24.98 26.29 0.69
CA VAL H 559 -26.36 26.62 0.90
C VAL H 559 -26.41 27.92 1.71
N GLN H 560 -27.12 28.91 1.18
CA GLN H 560 -27.35 30.16 1.87
C GLN H 560 -28.36 29.95 2.99
N VAL H 561 -27.95 30.35 4.20
CA VAL H 561 -28.75 30.20 5.42
C VAL H 561 -28.53 31.46 6.28
N PRO H 562 -29.48 31.78 7.16
CA PRO H 562 -29.34 32.94 8.03
C PRO H 562 -27.94 33.05 8.63
N GLY H 563 -27.21 34.10 8.27
CA GLY H 563 -25.90 34.40 8.85
C GLY H 563 -24.75 34.05 7.95
N GLY H 564 -25.01 33.23 6.93
CA GLY H 564 -23.96 32.90 5.98
C GLY H 564 -24.21 31.70 5.10
N VAL H 565 -23.16 30.88 4.92
CA VAL H 565 -23.22 29.70 4.07
C VAL H 565 -22.72 28.49 4.82
N VAL H 566 -23.34 27.35 4.55
CA VAL H 566 -22.98 26.05 5.10
C VAL H 566 -22.92 25.05 3.96
N LEU H 567 -21.85 24.25 3.93
CA LEU H 567 -21.71 23.25 2.88
C LEU H 567 -22.45 22.00 3.33
N VAL H 568 -23.45 21.58 2.55
CA VAL H 568 -24.22 20.37 2.86
C VAL H 568 -23.92 19.30 1.82
N ASP H 569 -23.82 18.06 2.27
CA ASP H 569 -23.54 16.95 1.37
C ASP H 569 -24.69 16.72 0.41
N ASP H 570 -24.35 16.62 -0.88
CA ASP H 570 -25.32 16.44 -1.93
C ASP H 570 -24.96 15.18 -2.70
N THR H 571 -25.91 14.64 -3.46
CA THR H 571 -25.62 13.47 -4.28
C THR H 571 -24.67 13.86 -5.44
N PHE H 572 -23.65 13.03 -5.64
CA PHE H 572 -22.82 13.09 -6.83
C PHE H 572 -23.07 11.82 -7.64
N THR H 573 -23.25 11.97 -8.94
CA THR H 573 -23.57 10.82 -9.80
C THR H 573 -22.93 10.95 -11.18
N ILE H 574 -22.27 9.90 -11.62
CA ILE H 574 -21.73 9.86 -12.96
C ILE H 574 -22.92 9.56 -13.87
N LYS H 575 -23.23 10.52 -14.75
CA LYS H 575 -24.40 10.46 -15.62
C LYS H 575 -24.02 10.11 -17.06
N PRO I 5 -27.29 -46.53 -0.51
CA PRO I 5 -26.05 -46.11 -1.16
C PRO I 5 -26.30 -44.85 -1.96
N ARG I 6 -26.19 -43.70 -1.30
CA ARG I 6 -26.63 -42.44 -1.90
C ARG I 6 -25.49 -41.58 -2.40
N LYS I 7 -25.61 -41.09 -3.63
CA LYS I 7 -24.56 -40.27 -4.23
C LYS I 7 -24.55 -38.87 -3.65
N MET I 8 -23.34 -38.32 -3.53
CA MET I 8 -23.09 -36.94 -3.06
C MET I 8 -22.41 -36.17 -4.17
N TYR I 9 -22.75 -34.89 -4.33
CA TYR I 9 -22.10 -34.03 -5.33
C TYR I 9 -21.71 -32.66 -4.75
N SER I 10 -20.59 -32.10 -5.22
CA SER I 10 -20.18 -30.74 -4.89
C SER I 10 -20.58 -29.86 -6.03
N CYS I 11 -21.28 -28.76 -5.74
CA CYS I 11 -21.78 -27.85 -6.77
C CYS I 11 -21.43 -26.39 -6.53
N ALA I 12 -21.69 -25.57 -7.54
CA ALA I 12 -21.49 -24.13 -7.44
C ALA I 12 -22.16 -23.44 -8.64
N PHE I 13 -22.73 -22.27 -8.39
CA PHE I 13 -23.20 -21.39 -9.44
C PHE I 13 -22.28 -20.20 -9.60
N GLU I 14 -22.34 -19.61 -10.78
CA GLU I 14 -21.74 -18.33 -11.05
C GLU I 14 -22.87 -17.54 -11.68
N THR I 15 -23.17 -16.38 -11.09
CA THR I 15 -24.40 -15.67 -11.38
C THR I 15 -24.13 -14.25 -11.88
N THR I 16 -25.14 -13.61 -12.48
CA THR I 16 -25.02 -12.23 -12.96
C THR I 16 -25.26 -11.27 -11.82
N THR I 17 -24.74 -10.05 -11.93
CA THR I 17 -24.80 -9.11 -10.83
C THR I 17 -25.58 -7.88 -11.20
N LYS I 18 -26.64 -8.06 -12.00
CA LYS I 18 -27.57 -6.96 -12.34
C LYS I 18 -28.86 -7.13 -11.54
N VAL I 19 -29.27 -6.09 -10.82
CA VAL I 19 -30.49 -6.14 -10.01
C VAL I 19 -31.73 -6.37 -10.88
N GLU I 20 -31.80 -5.62 -11.98
CA GLU I 20 -32.85 -5.79 -13.00
C GLU I 20 -32.65 -7.00 -13.91
N ASP I 21 -31.52 -7.69 -13.82
CA ASP I 21 -31.29 -8.94 -14.59
C ASP I 21 -30.36 -9.93 -13.89
N CYS I 22 -30.93 -10.80 -13.05
CA CYS I 22 -30.20 -11.68 -12.16
C CYS I 22 -30.50 -13.13 -12.48
N ARG I 23 -29.46 -13.90 -12.81
CA ARG I 23 -29.61 -15.30 -13.20
C ARG I 23 -28.28 -16.04 -13.17
N VAL I 24 -28.35 -17.36 -13.17
CA VAL I 24 -27.16 -18.18 -13.25
C VAL I 24 -26.61 -18.11 -14.67
N TRP I 25 -25.29 -17.90 -14.81
CA TRP I 25 -24.66 -17.96 -16.15
C TRP I 25 -23.74 -19.16 -16.29
N ALA I 26 -23.40 -19.79 -15.17
CA ALA I 26 -22.64 -21.01 -15.19
C ALA I 26 -22.96 -21.81 -13.94
N TYR I 27 -23.09 -23.13 -14.13
CA TYR I 27 -23.26 -24.09 -13.04
C TYR I 27 -22.16 -25.13 -13.14
N GLY I 28 -21.87 -25.78 -12.02
CA GLY I 28 -20.98 -26.92 -11.99
C GLY I 28 -21.42 -27.93 -10.95
N TYR I 29 -21.26 -29.21 -11.26
CA TYR I 29 -21.42 -30.28 -10.27
C TYR I 29 -20.30 -31.31 -10.46
N MET I 30 -19.94 -31.98 -9.37
CA MET I 30 -18.89 -33.00 -9.38
C MET I 30 -19.11 -34.02 -8.28
N ASN I 31 -19.08 -35.29 -8.65
CA ASN I 31 -19.33 -36.38 -7.71
C ASN I 31 -18.23 -36.39 -6.65
N ILE I 32 -18.63 -36.26 -5.38
CA ILE I 32 -17.66 -36.19 -4.29
C ILE I 32 -16.79 -37.44 -4.15
N GLU I 33 -17.35 -38.61 -4.49
CA GLU I 33 -16.62 -39.89 -4.38
C GLU I 33 -15.94 -40.33 -5.66
N ASP I 34 -16.04 -39.51 -6.71
CA ASP I 34 -15.39 -39.81 -7.97
C ASP I 34 -15.27 -38.52 -8.76
N HIS I 35 -14.17 -37.81 -8.54
CA HIS I 35 -14.01 -36.44 -9.05
C HIS I 35 -13.89 -36.36 -10.57
N SER I 36 -13.74 -37.50 -11.23
CA SER I 36 -13.67 -37.52 -12.68
C SER I 36 -15.06 -37.41 -13.31
N GLU I 37 -16.10 -37.57 -12.50
CA GLU I 37 -17.50 -37.41 -12.93
C GLU I 37 -17.95 -36.02 -12.53
N TYR I 38 -18.01 -35.12 -13.49
CA TYR I 38 -18.38 -33.75 -13.20
C TYR I 38 -18.89 -33.12 -14.50
N LYS I 39 -19.66 -32.04 -14.37
CA LYS I 39 -20.10 -31.29 -15.54
C LYS I 39 -20.14 -29.83 -15.24
N ILE I 40 -19.77 -29.03 -16.22
CA ILE I 40 -19.99 -27.59 -16.21
C ILE I 40 -20.90 -27.21 -17.37
N GLY I 41 -21.83 -26.29 -17.13
CA GLY I 41 -22.69 -25.76 -18.17
C GLY I 41 -23.23 -24.38 -17.84
N ASN I 42 -24.07 -23.85 -18.72
CA ASN I 42 -24.42 -22.43 -18.73
C ASN I 42 -25.91 -22.18 -18.56
N SER I 43 -26.60 -23.10 -17.92
CA SER I 43 -28.07 -23.05 -17.86
C SER I 43 -28.61 -23.64 -16.55
N LEU I 44 -29.31 -22.81 -15.80
CA LEU I 44 -29.93 -23.25 -14.56
C LEU I 44 -30.99 -24.32 -14.80
N ASP I 45 -31.74 -24.20 -15.90
CA ASP I 45 -32.79 -25.19 -16.24
C ASP I 45 -32.15 -26.55 -16.46
N GLU I 46 -31.05 -26.58 -17.19
CA GLU I 46 -30.32 -27.81 -17.46
C GLU I 46 -29.82 -28.44 -16.17
N PHE I 47 -29.27 -27.61 -15.28
CA PHE I 47 -28.83 -28.09 -13.98
C PHE I 47 -30.01 -28.61 -13.18
N MET I 48 -31.10 -27.85 -13.16
CA MET I 48 -32.28 -28.29 -12.40
C MET I 48 -32.92 -29.57 -12.94
N ALA I 49 -32.93 -29.76 -14.25
CA ALA I 49 -33.42 -31.02 -14.79
C ALA I 49 -32.57 -32.19 -14.23
N TRP I 50 -31.26 -32.00 -14.13
CA TRP I 50 -30.38 -33.01 -13.53
C TRP I 50 -30.69 -33.21 -12.06
N VAL I 51 -30.90 -32.11 -11.33
CA VAL I 51 -31.26 -32.18 -9.90
C VAL I 51 -32.50 -33.04 -9.63
N LEU I 52 -33.55 -32.87 -10.44
CA LEU I 52 -34.78 -33.66 -10.25
C LEU I 52 -34.56 -35.14 -10.61
N LYS I 53 -33.63 -35.38 -11.53
CA LYS I 53 -33.36 -36.71 -12.04
C LYS I 53 -32.46 -37.50 -11.10
N VAL I 54 -31.38 -36.85 -10.63
CA VAL I 54 -30.20 -37.55 -10.07
C VAL I 54 -30.45 -38.18 -8.69
N GLN I 55 -31.48 -37.73 -7.98
CA GLN I 55 -31.88 -38.31 -6.67
C GLN I 55 -30.71 -38.51 -5.74
N ALA I 56 -29.93 -37.45 -5.54
CA ALA I 56 -28.70 -37.55 -4.77
C ALA I 56 -28.69 -36.48 -3.70
N ASP I 57 -27.56 -36.36 -3.02
CA ASP I 57 -27.34 -35.27 -2.09
C ASP I 57 -26.38 -34.28 -2.74
N LEU I 58 -26.71 -33.01 -2.63
CA LEU I 58 -25.88 -31.98 -3.21
C LEU I 58 -25.40 -31.00 -2.15
N TYR I 59 -24.21 -30.45 -2.38
CA TYR I 59 -23.59 -29.48 -1.51
C TYR I 59 -23.20 -28.21 -2.27
N PHE I 60 -23.76 -27.08 -1.84
CA PHE I 60 -23.26 -25.76 -2.25
C PHE I 60 -22.52 -25.14 -1.09
N HIS I 61 -21.50 -24.35 -1.40
CA HIS I 61 -20.77 -23.64 -0.37
C HIS I 61 -21.40 -22.28 -0.15
N ASN I 62 -21.99 -22.12 1.03
CA ASN I 62 -22.88 -20.99 1.35
C ASN I 62 -24.20 -21.09 0.57
N LEU I 63 -25.04 -22.05 0.99
CA LEU I 63 -26.34 -22.36 0.37
C LEU I 63 -27.31 -21.17 0.42
N LYS I 64 -27.28 -20.42 1.51
CA LYS I 64 -27.96 -19.12 1.59
C LYS I 64 -27.97 -18.44 0.22
N PHE I 65 -26.81 -18.39 -0.42
CA PHE I 65 -26.67 -17.71 -1.70
C PHE I 65 -27.24 -18.54 -2.85
N ALA I 66 -26.61 -19.69 -3.13
CA ALA I 66 -27.09 -20.56 -4.21
C ALA I 66 -28.60 -20.80 -4.07
N GLY I 67 -29.04 -21.12 -2.86
CA GLY I 67 -30.39 -21.53 -2.58
C GLY I 67 -31.48 -20.55 -2.98
N ALA I 68 -31.18 -19.25 -2.88
CA ALA I 68 -32.09 -18.24 -3.38
C ALA I 68 -32.36 -18.48 -4.86
N PHE I 69 -31.33 -18.75 -5.65
CA PHE I 69 -31.53 -19.05 -7.08
C PHE I 69 -32.37 -20.31 -7.29
N ILE I 70 -32.12 -21.35 -6.50
CA ILE I 70 -32.83 -22.64 -6.65
C ILE I 70 -34.32 -22.51 -6.32
N ILE I 71 -34.65 -21.82 -5.22
CA ILE I 71 -36.04 -21.66 -4.82
C ILE I 71 -36.81 -20.79 -5.85
N ASN I 72 -36.13 -19.81 -6.42
CA ASN I 72 -36.68 -18.94 -7.47
C ASN I 72 -37.12 -19.78 -8.65
N TRP I 73 -36.27 -20.71 -9.07
CA TRP I 73 -36.62 -21.68 -10.14
C TRP I 73 -37.77 -22.61 -9.76
N LEU I 74 -37.67 -23.20 -8.58
CA LEU I 74 -38.68 -24.14 -8.12
C LEU I 74 -40.09 -23.53 -8.15
N GLU I 75 -40.20 -22.31 -7.62
CA GLU I 75 -41.46 -21.59 -7.55
C GLU I 75 -41.98 -21.13 -8.94
N ARG I 76 -41.20 -21.37 -9.99
CA ARG I 76 -41.55 -20.98 -11.35
C ARG I 76 -41.69 -22.20 -12.25
N ASN I 77 -41.61 -23.39 -11.65
CA ASN I 77 -41.59 -24.63 -12.40
C ASN I 77 -42.38 -25.74 -11.70
N GLY I 78 -43.47 -25.37 -11.04
CA GLY I 78 -44.44 -26.35 -10.51
C GLY I 78 -44.24 -26.84 -9.09
N PHE I 79 -43.26 -26.28 -8.37
CA PHE I 79 -43.00 -26.67 -6.98
C PHE I 79 -43.47 -25.61 -6.03
N LYS I 80 -44.15 -26.03 -4.97
CA LYS I 80 -44.51 -25.14 -3.89
C LYS I 80 -43.94 -25.69 -2.56
N TRP I 81 -43.83 -24.82 -1.56
CA TRP I 81 -43.25 -25.20 -0.28
C TRP I 81 -44.16 -26.13 0.48
N SER I 82 -43.60 -27.08 1.23
CA SER I 82 -44.40 -27.99 2.04
C SER I 82 -43.59 -28.68 3.14
N ALA I 83 -44.07 -28.57 4.37
CA ALA I 83 -43.40 -29.14 5.52
C ALA I 83 -43.40 -30.67 5.53
N ASP I 84 -44.36 -31.30 4.83
CA ASP I 84 -44.55 -32.77 4.91
C ASP I 84 -44.26 -33.55 3.62
N GLY I 85 -43.52 -32.95 2.69
CA GLY I 85 -42.96 -33.69 1.57
C GLY I 85 -43.96 -34.34 0.63
N LEU I 86 -44.88 -33.56 0.08
CA LEU I 86 -45.77 -34.09 -0.94
C LEU I 86 -45.05 -34.06 -2.30
N PRO I 87 -45.56 -34.81 -3.28
CA PRO I 87 -45.02 -34.75 -4.65
C PRO I 87 -45.05 -33.33 -5.22
N ASN I 88 -44.01 -32.99 -5.98
CA ASN I 88 -43.86 -31.64 -6.56
C ASN I 88 -43.98 -30.55 -5.51
N THR I 89 -43.42 -30.80 -4.33
CA THR I 89 -43.24 -29.76 -3.34
C THR I 89 -41.81 -29.80 -2.80
N TYR I 90 -41.47 -28.85 -1.96
CA TYR I 90 -40.13 -28.81 -1.38
C TYR I 90 -40.18 -28.25 0.03
N ASN I 91 -39.30 -28.76 0.86
CA ASN I 91 -39.21 -28.36 2.26
C ASN I 91 -37.83 -27.76 2.50
N THR I 92 -37.72 -26.91 3.52
CA THR I 92 -36.45 -26.28 3.84
C THR I 92 -36.18 -26.18 5.33
N ILE I 93 -34.91 -26.40 5.72
CA ILE I 93 -34.44 -25.98 7.06
C ILE I 93 -33.66 -24.68 6.89
N ILE I 94 -34.37 -23.57 7.11
CA ILE I 94 -33.82 -22.22 7.18
C ILE I 94 -34.29 -21.66 8.52
N SER I 95 -33.35 -21.22 9.35
CA SER I 95 -33.68 -20.81 10.72
C SER I 95 -34.12 -19.35 10.82
N ARG I 96 -34.56 -18.99 12.01
CA ARG I 96 -35.00 -17.63 12.32
C ARG I 96 -33.90 -16.61 12.03
N MET I 97 -32.65 -16.98 12.33
CA MET I 97 -31.48 -16.11 12.11
C MET I 97 -31.05 -15.92 10.65
N GLY I 98 -31.52 -16.78 9.75
CA GLY I 98 -31.10 -16.71 8.35
C GLY I 98 -29.94 -17.62 8.04
N GLN I 99 -29.80 -18.68 8.84
CA GLN I 99 -28.87 -19.77 8.58
C GLN I 99 -29.60 -20.82 7.80
N TRP I 100 -29.05 -21.15 6.62
CA TRP I 100 -29.64 -22.14 5.73
C TRP I 100 -28.97 -23.49 5.89
N TYR I 101 -29.77 -24.53 6.09
CA TYR I 101 -29.22 -25.88 6.24
C TYR I 101 -29.62 -26.86 5.12
N MET I 102 -30.85 -26.78 4.61
CA MET I 102 -31.38 -27.82 3.70
C MET I 102 -32.50 -27.33 2.76
N ILE I 103 -32.49 -27.83 1.54
CA ILE I 103 -33.64 -27.74 0.63
C ILE I 103 -33.94 -29.19 0.21
N ASP I 104 -35.13 -29.70 0.53
CA ASP I 104 -35.50 -31.10 0.25
C ASP I 104 -36.53 -31.13 -0.89
N ILE I 105 -36.06 -31.41 -2.09
CA ILE I 105 -36.91 -31.34 -3.28
C ILE I 105 -37.57 -32.71 -3.56
N CYS I 106 -38.87 -32.80 -3.28
CA CYS I 106 -39.60 -34.06 -3.34
C CYS I 106 -40.32 -34.27 -4.67
N LEU I 107 -40.01 -35.38 -5.33
CA LEU I 107 -40.69 -35.76 -6.59
C LEU I 107 -41.81 -36.76 -6.33
N GLY I 108 -41.50 -37.81 -5.59
CA GLY I 108 -42.52 -38.81 -5.32
C GLY I 108 -42.13 -39.91 -4.37
N TYR I 109 -42.84 -41.02 -4.48
CA TYR I 109 -42.67 -42.13 -3.56
C TYR I 109 -42.81 -43.46 -4.26
N LYS I 110 -41.97 -44.41 -3.85
CA LYS I 110 -42.20 -45.80 -4.15
C LYS I 110 -42.30 -46.47 -2.79
N GLY I 111 -43.54 -46.76 -2.38
CA GLY I 111 -43.81 -47.17 -1.01
C GLY I 111 -43.37 -46.10 -0.04
N LYS I 112 -42.75 -46.55 1.06
CA LYS I 112 -42.22 -45.65 2.09
C LYS I 112 -40.89 -44.98 1.67
N ARG I 113 -40.38 -45.35 0.50
CA ARG I 113 -39.13 -44.83 -0.03
C ARG I 113 -39.35 -43.51 -0.77
N LYS I 114 -38.77 -42.44 -0.24
CA LYS I 114 -38.96 -41.09 -0.80
C LYS I 114 -38.03 -40.85 -1.98
N ILE I 115 -38.57 -40.26 -3.05
CA ILE I 115 -37.82 -40.01 -4.25
C ILE I 115 -37.56 -38.52 -4.27
N HIS I 116 -36.29 -38.14 -4.09
CA HIS I 116 -35.96 -36.74 -3.87
C HIS I 116 -34.48 -36.43 -4.00
N THR I 117 -34.21 -35.14 -4.14
CA THR I 117 -32.86 -34.62 -4.05
C THR I 117 -32.83 -33.64 -2.89
N VAL I 118 -31.78 -33.73 -2.09
CA VAL I 118 -31.62 -32.88 -0.89
C VAL I 118 -30.38 -31.98 -1.05
N ILE I 119 -30.54 -30.69 -0.76
CA ILE I 119 -29.44 -29.75 -0.95
C ILE I 119 -28.98 -29.22 0.39
N TYR I 120 -27.68 -29.43 0.68
CA TYR I 120 -27.07 -29.04 1.94
C TYR I 120 -26.02 -27.95 1.73
N ASP I 121 -25.63 -27.31 2.84
CA ASP I 121 -24.61 -26.26 2.83
C ASP I 121 -23.25 -26.76 3.31
N SER I 122 -22.33 -26.97 2.37
CA SER I 122 -20.96 -27.37 2.72
C SER I 122 -20.34 -26.45 3.78
N LEU I 123 -20.66 -25.15 3.76
CA LEU I 123 -20.09 -24.20 4.77
C LEU I 123 -20.45 -24.53 6.25
N LYS I 124 -21.49 -25.32 6.48
CA LYS I 124 -21.83 -25.73 7.87
C LYS I 124 -20.96 -26.90 8.29
N LYS I 125 -20.40 -27.60 7.30
CA LYS I 125 -19.49 -28.71 7.56
C LYS I 125 -18.03 -28.28 7.50
N LEU I 126 -17.75 -27.24 6.72
CA LEU I 126 -16.43 -26.65 6.61
C LEU I 126 -16.60 -25.13 6.66
N PRO I 127 -16.61 -24.58 7.88
CA PRO I 127 -16.90 -23.19 8.17
C PRO I 127 -15.69 -22.24 7.90
N PHE I 128 -15.32 -22.20 6.65
CA PHE I 128 -14.23 -21.39 6.15
C PHE I 128 -14.57 -21.05 4.72
N PRO I 129 -14.00 -19.98 4.15
CA PRO I 129 -14.06 -19.80 2.71
C PRO I 129 -13.34 -20.89 1.92
N VAL I 130 -13.72 -21.04 0.65
CA VAL I 130 -13.10 -22.02 -0.27
C VAL I 130 -11.58 -21.88 -0.35
N LYS I 131 -11.09 -20.64 -0.44
CA LYS I 131 -9.64 -20.38 -0.50
C LYS I 131 -8.94 -20.85 0.75
N LYS I 132 -9.53 -20.60 1.92
CA LYS I 132 -8.93 -21.01 3.20
C LYS I 132 -8.89 -22.53 3.37
N ILE I 133 -9.87 -23.23 2.82
CA ILE I 133 -9.90 -24.68 2.89
C ILE I 133 -8.75 -25.22 2.06
N ALA I 134 -8.70 -24.81 0.80
CA ALA I 134 -7.61 -25.18 -0.09
C ALA I 134 -6.22 -25.05 0.59
N LYS I 135 -5.91 -23.84 1.06
CA LYS I 135 -4.63 -23.59 1.70
C LYS I 135 -4.40 -24.53 2.89
N ASP I 136 -5.38 -24.64 3.79
CA ASP I 136 -5.21 -25.41 5.02
C ASP I 136 -5.26 -26.92 4.80
N PHE I 137 -6.09 -27.34 3.84
CA PHE I 137 -6.22 -28.76 3.47
C PHE I 137 -5.19 -29.16 2.43
N LYS I 138 -4.37 -28.20 1.99
CA LYS I 138 -3.29 -28.48 1.04
C LYS I 138 -3.83 -29.03 -0.28
N LEU I 139 -4.92 -28.43 -0.75
CA LEU I 139 -5.55 -28.80 -2.01
C LEU I 139 -5.22 -27.74 -3.01
N THR I 140 -5.10 -28.13 -4.28
CA THR I 140 -4.84 -27.21 -5.37
C THR I 140 -5.92 -26.11 -5.46
N VAL I 141 -5.50 -24.85 -5.36
CA VAL I 141 -6.35 -23.69 -5.54
C VAL I 141 -5.74 -22.74 -6.56
N LEU I 142 -6.50 -22.37 -7.59
CA LEU I 142 -6.01 -21.43 -8.64
C LEU I 142 -6.01 -19.99 -8.13
N LYS I 143 -4.95 -19.24 -8.40
CA LYS I 143 -4.87 -17.84 -7.96
C LYS I 143 -5.75 -16.98 -8.82
N GLY I 144 -6.32 -15.95 -8.22
CA GLY I 144 -7.18 -15.01 -8.92
C GLY I 144 -8.65 -15.41 -8.89
N ASP I 145 -9.49 -14.61 -9.54
CA ASP I 145 -10.92 -14.84 -9.63
C ASP I 145 -11.41 -14.66 -11.05
N ILE I 146 -12.56 -15.27 -11.34
CA ILE I 146 -13.32 -14.95 -12.54
C ILE I 146 -13.67 -13.47 -12.49
N ASP I 147 -13.88 -12.85 -13.66
CA ASP I 147 -14.37 -11.46 -13.73
C ASP I 147 -15.88 -11.42 -13.44
N TYR I 148 -16.27 -11.04 -12.23
CA TYR I 148 -17.67 -11.15 -11.79
C TYR I 148 -18.67 -10.21 -12.49
N HIS I 149 -18.21 -9.08 -12.98
CA HIS I 149 -19.12 -8.11 -13.57
C HIS I 149 -19.22 -8.16 -15.10
N LYS I 150 -18.48 -9.07 -15.73
CA LYS I 150 -18.45 -9.17 -17.18
C LYS I 150 -19.88 -9.34 -17.76
N GLU I 151 -20.18 -8.52 -18.75
CA GLU I 151 -21.40 -8.62 -19.54
C GLU I 151 -21.54 -10.05 -20.05
N ARG I 152 -22.61 -10.73 -19.61
CA ARG I 152 -22.85 -12.10 -20.00
C ARG I 152 -24.31 -12.38 -20.32
N PRO I 153 -24.74 -12.12 -21.58
CA PRO I 153 -26.14 -12.34 -21.93
C PRO I 153 -26.59 -13.80 -21.78
N VAL I 154 -27.90 -14.01 -21.73
CA VAL I 154 -28.46 -15.35 -21.75
C VAL I 154 -27.79 -16.15 -22.83
N GLY I 155 -27.27 -17.33 -22.51
CA GLY I 155 -26.66 -18.21 -23.51
C GLY I 155 -25.19 -17.90 -23.78
N TYR I 156 -24.61 -17.05 -22.94
CA TYR I 156 -23.20 -16.73 -23.00
C TYR I 156 -22.38 -18.01 -22.88
N LYS I 157 -21.31 -18.08 -23.67
CA LYS I 157 -20.44 -19.24 -23.74
C LYS I 157 -19.36 -19.09 -22.68
N ILE I 158 -19.27 -20.09 -21.81
CA ILE I 158 -18.24 -20.17 -20.77
C ILE I 158 -16.87 -20.27 -21.43
N THR I 159 -15.89 -19.47 -20.98
CA THR I 159 -14.55 -19.53 -21.58
C THR I 159 -13.73 -20.65 -20.89
N PRO I 160 -12.59 -21.05 -21.51
CA PRO I 160 -11.71 -22.04 -20.85
C PRO I 160 -11.17 -21.59 -19.50
N GLU I 161 -10.88 -20.30 -19.38
CA GLU I 161 -10.34 -19.73 -18.14
C GLU I 161 -11.39 -19.75 -17.02
N GLU I 162 -12.65 -19.44 -17.36
CA GLU I 162 -13.77 -19.50 -16.40
C GLU I 162 -14.12 -20.95 -16.03
N TYR I 163 -14.06 -21.83 -17.03
CA TYR I 163 -14.19 -23.25 -16.82
C TYR I 163 -13.16 -23.73 -15.78
N ALA I 164 -11.89 -23.33 -15.97
CA ALA I 164 -10.83 -23.66 -15.01
C ALA I 164 -11.25 -23.27 -13.61
N TYR I 165 -11.78 -22.06 -13.48
CA TYR I 165 -12.13 -21.51 -12.16
C TYR I 165 -13.27 -22.28 -11.49
N ILE I 166 -14.32 -22.53 -12.24
CA ILE I 166 -15.47 -23.28 -11.71
C ILE I 166 -15.01 -24.69 -11.27
N LYS I 167 -14.30 -25.40 -12.14
CA LYS I 167 -13.95 -26.79 -11.82
C LYS I 167 -13.13 -26.83 -10.53
N ASN I 168 -12.22 -25.89 -10.37
CA ASN I 168 -11.41 -25.80 -9.17
C ASN I 168 -12.26 -25.60 -7.94
N ASP I 169 -13.17 -24.62 -8.00
CA ASP I 169 -14.07 -24.29 -6.85
C ASP I 169 -14.85 -25.55 -6.40
N ILE I 170 -15.44 -26.28 -7.33
CA ILE I 170 -16.22 -27.47 -6.96
C ILE I 170 -15.33 -28.63 -6.55
N GLN I 171 -14.15 -28.71 -7.16
CA GLN I 171 -13.19 -29.76 -6.83
C GLN I 171 -12.51 -29.58 -5.47
N ILE I 172 -12.25 -28.33 -5.06
CA ILE I 172 -11.67 -28.07 -3.74
C ILE I 172 -12.59 -28.63 -2.64
N ILE I 173 -13.89 -28.37 -2.78
CA ILE I 173 -14.90 -28.81 -1.81
C ILE I 173 -15.17 -30.33 -1.86
N ALA I 174 -15.13 -30.91 -3.05
CA ALA I 174 -15.26 -32.35 -3.20
C ALA I 174 -14.10 -33.07 -2.54
N GLU I 175 -12.90 -32.52 -2.65
CA GLU I 175 -11.73 -33.19 -2.09
C GLU I 175 -11.78 -33.15 -0.57
N ALA I 176 -12.13 -31.95 -0.05
CA ALA I 176 -12.22 -31.67 1.39
C ALA I 176 -13.33 -32.48 2.08
N LEU I 177 -14.53 -32.42 1.50
CA LEU I 177 -15.66 -33.18 2.04
C LEU I 177 -15.40 -34.68 2.01
N LEU I 178 -14.67 -35.16 1.00
CA LEU I 178 -14.43 -36.62 0.86
C LEU I 178 -13.51 -37.10 1.97
N ILE I 179 -12.49 -36.31 2.28
CA ILE I 179 -11.56 -36.65 3.36
C ILE I 179 -12.32 -36.61 4.67
N GLN I 180 -13.15 -35.59 4.81
CA GLN I 180 -14.03 -35.48 5.93
C GLN I 180 -14.90 -36.72 6.04
N PHE I 181 -15.63 -37.06 4.97
CA PHE I 181 -16.53 -38.20 4.99
C PHE I 181 -15.78 -39.50 5.31
N LYS I 182 -14.59 -39.67 4.73
CA LYS I 182 -13.74 -40.83 5.02
C LYS I 182 -13.31 -40.86 6.46
N GLN I 183 -13.20 -39.68 7.07
CA GLN I 183 -12.90 -39.61 8.50
C GLN I 183 -14.08 -40.05 9.39
N GLY I 184 -15.26 -40.23 8.79
CA GLY I 184 -16.44 -40.62 9.53
C GLY I 184 -17.28 -39.42 9.91
N LEU I 185 -16.90 -38.26 9.39
CA LEU I 185 -17.61 -37.02 9.70
C LEU I 185 -18.69 -36.78 8.64
N ASP I 186 -19.81 -37.48 8.82
CA ASP I 186 -20.86 -37.60 7.80
C ASP I 186 -22.16 -36.94 8.21
N ARG I 187 -22.11 -36.11 9.25
CA ARG I 187 -23.31 -35.43 9.72
C ARG I 187 -23.52 -34.12 8.95
N MET I 188 -24.58 -33.40 9.29
CA MET I 188 -25.00 -32.24 8.52
C MET I 188 -24.09 -31.03 8.74
N THR I 189 -23.53 -30.94 9.96
CA THR I 189 -22.70 -29.80 10.38
C THR I 189 -21.47 -30.23 11.19
N ALA I 190 -20.45 -29.37 11.22
CA ALA I 190 -19.31 -29.56 12.14
C ALA I 190 -19.75 -29.91 13.56
N GLY I 191 -20.69 -29.12 14.08
CA GLY I 191 -21.22 -29.27 15.44
C GLY I 191 -21.84 -30.62 15.71
N SER I 192 -22.56 -31.16 14.74
CA SER I 192 -23.15 -32.48 14.87
C SER I 192 -22.09 -33.57 14.93
N ASP I 193 -21.08 -33.43 14.06
CA ASP I 193 -19.94 -34.37 14.06
C ASP I 193 -19.25 -34.40 15.43
N SER I 194 -19.07 -33.21 16.02
CA SER I 194 -18.46 -33.12 17.35
C SER I 194 -19.32 -33.79 18.44
N LEU I 195 -20.58 -33.37 18.55
CA LEU I 195 -21.46 -33.91 19.58
C LEU I 195 -21.60 -35.42 19.47
N LYS I 196 -21.74 -35.94 18.26
CA LYS I 196 -21.89 -37.37 18.07
C LYS I 196 -20.64 -38.16 18.40
N GLY I 197 -19.48 -37.64 17.99
CA GLY I 197 -18.22 -38.30 18.27
C GLY I 197 -18.04 -38.42 19.76
N PHE I 198 -18.23 -37.30 20.45
CA PHE I 198 -18.21 -37.27 21.91
C PHE I 198 -19.18 -38.30 22.49
N LYS I 199 -20.43 -38.26 22.03
CA LYS I 199 -21.46 -39.19 22.47
C LYS I 199 -21.06 -40.66 22.25
N ASP I 200 -20.43 -40.96 21.12
CA ASP I 200 -19.91 -42.31 20.86
C ASP I 200 -18.82 -42.72 21.85
N ILE I 201 -17.99 -41.77 22.28
CA ILE I 201 -16.86 -42.08 23.18
C ILE I 201 -17.34 -42.36 24.60
N ILE I 202 -18.28 -41.58 25.09
CA ILE I 202 -18.84 -41.80 26.43
C ILE I 202 -20.02 -42.77 26.44
N THR I 203 -20.57 -43.07 25.25
CA THR I 203 -21.74 -43.95 25.13
C THR I 203 -23.02 -43.14 25.25
N THR I 204 -24.03 -43.50 24.47
CA THR I 204 -25.30 -42.78 24.53
C THR I 204 -25.99 -42.99 25.88
N LYS I 205 -26.00 -44.22 26.37
CA LYS I 205 -26.62 -44.52 27.65
C LYS I 205 -26.08 -43.57 28.72
N LYS I 206 -24.76 -43.53 28.82
CA LYS I 206 -24.07 -42.68 29.77
C LYS I 206 -24.42 -41.20 29.56
N PHE I 207 -24.45 -40.78 28.29
CA PHE I 207 -24.81 -39.41 27.96
C PHE I 207 -26.14 -39.01 28.56
N LYS I 208 -27.13 -39.89 28.42
CA LYS I 208 -28.49 -39.63 28.92
C LYS I 208 -28.57 -39.64 30.44
N LYS I 209 -27.68 -40.38 31.10
CA LYS I 209 -27.63 -40.38 32.55
C LYS I 209 -27.02 -39.09 33.07
N VAL I 210 -26.00 -38.62 32.38
CA VAL I 210 -25.11 -37.59 32.91
C VAL I 210 -25.54 -36.19 32.46
N PHE I 211 -26.16 -36.11 31.28
CA PHE I 211 -26.74 -34.86 30.78
C PHE I 211 -28.24 -35.08 30.55
N PRO I 212 -29.02 -35.13 31.63
CA PRO I 212 -30.46 -35.37 31.49
C PRO I 212 -31.22 -34.19 30.88
N THR I 213 -32.30 -34.50 30.15
CA THR I 213 -33.16 -33.50 29.52
C THR I 213 -33.99 -32.71 30.55
N LEU I 214 -33.55 -31.47 30.83
CA LEU I 214 -34.29 -30.56 31.70
C LEU I 214 -35.57 -30.07 31.03
N SER I 215 -36.54 -29.66 31.84
CA SER I 215 -37.75 -28.98 31.34
C SER I 215 -37.38 -27.62 30.77
N LEU I 216 -38.29 -27.06 29.97
CA LEU I 216 -38.03 -25.79 29.29
C LEU I 216 -37.89 -24.64 30.29
N GLY I 217 -38.71 -24.69 31.34
CA GLY I 217 -38.70 -23.68 32.38
C GLY I 217 -37.35 -23.53 33.06
N LEU I 218 -36.78 -24.65 33.48
CA LEU I 218 -35.44 -24.63 34.11
C LEU I 218 -34.38 -24.24 33.10
N ASP I 219 -34.42 -24.87 31.94
CA ASP I 219 -33.47 -24.58 30.84
C ASP I 219 -33.53 -23.13 30.36
N LYS I 220 -34.71 -22.52 30.37
CA LYS I 220 -34.86 -21.11 30.04
C LYS I 220 -34.17 -20.25 31.11
N GLU I 221 -34.24 -20.72 32.36
CA GLU I 221 -33.72 -20.01 33.52
C GLU I 221 -32.22 -20.10 33.49
N VAL I 222 -31.72 -21.33 33.49
CA VAL I 222 -30.29 -21.60 33.34
C VAL I 222 -29.71 -20.74 32.23
N ARG I 223 -30.35 -20.74 31.07
CA ARG I 223 -29.86 -19.97 29.91
C ARG I 223 -29.62 -18.49 30.23
N TYR I 224 -30.39 -17.92 31.15
CA TYR I 224 -30.16 -16.53 31.53
C TYR I 224 -28.70 -16.29 31.99
N ALA I 225 -28.04 -17.35 32.46
CA ALA I 225 -26.65 -17.28 32.88
C ALA I 225 -25.63 -17.70 31.78
N TYR I 226 -26.05 -17.67 30.52
CA TYR I 226 -25.18 -18.09 29.42
C TYR I 226 -24.71 -16.88 28.62
N ARG I 227 -23.42 -16.58 28.73
CA ARG I 227 -22.84 -15.40 28.12
C ARG I 227 -21.65 -15.79 27.24
N GLY I 228 -21.38 -14.95 26.25
CA GLY I 228 -20.28 -15.18 25.31
C GLY I 228 -18.94 -14.81 25.92
N GLY I 229 -17.99 -14.47 25.07
CA GLY I 229 -16.64 -14.15 25.52
C GLY I 229 -16.54 -12.83 26.27
N PHE I 230 -15.43 -12.66 26.97
CA PHE I 230 -15.08 -11.38 27.56
C PHE I 230 -14.33 -10.55 26.50
N THR I 231 -14.98 -9.51 25.98
CA THR I 231 -14.36 -8.57 25.04
C THR I 231 -14.46 -7.16 25.57
N TRP I 232 -13.34 -6.45 25.65
CA TRP I 232 -13.33 -5.21 26.42
C TRP I 232 -12.10 -4.31 26.10
N LEU I 233 -12.32 -3.00 26.03
CA LEU I 233 -11.25 -2.02 25.78
C LEU I 233 -11.12 -1.10 27.00
N ASN I 234 -9.91 -0.92 27.49
CA ASN I 234 -9.67 -0.03 28.63
C ASN I 234 -9.79 1.40 28.14
N ASP I 235 -10.54 2.21 28.87
CA ASP I 235 -10.84 3.57 28.42
C ASP I 235 -9.63 4.49 28.32
N ARG I 236 -8.60 4.26 29.14
CA ARG I 236 -7.31 4.96 28.99
C ARG I 236 -6.85 4.98 27.53
N PHE I 237 -7.01 3.84 26.86
CA PHE I 237 -6.45 3.61 25.53
C PHE I 237 -7.42 3.80 24.38
N LYS I 238 -8.68 4.08 24.70
CA LYS I 238 -9.72 4.23 23.70
C LYS I 238 -9.38 5.40 22.78
N GLU I 239 -9.40 5.15 21.48
CA GLU I 239 -9.14 6.18 20.46
C GLU I 239 -7.83 6.94 20.67
N LYS I 240 -6.79 6.27 21.17
CA LYS I 240 -5.48 6.90 21.37
C LYS I 240 -4.40 6.10 20.65
N GLU I 241 -3.56 6.81 19.89
CA GLU I 241 -2.42 6.17 19.22
C GLU I 241 -1.30 5.92 20.25
N ILE I 242 -0.91 4.65 20.39
CA ILE I 242 0.03 4.25 21.45
C ILE I 242 1.26 3.56 20.87
N GLY I 243 2.25 3.36 21.73
CA GLY I 243 3.55 2.86 21.30
C GLY I 243 3.68 1.35 21.37
N GLU I 244 4.85 0.89 21.77
CA GLU I 244 5.15 -0.53 21.86
C GLU I 244 4.22 -1.30 22.79
N GLY I 245 3.90 -2.52 22.39
CA GLY I 245 3.02 -3.37 23.19
C GLY I 245 3.09 -4.81 22.73
N MET I 246 2.38 -5.69 23.43
CA MET I 246 2.42 -7.12 23.12
C MET I 246 1.09 -7.84 23.38
N VAL I 247 0.93 -8.99 22.70
CA VAL I 247 -0.33 -9.74 22.65
C VAL I 247 -0.14 -11.18 23.13
N PHE I 248 -1.04 -11.65 24.00
CA PHE I 248 -1.04 -13.05 24.47
C PHE I 248 -2.31 -13.78 24.07
N ASP I 249 -2.18 -14.97 23.50
CA ASP I 249 -3.33 -15.83 23.12
C ASP I 249 -3.32 -17.09 23.97
N VAL I 250 -4.48 -17.44 24.54
CA VAL I 250 -4.65 -18.75 25.20
C VAL I 250 -4.64 -19.87 24.16
N ASN I 251 -3.82 -20.90 24.41
CA ASN I 251 -3.77 -22.09 23.54
C ASN I 251 -5.04 -22.91 23.74
N SER I 252 -5.93 -22.83 22.76
CA SER I 252 -7.18 -23.56 22.78
C SER I 252 -7.97 -23.34 24.08
N LEU I 253 -8.40 -22.10 24.27
CA LEU I 253 -9.16 -21.71 25.46
C LEU I 253 -10.24 -22.73 25.89
N TYR I 254 -11.24 -22.96 25.05
CA TYR I 254 -12.39 -23.75 25.44
C TYR I 254 -12.07 -25.25 25.72
N PRO I 255 -11.41 -25.93 24.77
CA PRO I 255 -10.91 -27.26 25.11
C PRO I 255 -10.09 -27.33 26.43
N ALA I 256 -9.28 -26.30 26.72
CA ALA I 256 -8.43 -26.34 27.90
C ALA I 256 -9.28 -26.27 29.15
N GLN I 257 -10.41 -25.59 29.06
CA GLN I 257 -11.37 -25.54 30.16
C GLN I 257 -12.04 -26.90 30.29
N MET I 258 -12.61 -27.36 29.19
CA MET I 258 -13.27 -28.65 29.12
C MET I 258 -12.38 -29.79 29.67
N TYR I 259 -11.06 -29.65 29.54
CA TYR I 259 -10.14 -30.72 29.89
C TYR I 259 -9.88 -30.82 31.38
N SER I 260 -9.81 -29.68 32.05
CA SER I 260 -9.32 -29.65 33.45
C SER I 260 -10.23 -28.96 34.46
N ARG I 261 -11.17 -28.13 34.01
CA ARG I 261 -12.05 -27.41 34.92
C ARG I 261 -13.15 -28.28 35.51
N LEU I 262 -13.59 -27.91 36.71
CA LEU I 262 -14.71 -28.56 37.38
C LEU I 262 -15.99 -28.12 36.64
N LEU I 263 -16.66 -29.06 35.99
CA LEU I 263 -17.82 -28.75 35.17
C LEU I 263 -19.06 -29.52 35.66
N PRO I 264 -20.26 -28.99 35.37
CA PRO I 264 -21.49 -29.54 35.95
C PRO I 264 -22.13 -30.65 35.14
N TYR I 265 -22.75 -31.60 35.82
CA TYR I 265 -23.52 -32.65 35.17
C TYR I 265 -24.68 -33.10 36.05
N GLY I 266 -25.46 -34.03 35.54
CA GLY I 266 -26.57 -34.58 36.29
C GLY I 266 -27.72 -33.62 36.48
N GLU I 267 -28.71 -34.04 37.26
CA GLU I 267 -29.90 -33.24 37.42
C GLU I 267 -29.66 -32.26 38.57
N PRO I 268 -30.21 -31.05 38.46
CA PRO I 268 -29.98 -30.05 39.47
C PRO I 268 -31.02 -30.05 40.58
N ILE I 269 -30.67 -29.44 41.70
CA ILE I 269 -31.57 -29.30 42.83
C ILE I 269 -31.88 -27.82 42.94
N VAL I 270 -33.16 -27.49 42.85
CA VAL I 270 -33.63 -26.12 43.02
C VAL I 270 -33.49 -25.77 44.49
N PHE I 271 -33.00 -24.56 44.76
CA PHE I 271 -32.86 -24.08 46.13
C PHE I 271 -33.27 -22.61 46.24
N GLU I 272 -33.84 -22.24 47.39
CA GLU I 272 -34.26 -20.87 47.67
C GLU I 272 -33.05 -20.07 48.17
N GLY I 273 -33.15 -18.74 48.10
CA GLY I 273 -32.17 -17.85 48.73
C GLY I 273 -30.72 -18.00 48.29
N LYS I 274 -29.81 -17.78 49.24
CA LYS I 274 -28.37 -17.94 49.00
C LYS I 274 -27.95 -19.42 49.03
N TYR I 275 -26.93 -19.76 48.26
CA TYR I 275 -26.45 -21.13 48.15
C TYR I 275 -25.69 -21.58 49.40
N VAL I 276 -26.26 -22.54 50.11
CA VAL I 276 -25.55 -23.21 51.19
C VAL I 276 -24.56 -24.16 50.52
N TRP I 277 -23.37 -24.28 51.12
CA TRP I 277 -22.29 -25.11 50.54
C TRP I 277 -22.70 -26.57 50.48
N ASP I 278 -22.28 -27.24 49.41
CA ASP I 278 -22.58 -28.65 49.22
C ASP I 278 -21.39 -29.30 48.52
N GLU I 279 -20.58 -30.02 49.28
CA GLU I 279 -19.50 -30.86 48.73
C GLU I 279 -19.99 -31.69 47.53
N ASP I 280 -21.18 -32.28 47.65
CA ASP I 280 -21.76 -33.14 46.58
C ASP I 280 -22.30 -32.35 45.39
N TYR I 281 -22.73 -31.11 45.63
CA TYR I 281 -23.25 -30.23 44.57
C TYR I 281 -22.51 -28.89 44.57
N PRO I 282 -21.23 -28.88 44.14
CA PRO I 282 -20.33 -27.73 44.35
C PRO I 282 -20.65 -26.50 43.49
N LEU I 283 -20.84 -26.73 42.20
CA LEU I 283 -21.16 -25.66 41.26
C LEU I 283 -22.62 -25.25 41.43
N HIS I 284 -22.91 -23.97 41.19
CA HIS I 284 -24.28 -23.49 41.21
C HIS I 284 -24.48 -22.28 40.34
N ILE I 285 -25.74 -22.07 39.96
CA ILE I 285 -26.20 -20.84 39.34
C ILE I 285 -27.07 -20.17 40.39
N GLN I 286 -26.85 -18.88 40.59
CA GLN I 286 -27.54 -18.09 41.62
C GLN I 286 -28.25 -16.90 40.99
N HIS I 287 -29.51 -16.70 41.39
CA HIS I 287 -30.26 -15.50 41.05
C HIS I 287 -30.05 -14.42 42.10
N ILE I 288 -29.85 -13.19 41.64
CA ILE I 288 -29.71 -12.07 42.55
C ILE I 288 -30.13 -10.74 41.94
N ARG I 289 -30.54 -9.83 42.82
CA ARG I 289 -30.73 -8.45 42.48
C ARG I 289 -29.77 -7.66 43.34
N CYS I 290 -29.25 -6.55 42.82
CA CYS I 290 -28.38 -5.69 43.63
C CYS I 290 -27.83 -4.51 42.84
N GLU I 291 -26.94 -3.74 43.48
CA GLU I 291 -26.23 -2.64 42.85
C GLU I 291 -24.70 -2.80 43.02
N PHE I 292 -23.93 -2.20 42.12
CA PHE I 292 -22.47 -2.39 42.08
C PHE I 292 -21.79 -1.42 43.10
N GLU I 293 -20.65 -0.75 42.81
CA GLU I 293 -19.96 -0.67 41.53
C GLU I 293 -18.47 -1.03 41.61
N LEU I 294 -17.87 -1.07 40.44
CA LEU I 294 -16.46 -1.44 40.24
C LEU I 294 -15.54 -0.91 41.33
N LYS I 295 -14.75 -1.80 41.92
CA LYS I 295 -13.68 -1.38 42.83
C LYS I 295 -12.61 -0.67 42.04
N GLU I 296 -11.83 0.18 42.70
CA GLU I 296 -10.78 0.94 42.03
C GLU I 296 -9.53 0.10 41.87
N GLY I 297 -9.02 0.07 40.64
CA GLY I 297 -7.87 -0.78 40.27
C GLY I 297 -8.32 -2.11 39.69
N TYR I 298 -9.49 -2.11 39.08
CA TYR I 298 -10.13 -3.34 38.65
C TYR I 298 -10.81 -3.20 37.30
N ILE I 299 -10.86 -4.32 36.57
CA ILE I 299 -11.58 -4.42 35.31
C ILE I 299 -13.03 -4.82 35.61
N PRO I 300 -14.01 -4.32 34.82
CA PRO I 300 -15.40 -4.72 35.05
C PRO I 300 -15.71 -6.07 34.42
N THR I 301 -16.77 -6.72 34.89
CA THR I 301 -17.11 -8.09 34.46
C THR I 301 -18.61 -8.37 34.17
N ILE I 302 -19.48 -7.38 34.39
CA ILE I 302 -20.94 -7.60 34.32
C ILE I 302 -21.51 -7.03 33.02
N GLN I 303 -22.58 -7.67 32.51
CA GLN I 303 -23.08 -7.37 31.18
C GLN I 303 -24.51 -7.87 30.94
N ILE I 304 -25.39 -6.97 30.53
CA ILE I 304 -26.68 -7.38 29.91
C ILE I 304 -26.41 -7.99 28.51
N LYS I 305 -27.09 -9.10 28.19
CA LYS I 305 -26.85 -9.84 26.95
C LYS I 305 -27.21 -9.06 25.69
N GLU I 314 -21.27 -3.76 25.54
CA GLU I 314 -20.28 -3.15 26.44
C GLU I 314 -20.43 -3.64 27.89
N TYR I 315 -19.33 -3.60 28.64
CA TYR I 315 -19.30 -4.08 30.03
C TYR I 315 -19.51 -2.93 31.01
N LEU I 316 -20.03 -3.25 32.19
CA LEU I 316 -20.62 -2.24 33.09
C LEU I 316 -19.70 -1.80 34.25
N LYS I 317 -19.62 -0.48 34.45
CA LYS I 317 -18.90 0.08 35.58
C LYS I 317 -19.81 0.25 36.80
N SER I 318 -21.09 0.60 36.55
CA SER I 318 -22.00 1.08 37.60
C SER I 318 -23.48 0.79 37.37
N SER I 319 -24.13 0.27 38.41
CA SER I 319 -25.59 0.11 38.43
C SER I 319 -26.19 1.35 39.06
N GLY I 320 -25.94 2.51 38.45
CA GLY I 320 -26.24 3.81 39.06
C GLY I 320 -27.68 4.04 39.50
N GLY I 321 -28.06 3.40 40.60
CA GLY I 321 -29.43 3.52 41.15
C GLY I 321 -30.39 2.46 40.62
N GLU I 322 -29.90 1.59 39.75
CA GLU I 322 -30.70 0.50 39.18
C GLU I 322 -30.52 -0.76 39.99
N ILE I 323 -31.62 -1.28 40.55
CA ILE I 323 -31.62 -2.62 41.15
C ILE I 323 -31.41 -3.59 40.00
N ALA I 324 -30.19 -4.12 39.88
CA ALA I 324 -29.83 -5.09 38.84
C ALA I 324 -30.46 -6.44 39.14
N ASP I 325 -30.44 -7.33 38.15
CA ASP I 325 -31.15 -8.61 38.23
C ASP I 325 -30.42 -9.67 37.38
N LEU I 326 -29.46 -10.37 37.98
CA LEU I 326 -28.50 -11.17 37.23
C LEU I 326 -28.52 -12.64 37.63
N TRP I 327 -28.48 -13.53 36.63
CA TRP I 327 -28.36 -14.97 36.85
C TRP I 327 -26.93 -15.34 36.58
N LEU I 328 -26.25 -15.93 37.57
CA LEU I 328 -24.80 -16.06 37.53
C LEU I 328 -24.29 -17.43 37.98
N SER I 329 -23.28 -17.94 37.31
CA SER I 329 -22.53 -19.10 37.80
C SER I 329 -21.68 -18.69 39.02
N ASN I 330 -21.41 -19.64 39.91
CA ASN I 330 -20.55 -19.35 41.06
C ASN I 330 -19.21 -18.74 40.63
N VAL I 331 -18.69 -19.20 39.49
CA VAL I 331 -17.45 -18.67 38.93
C VAL I 331 -17.61 -17.21 38.55
N ASP I 332 -18.75 -16.86 37.95
CA ASP I 332 -19.12 -15.47 37.68
C ASP I 332 -19.26 -14.63 38.96
N LEU I 333 -19.99 -15.16 39.92
CA LEU I 333 -20.36 -14.39 41.11
C LEU I 333 -19.14 -14.07 41.93
N GLU I 334 -18.36 -15.10 42.26
CA GLU I 334 -17.21 -14.92 43.13
C GLU I 334 -16.12 -14.12 42.43
N LEU I 335 -16.11 -14.18 41.10
CA LEU I 335 -15.32 -13.24 40.31
C LEU I 335 -15.81 -11.83 40.58
N MET I 336 -17.11 -11.63 40.44
CA MET I 336 -17.73 -10.32 40.64
C MET I 336 -17.49 -9.73 42.03
N LYS I 337 -17.49 -10.58 43.06
CA LYS I 337 -17.25 -10.10 44.43
C LYS I 337 -15.85 -9.50 44.59
N GLU I 338 -14.89 -10.07 43.86
CA GLU I 338 -13.50 -9.60 43.88
C GLU I 338 -13.37 -8.25 43.17
N HIS I 339 -14.00 -8.12 42.01
CA HIS I 339 -13.91 -6.90 41.19
C HIS I 339 -14.85 -5.77 41.60
N TYR I 340 -15.89 -6.10 42.36
CA TYR I 340 -16.93 -5.13 42.73
C TYR I 340 -17.23 -5.05 44.22
N ASP I 341 -17.71 -3.88 44.62
CA ASP I 341 -18.42 -3.73 45.88
C ASP I 341 -19.89 -3.88 45.55
N LEU I 342 -20.64 -4.54 46.46
CA LEU I 342 -22.04 -4.86 46.21
C LEU I 342 -22.93 -4.35 47.33
N TYR I 343 -24.11 -3.86 46.95
CA TYR I 343 -25.04 -3.27 47.90
C TYR I 343 -26.44 -3.82 47.68
N ASN I 344 -27.20 -3.89 48.78
CA ASN I 344 -28.58 -4.37 48.75
C ASN I 344 -28.74 -5.67 47.98
N VAL I 345 -27.80 -6.60 48.19
CA VAL I 345 -27.85 -7.91 47.56
C VAL I 345 -29.16 -8.58 47.99
N GLU I 346 -29.70 -9.42 47.12
CA GLU I 346 -30.86 -10.21 47.45
C GLU I 346 -30.70 -11.59 46.82
N TYR I 347 -30.45 -12.58 47.66
CA TYR I 347 -30.36 -13.97 47.20
C TYR I 347 -31.76 -14.55 47.10
N ILE I 348 -32.19 -14.78 45.87
CA ILE I 348 -33.56 -15.14 45.57
C ILE I 348 -33.69 -16.64 45.33
N SER I 349 -32.85 -17.18 44.46
CA SER I 349 -32.93 -18.59 44.10
C SER I 349 -31.77 -19.02 43.23
N GLY I 350 -31.62 -20.32 43.09
CA GLY I 350 -30.66 -20.87 42.15
C GLY I 350 -30.94 -22.31 41.85
N LEU I 351 -30.02 -22.91 41.09
CA LEU I 351 -29.92 -24.36 40.95
C LEU I 351 -28.49 -24.76 41.28
N LYS I 352 -28.32 -25.94 41.89
CA LYS I 352 -26.99 -26.48 42.20
C LYS I 352 -26.75 -27.81 41.51
N PHE I 353 -25.50 -28.05 41.13
CA PHE I 353 -25.13 -29.15 40.27
C PHE I 353 -24.06 -30.02 40.89
N LYS I 354 -24.15 -31.32 40.62
CA LYS I 354 -23.01 -32.20 40.81
C LYS I 354 -21.93 -31.75 39.83
N ALA I 355 -20.68 -32.15 40.07
CA ALA I 355 -19.54 -31.69 39.25
C ALA I 355 -18.41 -32.73 39.15
N THR I 356 -17.72 -32.74 38.02
CA THR I 356 -16.53 -33.59 37.81
C THR I 356 -15.57 -32.92 36.82
N THR I 357 -14.40 -33.54 36.61
CA THR I 357 -13.37 -32.99 35.68
C THR I 357 -12.91 -33.95 34.53
N GLY I 358 -13.41 -35.17 34.49
CA GLY I 358 -12.92 -36.15 33.50
C GLY I 358 -13.83 -36.29 32.29
N LEU I 359 -14.89 -35.50 32.26
CA LEU I 359 -15.99 -35.73 31.34
C LEU I 359 -15.60 -35.66 29.87
N PHE I 360 -14.53 -34.92 29.56
CA PHE I 360 -14.07 -34.77 28.17
C PHE I 360 -12.66 -35.30 27.89
N LYS I 361 -12.05 -36.01 28.84
CA LYS I 361 -10.67 -36.47 28.66
C LYS I 361 -10.48 -37.27 27.38
N ASP I 362 -11.24 -38.35 27.20
CA ASP I 362 -11.04 -39.25 26.06
C ASP I 362 -11.25 -38.54 24.69
N PHE I 363 -12.32 -37.76 24.57
CA PHE I 363 -12.60 -37.05 23.34
C PHE I 363 -11.48 -36.06 23.02
N ILE I 364 -11.03 -35.30 24.01
CA ILE I 364 -9.97 -34.33 23.75
C ILE I 364 -8.68 -35.06 23.44
N ASP I 365 -8.33 -36.02 24.30
CA ASP I 365 -7.14 -36.86 24.09
C ASP I 365 -7.08 -37.45 22.67
N LYS I 366 -8.19 -38.04 22.22
CA LYS I 366 -8.24 -38.70 20.89
C LYS I 366 -7.84 -37.74 19.80
N TRP I 367 -8.57 -36.63 19.72
CA TRP I 367 -8.41 -35.65 18.64
C TRP I 367 -7.19 -34.75 18.78
N THR I 368 -6.77 -34.41 20.00
CA THR I 368 -5.49 -33.74 20.20
C THR I 368 -4.37 -34.60 19.63
N TYR I 369 -4.45 -35.92 19.84
CA TYR I 369 -3.44 -36.86 19.32
C TYR I 369 -3.46 -36.88 17.81
N ILE I 370 -4.66 -37.00 17.24
CA ILE I 370 -4.81 -36.94 15.78
C ILE I 370 -4.24 -35.65 15.23
N LYS I 371 -4.57 -34.53 15.88
CA LYS I 371 -4.08 -33.21 15.45
C LYS I 371 -2.57 -33.13 15.45
N THR I 372 -1.98 -33.67 16.50
CA THR I 372 -0.54 -33.60 16.71
C THR I 372 0.20 -34.41 15.65
N THR I 373 -0.27 -35.63 15.39
CA THR I 373 0.43 -36.55 14.50
C THR I 373 0.02 -36.34 13.03
N SER I 374 -0.88 -35.40 12.77
CA SER I 374 -1.39 -35.18 11.43
C SER I 374 -0.89 -33.89 10.79
N GLU I 375 -1.07 -33.80 9.48
CA GLU I 375 -0.79 -32.57 8.73
C GLU I 375 -1.95 -32.27 7.78
N GLY I 376 -2.08 -31.00 7.40
CA GLY I 376 -3.09 -30.58 6.41
C GLY I 376 -4.52 -30.92 6.79
N ALA I 377 -5.27 -31.48 5.83
CA ALA I 377 -6.68 -31.80 5.99
C ALA I 377 -7.01 -32.50 7.31
N ILE I 378 -6.39 -33.64 7.57
CA ILE I 378 -6.71 -34.37 8.80
C ILE I 378 -6.44 -33.52 10.07
N LYS I 379 -5.37 -32.73 10.07
CA LYS I 379 -5.08 -31.82 11.19
C LYS I 379 -6.16 -30.77 11.37
N GLN I 380 -6.64 -30.19 10.27
CA GLN I 380 -7.72 -29.21 10.35
C GLN I 380 -9.00 -29.85 10.92
N LEU I 381 -9.31 -31.06 10.49
CA LEU I 381 -10.53 -31.77 10.93
C LEU I 381 -10.48 -32.13 12.42
N ALA I 382 -9.29 -32.47 12.91
CA ALA I 382 -9.06 -32.60 14.33
C ALA I 382 -9.38 -31.30 15.08
N LYS I 383 -8.84 -30.17 14.60
CA LYS I 383 -9.15 -28.89 15.25
C LYS I 383 -10.65 -28.60 15.23
N LEU I 384 -11.28 -28.91 14.11
CA LEU I 384 -12.69 -28.69 13.94
C LEU I 384 -13.47 -29.49 14.97
N MET I 385 -13.20 -30.79 15.06
CA MET I 385 -13.87 -31.62 16.05
C MET I 385 -13.69 -31.08 17.45
N LEU I 386 -12.50 -30.56 17.75
CA LEU I 386 -12.23 -30.04 19.09
C LEU I 386 -12.96 -28.72 19.34
N ASN I 387 -12.99 -27.88 18.33
CA ASN I 387 -13.51 -26.53 18.49
C ASN I 387 -15.02 -26.40 18.40
N SER I 388 -15.67 -27.45 17.94
CA SER I 388 -17.09 -27.37 17.58
C SER I 388 -18.04 -28.11 18.56
N LEU I 389 -17.49 -28.59 19.68
CA LEU I 389 -18.26 -29.33 20.65
C LEU I 389 -19.10 -28.46 21.55
N TYR I 390 -18.45 -27.52 22.23
CA TYR I 390 -19.03 -26.88 23.43
C TYR I 390 -20.33 -26.11 23.17
N GLY I 391 -20.40 -25.41 22.05
CA GLY I 391 -21.59 -24.62 21.71
C GLY I 391 -22.82 -25.48 21.54
N LYS I 392 -22.63 -26.74 21.21
CA LYS I 392 -23.72 -27.67 21.02
C LYS I 392 -24.49 -27.95 22.30
N PHE I 393 -23.89 -27.70 23.46
CA PHE I 393 -24.57 -27.95 24.74
C PHE I 393 -25.69 -26.98 25.06
N ALA I 394 -25.54 -25.73 24.66
CA ALA I 394 -26.57 -24.72 24.88
C ALA I 394 -27.54 -24.61 23.69
N SER I 395 -27.53 -25.56 22.76
CA SER I 395 -28.49 -25.53 21.63
C SER I 395 -29.85 -25.05 22.13
N ASN I 396 -30.27 -23.86 21.70
CA ASN I 396 -31.57 -23.33 22.11
C ASN I 396 -32.71 -24.23 21.60
N PRO I 397 -33.75 -24.44 22.43
CA PRO I 397 -34.83 -25.40 22.07
C PRO I 397 -35.85 -24.86 21.03
N ASP I 398 -35.99 -23.54 20.95
CA ASP I 398 -36.80 -22.93 19.92
C ASP I 398 -36.09 -23.06 18.57
N VAL I 399 -36.51 -24.07 17.82
CA VAL I 399 -36.00 -24.29 16.45
C VAL I 399 -36.93 -23.75 15.35
N THR I 400 -37.74 -22.74 15.67
CA THR I 400 -38.69 -22.16 14.71
C THR I 400 -37.97 -21.49 13.55
N GLY I 401 -38.35 -21.86 12.33
CA GLY I 401 -37.68 -21.38 11.10
C GLY I 401 -38.42 -20.32 10.28
N LYS I 402 -37.82 -19.99 9.14
CA LYS I 402 -38.42 -19.10 8.13
C LYS I 402 -38.98 -19.97 7.01
N VAL I 403 -40.17 -19.64 6.52
CA VAL I 403 -40.74 -20.28 5.31
C VAL I 403 -40.54 -19.31 4.13
N PRO I 404 -40.00 -19.79 3.01
CA PRO I 404 -39.81 -18.93 1.85
C PRO I 404 -41.09 -18.72 1.04
N TYR I 405 -41.23 -17.58 0.41
CA TYR I 405 -42.32 -17.38 -0.52
C TYR I 405 -41.89 -16.31 -1.53
N LEU I 406 -42.60 -16.23 -2.66
CA LEU I 406 -42.29 -15.22 -3.67
C LEU I 406 -43.13 -13.99 -3.42
N LYS I 407 -42.47 -12.83 -3.39
CA LYS I 407 -43.11 -11.55 -3.14
C LYS I 407 -43.89 -11.05 -4.38
N GLU I 408 -44.59 -9.94 -4.22
CA GLU I 408 -45.32 -9.32 -5.30
C GLU I 408 -44.46 -9.07 -6.51
N ASN I 409 -43.23 -8.62 -6.27
CA ASN I 409 -42.31 -8.29 -7.37
C ASN I 409 -41.54 -9.47 -7.95
N GLY I 410 -41.75 -10.66 -7.41
CA GLY I 410 -41.06 -11.87 -7.90
C GLY I 410 -39.86 -12.28 -7.08
N ALA I 411 -39.30 -11.36 -6.29
CA ALA I 411 -38.19 -11.65 -5.39
C ALA I 411 -38.61 -12.61 -4.27
N LEU I 412 -37.63 -13.27 -3.71
CA LEU I 412 -37.86 -14.21 -2.64
C LEU I 412 -38.04 -13.44 -1.35
N GLY I 413 -39.02 -13.85 -0.56
CA GLY I 413 -39.26 -13.32 0.77
C GLY I 413 -39.44 -14.44 1.78
N PHE I 414 -39.54 -14.06 3.06
CA PHE I 414 -39.67 -15.03 4.14
C PHE I 414 -40.68 -14.63 5.19
N ARG I 415 -41.42 -15.61 5.69
CA ARG I 415 -42.27 -15.43 6.87
C ARG I 415 -41.75 -16.34 7.96
N LEU I 416 -42.06 -16.00 9.20
CA LEU I 416 -41.82 -16.92 10.30
C LEU I 416 -42.72 -18.15 10.08
N GLY I 417 -42.21 -19.32 10.42
CA GLY I 417 -42.95 -20.59 10.29
C GLY I 417 -43.65 -20.93 11.59
N GLU I 418 -44.11 -22.17 11.73
CA GLU I 418 -44.81 -22.57 12.95
C GLU I 418 -43.86 -22.59 14.12
N GLU I 419 -44.39 -22.36 15.32
CA GLU I 419 -43.61 -22.48 16.53
C GLU I 419 -43.19 -23.94 16.59
N GLU I 420 -41.90 -24.17 16.74
CA GLU I 420 -41.31 -25.51 16.71
C GLU I 420 -40.30 -25.57 17.81
N THR I 421 -40.30 -26.69 18.54
CA THR I 421 -39.48 -26.87 19.74
C THR I 421 -38.83 -28.27 19.80
N LYS I 422 -37.57 -28.34 20.24
CA LYS I 422 -36.92 -29.63 20.58
C LYS I 422 -36.37 -29.63 22.00
N ASP I 423 -35.99 -30.81 22.48
CA ASP I 423 -35.42 -30.97 23.81
C ASP I 423 -34.09 -30.23 23.95
N PRO I 424 -33.85 -29.65 25.13
CA PRO I 424 -32.53 -29.08 25.40
C PRO I 424 -31.48 -30.18 25.46
N VAL I 425 -30.27 -29.92 24.96
CA VAL I 425 -29.17 -30.86 25.09
C VAL I 425 -28.73 -30.87 26.57
N TYR I 426 -27.97 -29.85 26.98
CA TYR I 426 -27.61 -29.66 28.39
C TYR I 426 -26.96 -28.30 28.56
N THR I 427 -27.77 -27.29 28.82
CA THR I 427 -27.29 -25.91 28.80
C THR I 427 -26.24 -25.55 29.87
N PRO I 428 -26.40 -26.04 31.12
CA PRO I 428 -25.44 -25.73 32.22
C PRO I 428 -23.96 -26.03 31.92
N MET I 429 -23.66 -26.98 31.05
CA MET I 429 -22.29 -27.15 30.58
C MET I 429 -21.85 -25.91 29.83
N GLY I 430 -22.73 -25.37 28.98
CA GLY I 430 -22.41 -24.16 28.23
C GLY I 430 -22.12 -23.01 29.18
N VAL I 431 -23.05 -22.76 30.09
CA VAL I 431 -22.88 -21.72 31.09
C VAL I 431 -21.50 -21.81 31.72
N PHE I 432 -21.09 -23.00 32.13
CA PHE I 432 -19.87 -23.13 32.91
C PHE I 432 -18.60 -23.15 32.07
N ILE I 433 -18.68 -23.65 30.85
CA ILE I 433 -17.50 -23.66 29.97
C ILE I 433 -17.11 -22.23 29.58
N THR I 434 -18.08 -21.40 29.18
CA THR I 434 -17.80 -19.99 28.91
C THR I 434 -17.48 -19.21 30.20
N ALA I 435 -18.11 -19.55 31.31
CA ALA I 435 -17.78 -18.94 32.61
C ALA I 435 -16.28 -19.12 32.94
N TRP I 436 -15.83 -20.38 32.96
CA TRP I 436 -14.42 -20.71 33.15
C TRP I 436 -13.49 -20.08 32.12
N ALA I 437 -13.92 -20.00 30.86
CA ALA I 437 -13.12 -19.32 29.83
C ALA I 437 -13.03 -17.82 30.14
N ARG I 438 -14.16 -17.23 30.46
CA ARG I 438 -14.23 -15.82 30.84
C ARG I 438 -13.39 -15.52 32.08
N TYR I 439 -13.45 -16.41 33.06
CA TYR I 439 -12.58 -16.31 34.23
C TYR I 439 -11.10 -16.29 33.82
N THR I 440 -10.70 -17.24 32.99
CA THR I 440 -9.27 -17.43 32.65
C THR I 440 -8.64 -16.18 32.06
N THR I 441 -9.43 -15.47 31.24
CA THR I 441 -8.98 -14.25 30.59
C THR I 441 -9.02 -13.08 31.56
N ILE I 442 -10.13 -12.91 32.27
CA ILE I 442 -10.30 -11.74 33.13
C ILE I 442 -9.22 -11.68 34.22
N THR I 443 -8.98 -12.79 34.90
CA THR I 443 -8.02 -12.80 36.00
C THR I 443 -6.61 -12.51 35.51
N ALA I 444 -6.28 -13.02 34.32
CA ALA I 444 -4.99 -12.74 33.71
C ALA I 444 -4.81 -11.22 33.46
N ALA I 445 -5.75 -10.62 32.73
CA ALA I 445 -5.73 -9.18 32.47
C ALA I 445 -5.67 -8.42 33.77
N GLN I 446 -6.47 -8.87 34.74
CA GLN I 446 -6.51 -8.22 36.04
C GLN I 446 -5.15 -8.21 36.69
N ALA I 447 -4.43 -9.32 36.59
CA ALA I 447 -3.07 -9.42 37.10
C ALA I 447 -2.11 -8.41 36.44
N CYS I 448 -2.35 -8.13 35.16
CA CYS I 448 -1.56 -7.16 34.41
C CYS I 448 -2.26 -5.81 34.29
N TYR I 449 -3.11 -5.47 35.27
CA TYR I 449 -3.96 -4.27 35.20
C TYR I 449 -3.17 -2.98 34.88
N ASP I 450 -2.04 -2.83 35.56
CA ASP I 450 -0.97 -1.89 35.17
C ASP I 450 -0.87 -1.58 33.68
N ARG I 451 -0.89 -2.61 32.84
CA ARG I 451 -0.54 -2.47 31.42
C ARG I 451 -1.63 -2.88 30.44
N ILE I 452 -2.74 -3.42 30.95
CA ILE I 452 -3.74 -4.02 30.09
C ILE I 452 -4.41 -2.96 29.21
N ILE I 453 -4.45 -3.23 27.90
CA ILE I 453 -5.14 -2.37 26.93
C ILE I 453 -6.51 -2.96 26.58
N TYR I 454 -6.52 -4.22 26.19
CA TYR I 454 -7.66 -4.82 25.50
C TYR I 454 -7.78 -6.31 25.76
N CYS I 455 -9.01 -6.79 25.91
CA CYS I 455 -9.29 -8.24 25.97
C CYS I 455 -10.29 -8.63 24.90
N ASP I 456 -10.13 -9.85 24.38
CA ASP I 456 -11.11 -10.44 23.48
C ASP I 456 -11.11 -11.96 23.61
N THR I 457 -11.98 -12.45 24.48
CA THR I 457 -12.22 -13.87 24.63
C THR I 457 -10.96 -14.59 25.12
N ASP I 458 -10.01 -14.85 24.23
CA ASP I 458 -8.82 -15.65 24.57
C ASP I 458 -7.49 -14.89 24.40
N SER I 459 -7.59 -13.57 24.27
CA SER I 459 -6.46 -12.70 23.99
C SER I 459 -6.37 -11.59 25.06
N ILE I 460 -5.16 -11.26 25.49
CA ILE I 460 -4.95 -10.04 26.29
C ILE I 460 -3.81 -9.24 25.65
N HIS I 461 -4.01 -7.93 25.53
CA HIS I 461 -3.09 -7.03 24.82
C HIS I 461 -2.48 -6.05 25.84
N LEU I 462 -1.16 -6.06 25.99
CA LEU I 462 -0.47 -5.21 26.99
C LEU I 462 0.38 -4.14 26.34
N THR I 463 0.57 -3.02 27.04
CA THR I 463 1.63 -2.06 26.69
C THR I 463 2.96 -2.61 27.17
N GLY I 464 4.04 -2.15 26.57
CA GLY I 464 5.37 -2.64 26.92
C GLY I 464 5.66 -3.94 26.19
N THR I 465 6.90 -4.40 26.30
CA THR I 465 7.40 -5.52 25.46
C THR I 465 7.99 -6.71 26.24
N GLU I 466 8.09 -6.60 27.57
CA GLU I 466 8.61 -7.68 28.42
C GLU I 466 7.46 -8.46 29.05
N ILE I 467 7.59 -9.79 29.14
CA ILE I 467 6.56 -10.61 29.75
C ILE I 467 6.41 -10.23 31.21
N PRO I 468 5.20 -9.85 31.65
CA PRO I 468 5.03 -9.52 33.07
C PRO I 468 5.40 -10.68 33.99
N ASP I 469 5.98 -10.35 35.12
CA ASP I 469 6.35 -11.37 36.10
C ASP I 469 5.15 -12.16 36.64
N VAL I 470 3.99 -11.51 36.77
CA VAL I 470 2.84 -12.19 37.39
C VAL I 470 2.33 -13.38 36.54
N ILE I 471 2.45 -13.29 35.22
CA ILE I 471 2.02 -14.37 34.33
C ILE I 471 3.18 -15.16 33.70
N LYS I 472 4.38 -15.03 34.22
CA LYS I 472 5.53 -15.73 33.63
C LYS I 472 5.39 -17.25 33.76
N ASP I 473 4.72 -17.72 34.82
CA ASP I 473 4.57 -19.17 35.06
C ASP I 473 3.47 -19.84 34.21
N ILE I 474 2.51 -19.05 33.72
CA ILE I 474 1.47 -19.58 32.82
C ILE I 474 1.65 -19.10 31.37
N VAL I 475 2.90 -19.02 30.93
CA VAL I 475 3.22 -18.72 29.54
C VAL I 475 3.98 -19.89 28.88
N ASP I 476 3.42 -20.41 27.80
CA ASP I 476 4.07 -21.44 27.02
C ASP I 476 3.54 -21.37 25.57
N PRO I 477 4.43 -21.52 24.58
CA PRO I 477 3.98 -21.39 23.19
C PRO I 477 2.96 -22.41 22.72
N LYS I 478 3.04 -23.64 23.22
CA LYS I 478 2.27 -24.78 22.68
C LYS I 478 1.29 -25.44 23.69
N LYS I 479 1.65 -25.47 24.99
CA LYS I 479 0.90 -26.26 26.02
C LYS I 479 -0.54 -25.81 26.24
N LEU I 480 -1.44 -26.80 26.45
CA LEU I 480 -2.89 -26.54 26.53
C LEU I 480 -3.28 -25.60 27.68
N GLY I 481 -4.10 -24.60 27.38
CA GLY I 481 -4.56 -23.63 28.38
C GLY I 481 -3.56 -22.58 28.80
N TYR I 482 -2.33 -22.64 28.31
CA TYR I 482 -1.30 -21.65 28.64
C TYR I 482 -1.43 -20.43 27.73
N TRP I 483 -0.79 -19.34 28.13
CA TRP I 483 -0.77 -18.11 27.34
C TRP I 483 0.44 -18.09 26.42
N ALA I 484 0.20 -17.96 25.13
CA ALA I 484 1.29 -17.83 24.18
C ALA I 484 1.54 -16.35 23.93
N HIS I 485 2.78 -15.91 24.09
CA HIS I 485 3.22 -14.63 23.56
C HIS I 485 3.04 -14.69 22.05
N GLU I 486 1.96 -14.11 21.53
CA GLU I 486 1.62 -14.21 20.11
C GLU I 486 2.39 -13.19 19.28
N SER I 487 2.38 -11.95 19.71
CA SER I 487 2.98 -10.89 18.92
C SER I 487 3.48 -9.72 19.78
N THR I 488 4.18 -8.81 19.09
CA THR I 488 4.66 -7.57 19.67
C THR I 488 4.62 -6.51 18.58
N PHE I 489 4.13 -5.33 18.93
CA PHE I 489 3.98 -4.25 17.94
C PHE I 489 4.77 -3.01 18.34
N LYS I 490 5.12 -2.23 17.32
CA LYS I 490 5.86 -0.97 17.46
C LYS I 490 4.88 0.16 17.79
N ARG I 491 3.64 0.01 17.35
CA ARG I 491 2.58 0.97 17.64
C ARG I 491 1.19 0.37 17.32
N ALA I 492 0.14 1.05 17.78
CA ALA I 492 -1.23 0.59 17.62
C ALA I 492 -2.25 1.69 17.95
N LYS I 493 -3.50 1.43 17.59
CA LYS I 493 -4.62 2.30 17.92
C LYS I 493 -5.88 1.44 18.04
N TYR I 494 -6.54 1.52 19.20
CA TYR I 494 -7.74 0.78 19.48
C TYR I 494 -8.88 1.78 19.56
N LEU I 495 -9.90 1.62 18.71
CA LEU I 495 -11.08 2.51 18.72
C LEU I 495 -12.23 1.93 19.57
N ARG I 496 -12.49 0.64 19.42
CA ARG I 496 -13.66 -0.02 20.02
C ARG I 496 -13.40 -1.49 20.27
N GLN I 497 -14.39 -2.18 20.82
CA GLN I 497 -14.34 -3.64 20.94
C GLN I 497 -14.09 -4.20 19.54
N LYS I 498 -13.23 -5.22 19.45
CA LYS I 498 -12.93 -5.88 18.17
C LYS I 498 -12.54 -4.95 17.01
N THR I 499 -12.01 -3.75 17.31
CA THR I 499 -11.63 -2.76 16.27
C THR I 499 -10.32 -2.04 16.57
N TYR I 500 -9.24 -2.46 15.90
CA TYR I 500 -7.92 -1.89 16.16
C TYR I 500 -6.96 -2.07 14.97
N ILE I 501 -5.79 -1.45 15.05
CA ILE I 501 -4.70 -1.69 14.09
C ILE I 501 -3.38 -1.87 14.83
N GLN I 502 -2.44 -2.56 14.18
CA GLN I 502 -1.14 -2.81 14.77
C GLN I 502 -0.06 -2.85 13.70
N ASP I 503 1.11 -2.27 14.03
CA ASP I 503 2.34 -2.46 13.27
C ASP I 503 3.16 -3.55 13.95
N ILE I 504 2.94 -4.80 13.57
CA ILE I 504 3.56 -5.93 14.24
C ILE I 504 5.00 -6.12 13.73
N TYR I 505 5.89 -6.45 14.66
CA TYR I 505 7.30 -6.69 14.33
C TYR I 505 7.48 -8.05 13.64
N MET I 506 8.06 -8.06 12.45
CA MET I 506 8.30 -9.32 11.73
C MET I 506 9.78 -9.57 11.45
N LYS I 507 10.16 -10.85 11.47
CA LYS I 507 11.52 -11.28 11.12
C LYS I 507 11.42 -12.34 10.03
N GLU I 508 12.37 -12.32 9.09
CA GLU I 508 12.27 -13.17 7.88
C GLU I 508 12.99 -14.50 8.10
N VAL I 509 12.23 -15.56 8.38
CA VAL I 509 12.79 -16.90 8.56
C VAL I 509 12.62 -17.74 7.29
N ASP I 510 13.73 -18.24 6.74
CA ASP I 510 13.74 -19.02 5.49
C ASP I 510 13.06 -18.27 4.32
N GLY I 511 13.43 -16.99 4.15
CA GLY I 511 12.87 -16.15 3.08
C GLY I 511 11.39 -15.85 3.20
N LYS I 512 10.82 -15.95 4.40
CA LYS I 512 9.38 -15.70 4.62
C LYS I 512 9.04 -15.20 6.05
N LEU I 513 8.30 -14.09 6.13
CA LEU I 513 8.08 -13.31 7.37
C LEU I 513 7.30 -14.02 8.50
N VAL I 514 7.93 -14.09 9.69
CA VAL I 514 7.34 -14.67 10.89
C VAL I 514 7.39 -13.63 12.00
N GLU I 515 6.56 -13.80 13.03
CA GLU I 515 6.50 -12.90 14.18
C GLU I 515 7.88 -12.66 14.81
N GLY I 516 8.26 -11.39 14.96
CA GLY I 516 9.54 -11.01 15.56
C GLY I 516 9.41 -10.20 16.84
N SER I 517 10.54 -9.67 17.30
CA SER I 517 10.60 -8.88 18.54
C SER I 517 11.11 -7.48 18.19
N PRO I 518 11.08 -6.54 19.15
CA PRO I 518 11.73 -5.23 18.97
C PRO I 518 13.24 -5.33 18.79
N ASP I 519 13.87 -6.18 19.60
CA ASP I 519 15.30 -6.43 19.49
C ASP I 519 15.68 -7.03 18.13
N ASP I 520 14.82 -7.92 17.63
CA ASP I 520 15.07 -8.65 16.39
C ASP I 520 13.86 -8.58 15.46
N TYR I 521 13.96 -7.70 14.45
CA TYR I 521 12.94 -7.62 13.38
C TYR I 521 13.55 -7.06 12.11
N THR I 522 12.96 -7.40 10.97
CA THR I 522 13.41 -6.91 9.65
C THR I 522 12.34 -6.08 8.90
N ASP I 523 11.07 -6.29 9.26
CA ASP I 523 9.93 -5.61 8.64
C ASP I 523 8.87 -5.24 9.68
N ILE I 524 7.95 -4.37 9.27
CA ILE I 524 6.75 -4.05 10.04
C ILE I 524 5.51 -4.44 9.22
N LYS I 525 4.74 -5.39 9.74
CA LYS I 525 3.51 -5.86 9.09
C LYS I 525 2.28 -5.12 9.65
N PHE I 526 1.66 -4.28 8.82
CA PHE I 526 0.45 -3.55 9.19
C PHE I 526 -0.70 -4.55 9.32
N SER I 527 -1.60 -4.35 10.28
CA SER I 527 -2.65 -5.34 10.57
C SER I 527 -3.98 -4.72 11.03
N VAL I 528 -5.02 -4.88 10.23
CA VAL I 528 -6.34 -4.32 10.55
C VAL I 528 -7.29 -5.43 11.00
N LYS I 529 -7.60 -5.47 12.29
CA LYS I 529 -8.69 -6.29 12.79
C LYS I 529 -9.87 -5.37 13.06
N CYS I 530 -11.02 -5.67 12.46
CA CYS I 530 -12.21 -4.86 12.64
C CYS I 530 -13.46 -5.60 12.19
N ALA I 531 -14.29 -6.04 13.15
CA ALA I 531 -15.45 -6.88 12.84
C ALA I 531 -16.42 -6.20 11.86
N GLY I 532 -16.84 -6.94 10.84
CA GLY I 532 -17.65 -6.41 9.75
C GLY I 532 -16.85 -6.00 8.53
N MET I 533 -15.67 -5.45 8.75
CA MET I 533 -14.80 -4.95 7.66
C MET I 533 -14.28 -6.11 6.84
N THR I 534 -14.27 -5.94 5.52
CA THR I 534 -13.73 -6.94 4.59
C THR I 534 -12.29 -6.61 4.25
N ASP I 535 -11.56 -7.63 3.76
CA ASP I 535 -10.16 -7.43 3.32
C ASP I 535 -10.05 -6.23 2.38
N LYS I 536 -10.99 -6.17 1.43
CA LYS I 536 -11.04 -5.12 0.43
C LYS I 536 -11.03 -3.72 1.07
N ILE I 537 -11.81 -3.55 2.14
CA ILE I 537 -11.83 -2.29 2.89
C ILE I 537 -10.57 -2.17 3.74
N LYS I 538 -10.09 -3.29 4.29
CA LYS I 538 -8.85 -3.28 5.08
C LYS I 538 -7.64 -2.77 4.28
N LYS I 539 -7.55 -3.09 2.99
CA LYS I 539 -6.47 -2.54 2.13
C LYS I 539 -6.47 -1.02 2.13
N GLU I 540 -7.64 -0.41 2.32
CA GLU I 540 -7.82 1.04 2.29
C GLU I 540 -7.55 1.76 3.64
N VAL I 541 -7.68 1.05 4.76
CA VAL I 541 -7.41 1.64 6.08
C VAL I 541 -5.91 1.98 6.26
N THR I 542 -5.67 3.11 6.91
CA THR I 542 -4.34 3.60 7.13
C THR I 542 -4.25 4.17 8.54
N PHE I 543 -3.07 4.16 9.13
CA PHE I 543 -2.88 4.64 10.51
C PHE I 543 -3.44 6.06 10.69
N GLU I 544 -3.30 6.87 9.66
CA GLU I 544 -3.79 8.23 9.62
C GLU I 544 -5.33 8.28 9.60
N ASN I 545 -5.94 7.47 8.75
CA ASN I 545 -7.38 7.56 8.48
C ASN I 545 -8.24 6.63 9.35
N PHE I 546 -7.59 5.76 10.14
CA PHE I 546 -8.30 4.81 11.03
C PHE I 546 -8.85 5.55 12.26
N LYS I 547 -10.00 6.18 12.05
CA LYS I 547 -10.72 6.88 13.11
C LYS I 547 -12.21 6.60 12.96
N VAL I 548 -12.99 7.02 13.96
CA VAL I 548 -14.44 6.88 13.92
C VAL I 548 -14.99 7.75 12.80
N GLY I 549 -16.03 7.27 12.13
CA GLY I 549 -16.57 7.94 10.94
C GLY I 549 -15.89 7.54 9.65
N PHE I 550 -14.97 6.58 9.72
CA PHE I 550 -14.28 6.05 8.55
C PHE I 550 -15.24 5.22 7.76
N SER I 551 -15.38 5.55 6.48
CA SER I 551 -16.43 5.01 5.63
C SER I 551 -15.89 4.58 4.30
N ARG I 552 -16.55 3.58 3.72
CA ARG I 552 -16.34 3.17 2.33
C ARG I 552 -17.61 2.45 1.87
N LYS I 553 -18.26 2.91 0.81
CA LYS I 553 -19.46 2.23 0.28
C LYS I 553 -19.02 1.00 -0.52
N MET I 554 -18.59 0.00 0.22
CA MET I 554 -17.78 -1.09 -0.31
C MET I 554 -18.11 -2.44 0.34
N LYS I 555 -19.08 -2.47 1.26
CA LYS I 555 -19.50 -3.70 1.94
C LYS I 555 -20.54 -4.41 1.07
N PRO I 556 -20.23 -5.61 0.57
CA PRO I 556 -21.21 -6.36 -0.22
C PRO I 556 -22.35 -6.87 0.64
N LYS I 557 -23.57 -6.48 0.26
CA LYS I 557 -24.77 -6.80 1.00
C LYS I 557 -25.77 -7.50 0.06
N PRO I 558 -26.26 -8.69 0.46
CA PRO I 558 -27.13 -9.47 -0.46
C PRO I 558 -28.52 -8.86 -0.58
N VAL I 559 -28.96 -8.62 -1.81
CA VAL I 559 -30.31 -8.12 -2.03
C VAL I 559 -31.13 -9.10 -2.85
N GLN I 560 -32.22 -9.59 -2.28
CA GLN I 560 -33.12 -10.50 -2.99
C GLN I 560 -33.80 -9.75 -4.14
N VAL I 561 -33.65 -10.27 -5.35
CA VAL I 561 -34.32 -9.70 -6.55
C VAL I 561 -34.92 -10.86 -7.33
N PRO I 562 -35.81 -10.54 -8.29
CA PRO I 562 -36.41 -11.57 -9.13
C PRO I 562 -35.38 -12.49 -9.76
N GLY I 563 -35.44 -13.77 -9.40
CA GLY I 563 -34.53 -14.76 -9.96
C GLY I 563 -33.46 -15.18 -8.98
N GLY I 564 -33.03 -14.27 -8.11
CA GLY I 564 -32.13 -14.68 -7.05
C GLY I 564 -31.61 -13.58 -6.16
N VAL I 565 -30.29 -13.56 -6.02
CA VAL I 565 -29.61 -12.63 -5.15
C VAL I 565 -28.45 -11.95 -5.88
N VAL I 566 -28.29 -10.65 -5.64
CA VAL I 566 -27.19 -9.85 -6.16
C VAL I 566 -26.49 -9.20 -4.99
N LEU I 567 -25.17 -9.35 -4.90
CA LEU I 567 -24.39 -8.59 -3.92
C LEU I 567 -24.29 -7.13 -4.36
N VAL I 568 -24.95 -6.23 -3.62
CA VAL I 568 -24.90 -4.79 -3.88
C VAL I 568 -24.02 -4.15 -2.82
N ASP I 569 -23.07 -3.33 -3.27
CA ASP I 569 -22.18 -2.61 -2.36
C ASP I 569 -22.98 -1.69 -1.49
N ASP I 570 -22.61 -1.64 -0.20
CA ASP I 570 -23.26 -0.81 0.81
C ASP I 570 -22.22 -0.07 1.71
N THR I 571 -22.63 1.02 2.35
CA THR I 571 -21.76 1.75 3.27
C THR I 571 -21.41 0.92 4.50
N PHE I 572 -20.12 0.80 4.75
CA PHE I 572 -19.60 0.32 6.02
C PHE I 572 -18.91 1.50 6.70
N THR I 573 -19.42 1.89 7.87
CA THR I 573 -18.80 2.94 8.67
C THR I 573 -18.26 2.37 9.98
N ILE I 574 -17.21 3.00 10.53
CA ILE I 574 -16.75 2.69 11.89
C ILE I 574 -17.57 3.51 12.87
N LYS I 575 -18.51 2.83 13.50
CA LYS I 575 -19.36 3.42 14.51
C LYS I 575 -18.72 3.17 15.88
N PRO J 5 -4.83 -57.03 -9.60
CA PRO J 5 -4.95 -55.69 -10.19
C PRO J 5 -3.80 -54.75 -9.75
N ARG J 6 -2.76 -54.67 -10.58
CA ARG J 6 -1.58 -53.85 -10.31
C ARG J 6 -1.98 -52.40 -10.32
N LYS J 7 -1.69 -51.72 -9.22
CA LYS J 7 -1.99 -50.30 -9.09
C LYS J 7 -1.09 -49.48 -10.02
N MET J 8 -1.52 -48.26 -10.31
CA MET J 8 -0.76 -47.33 -11.16
C MET J 8 -0.50 -46.01 -10.44
N TYR J 9 0.71 -45.48 -10.57
CA TYR J 9 1.08 -44.22 -9.91
C TYR J 9 1.75 -43.21 -10.82
N SER J 10 1.30 -41.97 -10.72
CA SER J 10 1.96 -40.84 -11.38
C SER J 10 2.97 -40.31 -10.38
N CYS J 11 4.22 -40.15 -10.83
CA CYS J 11 5.31 -39.67 -9.98
C CYS J 11 6.13 -38.57 -10.64
N ALA J 12 6.88 -37.87 -9.80
CA ALA J 12 7.80 -36.83 -10.24
C ALA J 12 8.87 -36.59 -9.15
N PHE J 13 9.99 -36.04 -9.57
CA PHE J 13 11.06 -35.62 -8.70
C PHE J 13 11.32 -34.18 -8.97
N GLU J 14 11.82 -33.49 -7.96
CA GLU J 14 12.48 -32.21 -8.15
C GLU J 14 13.90 -32.41 -7.63
N THR J 15 14.86 -31.75 -8.27
CA THR J 15 16.28 -32.09 -8.11
C THR J 15 17.17 -30.86 -8.07
N THR J 16 18.37 -31.02 -7.52
CA THR J 16 19.32 -29.94 -7.36
C THR J 16 20.13 -29.69 -8.63
N THR J 17 20.79 -28.55 -8.64
CA THR J 17 21.36 -27.91 -9.83
C THR J 17 22.88 -28.06 -9.97
N LYS J 18 23.55 -28.51 -8.91
CA LYS J 18 25.02 -28.53 -8.89
C LYS J 18 25.58 -29.86 -9.37
N VAL J 19 26.42 -29.78 -10.39
CA VAL J 19 27.32 -30.86 -10.82
C VAL J 19 28.00 -31.66 -9.68
N GLU J 20 28.31 -30.98 -8.58
CA GLU J 20 29.09 -31.55 -7.48
C GLU J 20 28.18 -32.09 -6.36
N ASP J 21 26.91 -31.66 -6.38
CA ASP J 21 25.95 -31.98 -5.33
C ASP J 21 24.56 -32.13 -5.95
N CYS J 22 24.44 -33.13 -6.81
CA CYS J 22 23.25 -33.41 -7.59
C CYS J 22 22.43 -34.46 -6.85
N ARG J 23 21.30 -34.05 -6.28
CA ARG J 23 20.41 -34.99 -5.61
C ARG J 23 18.91 -34.58 -5.69
N VAL J 24 18.05 -35.51 -5.30
CA VAL J 24 16.62 -35.21 -5.22
C VAL J 24 16.35 -34.51 -3.88
N TRP J 25 15.62 -33.39 -3.94
CA TRP J 25 15.18 -32.69 -2.74
C TRP J 25 13.66 -32.76 -2.50
N ALA J 26 12.92 -33.22 -3.50
CA ALA J 26 11.50 -33.54 -3.34
C ALA J 26 11.06 -34.65 -4.29
N TYR J 27 10.23 -35.56 -3.78
CA TYR J 27 9.57 -36.57 -4.59
C TYR J 27 8.08 -36.45 -4.41
N GLY J 28 7.33 -36.95 -5.39
CA GLY J 28 5.88 -37.07 -5.28
C GLY J 28 5.33 -38.28 -6.01
N TYR J 29 4.35 -38.95 -5.40
CA TYR J 29 3.65 -40.02 -6.07
C TYR J 29 2.17 -39.96 -5.71
N MET J 30 1.33 -40.40 -6.65
CA MET J 30 -0.14 -40.28 -6.55
C MET J 30 -0.80 -41.45 -7.27
N ASN J 31 -1.73 -42.11 -6.61
CA ASN J 31 -2.42 -43.21 -7.22
C ASN J 31 -3.33 -42.75 -8.34
N ILE J 32 -3.12 -43.27 -9.54
CA ILE J 32 -3.84 -42.83 -10.75
C ILE J 32 -5.36 -43.03 -10.68
N GLU J 33 -5.77 -44.09 -9.97
CA GLU J 33 -7.18 -44.41 -9.81
C GLU J 33 -7.76 -43.77 -8.58
N ASP J 34 -6.91 -43.31 -7.67
CA ASP J 34 -7.39 -42.80 -6.40
C ASP J 34 -6.53 -41.62 -5.99
N HIS J 35 -6.80 -40.48 -6.60
CA HIS J 35 -6.01 -39.28 -6.41
C HIS J 35 -5.96 -38.81 -4.96
N SER J 36 -6.73 -39.40 -4.08
CA SER J 36 -6.59 -39.09 -2.65
C SER J 36 -5.40 -39.84 -2.06
N GLU J 37 -5.04 -40.98 -2.63
CA GLU J 37 -3.86 -41.73 -2.17
C GLU J 37 -2.62 -41.12 -2.80
N TYR J 38 -1.86 -40.38 -2.01
CA TYR J 38 -0.66 -39.75 -2.52
C TYR J 38 0.23 -39.33 -1.37
N LYS J 39 1.45 -38.96 -1.71
CA LYS J 39 2.46 -38.58 -0.73
C LYS J 39 3.49 -37.70 -1.36
N ILE J 40 3.91 -36.65 -0.66
CA ILE J 40 5.05 -35.81 -1.09
C ILE J 40 6.07 -35.70 0.02
N GLY J 41 7.33 -35.94 -0.30
CA GLY J 41 8.43 -35.90 0.69
C GLY J 41 9.76 -35.38 0.14
N ASN J 42 10.83 -35.48 0.93
CA ASN J 42 12.12 -34.86 0.57
C ASN J 42 13.34 -35.76 0.63
N SER J 43 13.12 -37.07 0.49
CA SER J 43 14.18 -38.06 0.58
C SER J 43 13.97 -39.15 -0.45
N LEU J 44 14.98 -39.37 -1.28
CA LEU J 44 14.95 -40.42 -2.30
C LEU J 44 14.96 -41.82 -1.68
N ASP J 45 15.71 -42.00 -0.59
CA ASP J 45 15.78 -43.30 0.09
C ASP J 45 14.39 -43.75 0.50
N GLU J 46 13.57 -42.79 0.88
CA GLU J 46 12.25 -43.10 1.36
C GLU J 46 11.31 -43.36 0.18
N PHE J 47 11.48 -42.61 -0.92
CA PHE J 47 10.76 -42.90 -2.15
C PHE J 47 11.05 -44.31 -2.61
N MET J 48 12.33 -44.64 -2.68
CA MET J 48 12.76 -45.94 -3.14
C MET J 48 12.30 -47.06 -2.22
N ALA J 49 12.42 -46.88 -0.91
CA ALA J 49 11.83 -47.84 0.03
C ALA J 49 10.41 -48.14 -0.43
N TRP J 50 9.63 -47.10 -0.71
CA TRP J 50 8.26 -47.28 -1.16
C TRP J 50 8.21 -47.98 -2.50
N VAL J 51 9.05 -47.53 -3.45
CA VAL J 51 9.14 -48.18 -4.77
C VAL J 51 9.27 -49.69 -4.67
N LEU J 52 10.08 -50.16 -3.72
CA LEU J 52 10.41 -51.58 -3.63
C LEU J 52 9.30 -52.40 -2.96
N LYS J 53 8.36 -51.72 -2.30
CA LYS J 53 7.20 -52.39 -1.67
C LYS J 53 5.88 -52.34 -2.47
N VAL J 54 5.64 -51.25 -3.20
CA VAL J 54 4.36 -51.09 -3.90
C VAL J 54 4.01 -52.20 -4.87
N GLN J 55 5.00 -52.76 -5.54
CA GLN J 55 4.73 -53.71 -6.61
C GLN J 55 3.68 -53.10 -7.54
N ALA J 56 3.96 -51.91 -8.04
CA ALA J 56 3.00 -51.22 -8.90
C ALA J 56 3.68 -50.75 -10.18
N ASP J 57 2.87 -50.22 -11.09
CA ASP J 57 3.39 -49.60 -12.29
C ASP J 57 3.47 -48.13 -12.04
N LEU J 58 4.69 -47.61 -12.02
CA LEU J 58 4.90 -46.18 -11.81
C LEU J 58 5.05 -45.46 -13.14
N TYR J 59 4.65 -44.20 -13.16
CA TYR J 59 4.83 -43.35 -14.34
C TYR J 59 5.56 -42.05 -13.95
N PHE J 60 6.63 -41.73 -14.67
CA PHE J 60 7.26 -40.41 -14.59
C PHE J 60 7.11 -39.69 -15.91
N HIS J 61 6.97 -38.38 -15.85
CA HIS J 61 7.00 -37.56 -17.05
C HIS J 61 8.45 -37.19 -17.40
N ASN J 62 8.97 -37.83 -18.46
CA ASN J 62 10.38 -37.72 -18.86
C ASN J 62 11.24 -38.67 -18.02
N LEU J 63 11.05 -39.97 -18.23
CA LEU J 63 11.78 -41.01 -17.50
C LEU J 63 13.28 -40.89 -17.72
N LYS J 64 13.64 -40.35 -18.87
CA LYS J 64 15.02 -40.04 -19.21
C LYS J 64 15.75 -39.27 -18.10
N PHE J 65 15.03 -38.35 -17.47
CA PHE J 65 15.57 -37.52 -16.38
C PHE J 65 15.46 -38.28 -15.04
N ALA J 66 14.24 -38.39 -14.52
CA ALA J 66 13.99 -39.14 -13.28
C ALA J 66 14.76 -40.48 -13.22
N GLY J 67 14.71 -41.24 -14.29
CA GLY J 67 15.31 -42.57 -14.30
C GLY J 67 16.82 -42.57 -14.03
N ALA J 68 17.51 -41.51 -14.46
CA ALA J 68 18.91 -41.33 -14.16
C ALA J 68 19.13 -41.37 -12.63
N PHE J 69 18.28 -40.68 -11.88
CA PHE J 69 18.42 -40.65 -10.42
C PHE J 69 18.15 -42.02 -9.82
N ILE J 70 17.17 -42.70 -10.40
CA ILE J 70 16.67 -43.97 -9.91
C ILE J 70 17.72 -45.09 -10.06
N ILE J 71 18.37 -45.15 -11.22
CA ILE J 71 19.41 -46.15 -11.46
C ILE J 71 20.67 -45.84 -10.62
N ASN J 72 20.98 -44.56 -10.46
CA ASN J 72 22.11 -44.16 -9.60
C ASN J 72 21.92 -44.72 -8.20
N TRP J 73 20.68 -44.76 -7.74
CA TRP J 73 20.36 -45.30 -6.43
C TRP J 73 20.43 -46.81 -6.45
N LEU J 74 19.77 -47.44 -7.43
CA LEU J 74 19.75 -48.91 -7.53
C LEU J 74 21.18 -49.46 -7.45
N GLU J 75 22.08 -48.89 -8.26
CA GLU J 75 23.44 -49.40 -8.35
C GLU J 75 24.19 -49.28 -7.01
N ARG J 76 23.74 -48.35 -6.17
CA ARG J 76 24.34 -48.09 -4.87
C ARG J 76 23.63 -48.82 -3.73
N ASN J 77 22.55 -49.51 -4.03
CA ASN J 77 21.78 -50.23 -3.02
C ASN J 77 21.53 -51.67 -3.40
N GLY J 78 22.51 -52.27 -4.04
CA GLY J 78 22.51 -53.70 -4.26
C GLY J 78 21.71 -54.22 -5.42
N PHE J 79 21.46 -53.38 -6.42
CA PHE J 79 20.85 -53.87 -7.68
C PHE J 79 21.85 -53.84 -8.85
N LYS J 80 21.72 -54.82 -9.73
CA LYS J 80 22.54 -54.89 -10.92
C LYS J 80 21.66 -55.06 -12.15
N TRP J 81 22.13 -54.61 -13.30
CA TRP J 81 21.36 -54.76 -14.53
C TRP J 81 21.29 -56.22 -14.91
N SER J 82 20.09 -56.68 -15.25
CA SER J 82 19.85 -58.02 -15.76
C SER J 82 18.64 -58.02 -16.67
N ALA J 83 18.80 -58.63 -17.85
CA ALA J 83 17.74 -58.72 -18.84
C ALA J 83 16.83 -59.92 -18.58
N ASP J 84 17.12 -60.68 -17.54
CA ASP J 84 16.43 -61.94 -17.30
C ASP J 84 15.64 -61.94 -15.98
N GLY J 85 15.47 -60.76 -15.41
CA GLY J 85 14.63 -60.61 -14.22
C GLY J 85 15.01 -61.53 -13.09
N LEU J 86 16.25 -61.41 -12.60
CA LEU J 86 16.68 -62.14 -11.42
C LEU J 86 16.40 -61.26 -10.19
N PRO J 87 16.35 -61.86 -8.99
CA PRO J 87 16.14 -61.08 -7.78
C PRO J 87 17.23 -60.04 -7.56
N ASN J 88 16.87 -58.90 -6.96
CA ASN J 88 17.77 -57.75 -6.82
C ASN J 88 18.51 -57.43 -8.12
N THR J 89 17.76 -57.42 -9.21
CA THR J 89 18.22 -56.88 -10.46
C THR J 89 17.14 -56.00 -11.04
N TYR J 90 17.49 -55.29 -12.11
CA TYR J 90 16.53 -54.48 -12.84
C TYR J 90 16.80 -54.58 -14.34
N ASN J 91 15.73 -54.63 -15.13
CA ASN J 91 15.86 -54.63 -16.59
C ASN J 91 15.45 -53.27 -17.13
N THR J 92 15.92 -52.92 -18.32
CA THR J 92 15.54 -51.65 -18.94
C THR J 92 15.21 -51.79 -20.43
N ILE J 93 14.37 -50.89 -20.95
CA ILE J 93 14.25 -50.72 -22.41
C ILE J 93 14.67 -49.28 -22.71
N ILE J 94 15.92 -49.13 -23.19
CA ILE J 94 16.43 -47.82 -23.59
C ILE J 94 16.98 -47.97 -24.99
N SER J 95 16.44 -47.23 -25.94
CA SER J 95 16.78 -47.45 -27.33
C SER J 95 18.22 -47.03 -27.66
N ARG J 96 18.68 -47.51 -28.81
CA ARG J 96 19.91 -47.04 -29.43
C ARG J 96 20.03 -45.50 -29.40
N MET J 97 18.88 -44.83 -29.55
CA MET J 97 18.79 -43.35 -29.62
C MET J 97 18.65 -42.63 -28.27
N GLY J 98 18.66 -43.36 -27.16
CA GLY J 98 18.59 -42.75 -25.82
C GLY J 98 17.19 -42.46 -25.26
N GLN J 99 16.15 -42.88 -25.99
CA GLN J 99 14.79 -42.75 -25.51
C GLN J 99 14.49 -43.80 -24.44
N TRP J 100 13.96 -43.37 -23.31
CA TRP J 100 13.66 -44.28 -22.19
C TRP J 100 12.22 -44.76 -22.20
N TYR J 101 12.04 -46.08 -22.06
CA TYR J 101 10.71 -46.71 -22.11
C TYR J 101 10.32 -47.47 -20.86
N MET J 102 11.27 -48.14 -20.22
CA MET J 102 10.97 -48.87 -19.00
C MET J 102 12.17 -49.20 -18.10
N ILE J 103 11.93 -49.12 -16.79
CA ILE J 103 12.84 -49.65 -15.79
C ILE J 103 12.08 -50.70 -14.96
N ASP J 104 12.43 -51.98 -15.10
CA ASP J 104 11.73 -53.06 -14.41
C ASP J 104 12.53 -53.57 -13.22
N ILE J 105 12.14 -53.16 -12.02
CA ILE J 105 12.88 -53.48 -10.80
C ILE J 105 12.35 -54.74 -10.18
N CYS J 106 13.22 -55.71 -9.91
CA CYS J 106 12.81 -57.04 -9.45
C CYS J 106 13.36 -57.40 -8.06
N LEU J 107 12.47 -57.77 -7.14
CA LEU J 107 12.88 -58.15 -5.79
C LEU J 107 13.04 -59.65 -5.73
N GLY J 108 11.99 -60.38 -6.11
CA GLY J 108 12.04 -61.84 -6.09
C GLY J 108 10.85 -62.48 -6.77
N TYR J 109 10.52 -63.70 -6.34
CA TYR J 109 9.33 -64.38 -6.81
C TYR J 109 8.61 -65.06 -5.65
N LYS J 110 7.29 -65.01 -5.67
CA LYS J 110 6.45 -65.81 -4.79
C LYS J 110 5.69 -66.77 -5.70
N GLY J 111 6.04 -68.05 -5.65
CA GLY J 111 5.55 -69.04 -6.64
C GLY J 111 6.19 -68.68 -7.97
N LYS J 112 5.42 -68.69 -9.06
CA LYS J 112 5.95 -68.15 -10.35
C LYS J 112 5.74 -66.64 -10.52
N ARG J 113 4.97 -66.01 -9.63
CA ARG J 113 4.59 -64.62 -9.84
C ARG J 113 5.75 -63.67 -9.51
N LYS J 114 6.15 -62.87 -10.49
CA LYS J 114 7.27 -61.93 -10.31
C LYS J 114 6.93 -60.80 -9.33
N ILE J 115 7.76 -60.63 -8.31
CA ILE J 115 7.60 -59.54 -7.36
C ILE J 115 8.46 -58.38 -7.83
N HIS J 116 7.82 -57.35 -8.39
CA HIS J 116 8.55 -56.29 -9.10
C HIS J 116 7.79 -54.97 -9.19
N THR J 117 8.53 -53.88 -9.42
CA THR J 117 7.91 -52.59 -9.70
C THR J 117 8.45 -52.10 -11.05
N VAL J 118 7.53 -51.73 -11.94
CA VAL J 118 7.87 -51.33 -13.31
C VAL J 118 7.65 -49.84 -13.41
N ILE J 119 8.62 -49.15 -13.98
CA ILE J 119 8.53 -47.70 -14.14
C ILE J 119 8.46 -47.37 -15.61
N TYR J 120 7.48 -46.56 -15.99
CA TYR J 120 7.23 -46.21 -17.37
C TYR J 120 7.42 -44.73 -17.53
N ASP J 121 7.37 -44.25 -18.78
CA ASP J 121 7.46 -42.84 -19.10
C ASP J 121 6.09 -42.37 -19.62
N SER J 122 5.42 -41.48 -18.88
CA SER J 122 4.12 -40.94 -19.30
C SER J 122 4.25 -39.97 -20.50
N LEU J 123 5.47 -39.58 -20.82
CA LEU J 123 5.72 -38.76 -22.00
C LEU J 123 5.56 -39.58 -23.27
N LYS J 124 5.69 -40.91 -23.20
CA LYS J 124 5.50 -41.76 -24.40
C LYS J 124 4.03 -41.96 -24.70
N LYS J 125 3.20 -41.75 -23.69
CA LYS J 125 1.74 -41.84 -23.81
C LYS J 125 1.09 -40.49 -24.06
N LEU J 126 1.74 -39.43 -23.59
CA LEU J 126 1.22 -38.09 -23.69
C LEU J 126 2.36 -37.17 -24.06
N PRO J 127 2.71 -37.11 -25.35
CA PRO J 127 3.94 -36.45 -25.79
C PRO J 127 3.80 -34.93 -25.87
N PHE J 128 3.60 -34.31 -24.70
CA PHE J 128 3.51 -32.86 -24.56
C PHE J 128 3.93 -32.50 -23.14
N PRO J 129 4.44 -31.27 -22.94
CA PRO J 129 4.70 -30.83 -21.57
C PRO J 129 3.43 -30.85 -20.72
N VAL J 130 3.62 -30.93 -19.41
CA VAL J 130 2.52 -31.05 -18.46
C VAL J 130 1.56 -29.86 -18.57
N LYS J 131 2.12 -28.69 -18.76
CA LYS J 131 1.32 -27.46 -18.81
C LYS J 131 0.32 -27.49 -19.97
N LYS J 132 0.73 -28.05 -21.11
CA LYS J 132 -0.11 -28.12 -22.32
C LYS J 132 -1.18 -29.20 -22.19
N ILE J 133 -0.81 -30.34 -21.62
CA ILE J 133 -1.75 -31.39 -21.29
C ILE J 133 -2.86 -30.78 -20.45
N ALA J 134 -2.46 -30.08 -19.39
CA ALA J 134 -3.41 -29.48 -18.48
C ALA J 134 -4.34 -28.54 -19.21
N LYS J 135 -3.78 -27.74 -20.11
CA LYS J 135 -4.60 -26.77 -20.82
C LYS J 135 -5.60 -27.45 -21.76
N ASP J 136 -5.15 -28.42 -22.54
CA ASP J 136 -5.97 -29.04 -23.58
C ASP J 136 -6.97 -30.10 -23.02
N PHE J 137 -6.58 -30.79 -21.96
CA PHE J 137 -7.47 -31.76 -21.29
C PHE J 137 -8.40 -31.07 -20.30
N LYS J 138 -8.32 -29.76 -20.19
CA LYS J 138 -9.12 -28.97 -19.22
C LYS J 138 -8.96 -29.40 -17.75
N LEU J 139 -7.71 -29.65 -17.35
CA LEU J 139 -7.35 -29.99 -15.98
C LEU J 139 -6.70 -28.79 -15.26
N THR J 140 -6.85 -28.74 -13.93
CA THR J 140 -6.38 -27.58 -13.15
C THR J 140 -4.86 -27.41 -13.15
N VAL J 141 -4.38 -26.25 -13.54
CA VAL J 141 -2.94 -26.02 -13.65
C VAL J 141 -2.54 -24.71 -13.00
N LEU J 142 -1.63 -24.76 -12.03
CA LEU J 142 -1.20 -23.56 -11.28
C LEU J 142 -0.27 -22.73 -12.14
N LYS J 143 -0.57 -21.46 -12.31
CA LYS J 143 0.34 -20.58 -12.99
C LYS J 143 1.63 -20.45 -12.20
N GLY J 144 2.75 -20.69 -12.86
CA GLY J 144 4.06 -20.38 -12.31
C GLY J 144 4.97 -21.57 -12.34
N ASP J 145 6.04 -21.47 -11.58
CA ASP J 145 6.98 -22.58 -11.39
C ASP J 145 7.72 -22.52 -10.06
N ILE J 146 8.25 -23.68 -9.68
CA ILE J 146 9.18 -23.78 -8.57
C ILE J 146 10.47 -23.07 -9.01
N ASP J 147 11.02 -22.23 -8.13
CA ASP J 147 12.29 -21.52 -8.38
C ASP J 147 13.43 -22.53 -8.52
N TYR J 148 13.75 -22.89 -9.75
CA TYR J 148 14.70 -23.99 -10.01
C TYR J 148 16.09 -23.80 -9.38
N HIS J 149 16.58 -22.57 -9.26
CA HIS J 149 17.96 -22.36 -8.74
C HIS J 149 18.07 -21.72 -7.34
N LYS J 150 17.10 -22.02 -6.48
CA LYS J 150 17.18 -21.69 -5.04
C LYS J 150 18.14 -22.67 -4.38
N GLU J 151 19.01 -22.19 -3.50
CA GLU J 151 19.95 -23.06 -2.77
C GLU J 151 19.15 -24.01 -1.86
N ARG J 152 19.32 -25.31 -2.07
CA ARG J 152 18.56 -26.31 -1.33
C ARG J 152 19.47 -27.41 -0.79
N PRO J 153 20.02 -27.19 0.39
CA PRO J 153 20.93 -28.13 0.99
C PRO J 153 20.21 -29.30 1.64
N VAL J 154 20.95 -30.35 1.96
CA VAL J 154 20.38 -31.55 2.56
C VAL J 154 19.52 -31.18 3.75
N GLY J 155 18.37 -31.85 3.86
CA GLY J 155 17.38 -31.55 4.89
C GLY J 155 16.62 -30.28 4.59
N TYR J 156 16.60 -29.88 3.32
CA TYR J 156 15.80 -28.73 2.89
C TYR J 156 14.34 -29.10 3.04
N LYS J 157 13.57 -28.17 3.59
CA LYS J 157 12.16 -28.36 3.80
C LYS J 157 11.33 -27.72 2.68
N ILE J 158 10.45 -28.54 2.11
CA ILE J 158 9.57 -28.14 1.02
C ILE J 158 8.62 -27.07 1.54
N THR J 159 8.52 -25.95 0.83
CA THR J 159 7.64 -24.90 1.25
C THR J 159 6.22 -25.27 0.84
N PRO J 160 5.20 -24.75 1.56
CA PRO J 160 3.79 -24.90 1.15
C PRO J 160 3.53 -24.57 -0.32
N GLU J 161 4.25 -23.59 -0.88
CA GLU J 161 4.11 -23.26 -2.31
C GLU J 161 4.67 -24.38 -3.19
N GLU J 162 5.81 -24.93 -2.78
CA GLU J 162 6.48 -25.98 -3.55
C GLU J 162 5.71 -27.28 -3.51
N TYR J 163 5.22 -27.63 -2.33
CA TYR J 163 4.36 -28.79 -2.14
C TYR J 163 3.14 -28.74 -3.10
N ALA J 164 2.53 -27.56 -3.24
CA ALA J 164 1.38 -27.40 -4.13
C ALA J 164 1.75 -27.63 -5.59
N TYR J 165 2.83 -26.99 -6.05
CA TYR J 165 3.29 -27.17 -7.44
C TYR J 165 3.53 -28.64 -7.72
N ILE J 166 4.17 -29.33 -6.76
CA ILE J 166 4.48 -30.77 -6.91
C ILE J 166 3.20 -31.61 -7.01
N LYS J 167 2.31 -31.48 -6.04
CA LYS J 167 1.03 -32.19 -6.11
C LYS J 167 0.34 -31.95 -7.45
N ASN J 168 0.31 -30.70 -7.87
CA ASN J 168 -0.42 -30.35 -9.07
C ASN J 168 0.19 -31.02 -10.27
N ASP J 169 1.52 -31.03 -10.36
CA ASP J 169 2.21 -31.66 -11.51
C ASP J 169 1.81 -33.14 -11.63
N ILE J 170 1.90 -33.88 -10.52
CA ILE J 170 1.61 -35.31 -10.54
C ILE J 170 0.12 -35.60 -10.80
N GLN J 171 -0.74 -34.73 -10.31
CA GLN J 171 -2.18 -34.87 -10.48
C GLN J 171 -2.66 -34.63 -11.92
N ILE J 172 -2.14 -33.58 -12.56
CA ILE J 172 -2.40 -33.34 -13.99
C ILE J 172 -2.20 -34.61 -14.78
N ILE J 173 -1.01 -35.20 -14.62
CA ILE J 173 -0.66 -36.46 -15.29
C ILE J 173 -1.57 -37.61 -14.82
N ALA J 174 -1.85 -37.66 -13.51
CA ALA J 174 -2.75 -38.65 -12.93
C ALA J 174 -4.11 -38.66 -13.64
N GLU J 175 -4.74 -37.49 -13.67
CA GLU J 175 -6.04 -37.34 -14.31
C GLU J 175 -5.98 -37.61 -15.83
N ALA J 176 -4.89 -37.17 -16.48
CA ALA J 176 -4.72 -37.36 -17.93
C ALA J 176 -4.62 -38.85 -18.31
N LEU J 177 -3.82 -39.58 -17.55
CA LEU J 177 -3.65 -41.02 -17.80
C LEU J 177 -4.94 -41.80 -17.55
N LEU J 178 -5.67 -41.45 -16.49
CA LEU J 178 -6.91 -42.16 -16.15
C LEU J 178 -7.93 -42.05 -17.27
N ILE J 179 -8.12 -40.85 -17.80
CA ILE J 179 -9.00 -40.62 -18.97
C ILE J 179 -8.56 -41.47 -20.17
N GLN J 180 -7.25 -41.54 -20.36
CA GLN J 180 -6.68 -42.36 -21.43
C GLN J 180 -6.92 -43.87 -21.23
N PHE J 181 -6.59 -44.40 -20.05
CA PHE J 181 -6.86 -45.81 -19.75
C PHE J 181 -8.33 -46.16 -19.86
N LYS J 182 -9.23 -45.23 -19.54
CA LYS J 182 -10.67 -45.49 -19.66
C LYS J 182 -11.14 -45.50 -21.11
N GLN J 183 -10.46 -44.75 -21.98
CA GLN J 183 -10.75 -44.82 -23.42
C GLN J 183 -10.26 -46.12 -24.02
N GLY J 184 -9.62 -46.95 -23.21
CA GLY J 184 -9.10 -48.24 -23.65
C GLY J 184 -7.71 -48.08 -24.25
N LEU J 185 -7.16 -46.88 -24.13
CA LEU J 185 -5.86 -46.55 -24.72
C LEU J 185 -4.82 -46.82 -23.63
N ASP J 186 -4.42 -48.08 -23.51
CA ASP J 186 -3.71 -48.57 -22.35
C ASP J 186 -2.36 -49.29 -22.64
N ARG J 187 -1.84 -49.16 -23.86
CA ARG J 187 -0.53 -49.74 -24.16
C ARG J 187 0.61 -48.75 -23.86
N MET J 188 1.86 -49.21 -23.91
CA MET J 188 3.02 -48.40 -23.48
C MET J 188 3.12 -46.99 -24.05
N THR J 189 2.67 -46.82 -25.29
CA THR J 189 2.91 -45.59 -26.07
C THR J 189 1.72 -45.20 -26.93
N ALA J 190 1.65 -43.91 -27.25
CA ALA J 190 0.60 -43.37 -28.11
C ALA J 190 0.49 -44.15 -29.43
N GLY J 191 1.63 -44.37 -30.08
CA GLY J 191 1.71 -45.13 -31.33
C GLY J 191 1.41 -46.62 -31.18
N SER J 192 1.74 -47.20 -30.04
CA SER J 192 1.33 -48.56 -29.77
C SER J 192 -0.22 -48.64 -29.67
N ASP J 193 -0.83 -47.61 -29.07
CA ASP J 193 -2.31 -47.48 -29.00
C ASP J 193 -2.98 -47.28 -30.36
N SER J 194 -2.38 -46.47 -31.23
CA SER J 194 -2.90 -46.29 -32.59
C SER J 194 -2.90 -47.60 -33.37
N LEU J 195 -1.76 -48.28 -33.37
CA LEU J 195 -1.60 -49.49 -34.16
C LEU J 195 -2.51 -50.59 -33.65
N LYS J 196 -2.54 -50.79 -32.34
CA LYS J 196 -3.48 -51.75 -31.76
C LYS J 196 -4.91 -51.42 -32.22
N GLY J 197 -5.31 -50.16 -32.15
CA GLY J 197 -6.65 -49.73 -32.53
C GLY J 197 -6.93 -50.08 -33.98
N PHE J 198 -5.98 -49.74 -34.85
CA PHE J 198 -6.07 -50.10 -36.26
C PHE J 198 -6.14 -51.62 -36.45
N LYS J 199 -5.24 -52.34 -35.79
CA LYS J 199 -5.28 -53.80 -35.86
C LYS J 199 -6.65 -54.34 -35.45
N ASP J 200 -7.27 -53.73 -34.43
CA ASP J 200 -8.58 -54.17 -33.95
C ASP J 200 -9.64 -54.08 -35.04
N ILE J 201 -9.62 -52.99 -35.82
CA ILE J 201 -10.67 -52.73 -36.81
C ILE J 201 -10.55 -53.66 -38.01
N ILE J 202 -9.33 -53.87 -38.52
CA ILE J 202 -9.14 -54.83 -39.61
C ILE J 202 -8.97 -56.26 -39.11
N THR J 203 -8.73 -56.44 -37.81
CA THR J 203 -8.50 -57.77 -37.23
C THR J 203 -7.06 -58.24 -37.48
N THR J 204 -6.50 -58.97 -36.52
CA THR J 204 -5.10 -59.41 -36.63
C THR J 204 -4.86 -60.37 -37.78
N LYS J 205 -5.79 -61.31 -37.99
CA LYS J 205 -5.63 -62.30 -39.06
C LYS J 205 -5.51 -61.65 -40.43
N LYS J 206 -6.37 -60.67 -40.68
CA LYS J 206 -6.35 -59.95 -41.94
C LYS J 206 -5.13 -59.07 -42.03
N PHE J 207 -4.76 -58.45 -40.91
CA PHE J 207 -3.58 -57.56 -40.88
C PHE J 207 -2.33 -58.28 -41.36
N LYS J 208 -2.16 -59.53 -40.92
CA LYS J 208 -1.02 -60.33 -41.30
C LYS J 208 -1.03 -60.64 -42.79
N LYS J 209 -2.18 -61.04 -43.32
CA LYS J 209 -2.25 -61.30 -44.75
C LYS J 209 -2.03 -60.02 -45.54
N VAL J 210 -2.63 -58.92 -45.10
CA VAL J 210 -2.60 -57.66 -45.85
C VAL J 210 -1.25 -56.99 -45.73
N PHE J 211 -0.66 -57.09 -44.54
CA PHE J 211 0.68 -56.56 -44.29
C PHE J 211 1.67 -57.65 -43.84
N PRO J 212 2.11 -58.48 -44.80
CA PRO J 212 2.96 -59.63 -44.48
C PRO J 212 4.37 -59.20 -44.12
N THR J 213 5.06 -60.03 -43.36
CA THR J 213 6.38 -59.68 -42.83
C THR J 213 7.46 -59.90 -43.90
N LEU J 214 8.06 -58.82 -44.39
CA LEU J 214 9.14 -58.94 -45.37
C LEU J 214 10.42 -59.41 -44.69
N SER J 215 11.31 -60.09 -45.44
CA SER J 215 12.63 -60.44 -44.93
C SER J 215 13.43 -59.20 -44.59
N LEU J 216 14.34 -59.34 -43.63
CA LEU J 216 15.29 -58.25 -43.22
C LEU J 216 16.03 -57.58 -44.40
N GLY J 217 16.44 -58.38 -45.37
CA GLY J 217 17.12 -57.85 -46.54
C GLY J 217 16.21 -56.95 -47.35
N LEU J 218 14.96 -57.36 -47.50
CA LEU J 218 14.02 -56.64 -48.37
C LEU J 218 13.51 -55.35 -47.72
N ASP J 219 13.19 -55.43 -46.42
CA ASP J 219 12.81 -54.25 -45.61
C ASP J 219 13.91 -53.16 -45.70
N LYS J 220 15.15 -53.58 -45.49
CA LYS J 220 16.35 -52.75 -45.66
C LYS J 220 16.46 -52.09 -47.05
N GLU J 221 16.05 -52.81 -48.10
CA GLU J 221 16.06 -52.25 -49.44
C GLU J 221 14.92 -51.26 -49.62
N VAL J 222 13.72 -51.67 -49.22
CA VAL J 222 12.57 -50.76 -49.20
C VAL J 222 12.92 -49.47 -48.43
N ARG J 223 13.54 -49.61 -47.26
CA ARG J 223 13.84 -48.46 -46.39
C ARG J 223 14.70 -47.36 -47.05
N TYR J 224 15.49 -47.73 -48.05
CA TYR J 224 16.29 -46.74 -48.76
C TYR J 224 15.44 -45.64 -49.42
N ALA J 225 14.21 -45.97 -49.79
CA ALA J 225 13.31 -45.03 -50.46
C ALA J 225 12.27 -44.49 -49.48
N TYR J 226 12.62 -44.48 -48.19
CA TYR J 226 11.74 -44.00 -47.14
C TYR J 226 12.32 -42.71 -46.59
N ARG J 227 11.82 -41.60 -47.09
CA ARG J 227 12.28 -40.27 -46.68
C ARG J 227 11.21 -39.56 -45.85
N GLY J 228 11.51 -38.33 -45.44
CA GLY J 228 10.64 -37.61 -44.53
C GLY J 228 9.90 -36.46 -45.19
N GLY J 229 10.02 -35.28 -44.58
CA GLY J 229 9.30 -34.11 -45.02
C GLY J 229 10.18 -33.24 -45.88
N PHE J 230 9.55 -32.54 -46.82
CA PHE J 230 10.21 -31.63 -47.75
C PHE J 230 10.44 -30.27 -47.09
N THR J 231 11.71 -29.91 -46.93
CA THR J 231 12.11 -28.71 -46.20
C THR J 231 12.97 -27.85 -47.13
N TRP J 232 12.38 -26.78 -47.66
CA TRP J 232 12.99 -26.00 -48.74
C TRP J 232 12.84 -24.50 -48.55
N LEU J 233 13.89 -23.77 -48.93
CA LEU J 233 13.89 -22.32 -48.93
C LEU J 233 14.28 -21.87 -50.34
N ASN J 234 13.56 -20.89 -50.89
CA ASN J 234 13.85 -20.41 -52.23
C ASN J 234 15.12 -19.59 -52.15
N ASP J 235 16.14 -20.03 -52.88
CA ASP J 235 17.44 -19.35 -52.89
C ASP J 235 17.31 -17.81 -53.01
N ARG J 236 16.37 -17.34 -53.83
CA ARG J 236 16.16 -15.90 -54.04
C ARG J 236 15.80 -15.11 -52.78
N PHE J 237 15.16 -15.77 -51.82
CA PHE J 237 14.77 -15.13 -50.55
C PHE J 237 15.71 -15.47 -49.38
N LYS J 238 16.83 -16.12 -49.68
CA LYS J 238 17.77 -16.56 -48.64
C LYS J 238 18.48 -15.39 -47.96
N GLU J 239 18.32 -15.30 -46.65
CA GLU J 239 18.94 -14.25 -45.83
C GLU J 239 18.50 -12.84 -46.24
N LYS J 240 17.28 -12.72 -46.78
CA LYS J 240 16.74 -11.44 -47.23
C LYS J 240 15.43 -11.09 -46.50
N GLU J 241 15.40 -9.91 -45.89
CA GLU J 241 14.20 -9.39 -45.23
C GLU J 241 13.16 -9.13 -46.32
N ILE J 242 11.97 -9.71 -46.16
CA ILE J 242 10.88 -9.53 -47.12
C ILE J 242 9.62 -8.93 -46.50
N GLY J 243 8.78 -8.34 -47.34
CA GLY J 243 7.57 -7.64 -46.90
C GLY J 243 6.42 -8.59 -46.61
N GLU J 244 5.22 -8.17 -47.00
CA GLU J 244 3.99 -8.91 -46.71
C GLU J 244 3.99 -10.34 -47.26
N GLY J 245 3.56 -11.30 -46.45
CA GLY J 245 3.54 -12.72 -46.85
C GLY J 245 2.48 -13.53 -46.12
N MET J 246 2.22 -14.74 -46.62
CA MET J 246 1.20 -15.64 -46.04
C MET J 246 1.65 -17.11 -46.01
N VAL J 247 1.32 -17.78 -44.90
CA VAL J 247 1.64 -19.19 -44.69
C VAL J 247 0.37 -20.05 -44.80
N PHE J 248 0.48 -21.17 -45.51
CA PHE J 248 -0.60 -22.17 -45.61
C PHE J 248 -0.16 -23.48 -44.92
N ASP J 249 -1.13 -24.34 -44.70
CA ASP J 249 -0.97 -25.45 -43.78
C ASP J 249 -1.95 -26.54 -44.18
N VAL J 250 -1.46 -27.76 -44.42
CA VAL J 250 -2.35 -28.86 -44.77
C VAL J 250 -3.07 -29.33 -43.51
N ASN J 251 -4.38 -29.46 -43.60
CA ASN J 251 -5.16 -30.02 -42.51
C ASN J 251 -4.91 -31.53 -42.43
N SER J 252 -4.18 -31.95 -41.39
CA SER J 252 -3.82 -33.35 -41.12
C SER J 252 -3.12 -34.04 -42.29
N LEU J 253 -1.92 -33.58 -42.57
CA LEU J 253 -1.13 -34.04 -43.71
C LEU J 253 -1.18 -35.56 -43.91
N TYR J 254 -0.64 -36.28 -42.93
CA TYR J 254 -0.44 -37.72 -43.08
C TYR J 254 -1.74 -38.52 -43.07
N PRO J 255 -2.65 -38.24 -42.12
CA PRO J 255 -3.93 -38.93 -42.22
C PRO J 255 -4.62 -38.63 -43.52
N ALA J 256 -4.48 -37.41 -44.02
CA ALA J 256 -5.01 -37.06 -45.35
C ALA J 256 -4.58 -38.06 -46.42
N GLN J 257 -3.29 -38.35 -46.47
CA GLN J 257 -2.74 -39.27 -47.45
C GLN J 257 -3.28 -40.68 -47.24
N MET J 258 -3.22 -41.13 -45.99
CA MET J 258 -3.73 -42.45 -45.60
C MET J 258 -5.20 -42.66 -45.96
N TYR J 259 -5.96 -41.58 -45.98
CA TYR J 259 -7.38 -41.63 -46.25
C TYR J 259 -7.70 -41.85 -47.73
N SER J 260 -7.03 -41.15 -48.63
CA SER J 260 -7.43 -41.10 -50.06
C SER J 260 -6.44 -41.67 -51.07
N ARG J 261 -5.16 -41.70 -50.73
CA ARG J 261 -4.15 -42.09 -51.70
C ARG J 261 -4.08 -43.60 -51.90
N LEU J 262 -3.61 -43.98 -53.08
CA LEU J 262 -3.32 -45.38 -53.36
C LEU J 262 -2.10 -45.75 -52.56
N LEU J 263 -2.22 -46.76 -51.71
CA LEU J 263 -1.13 -47.20 -50.84
C LEU J 263 -0.88 -48.70 -51.03
N PRO J 264 0.35 -49.17 -50.71
CA PRO J 264 0.73 -50.53 -51.04
C PRO J 264 0.31 -51.51 -49.97
N TYR J 265 0.07 -52.74 -50.37
CA TYR J 265 -0.14 -53.83 -49.42
C TYR J 265 0.24 -55.17 -50.03
N GLY J 266 0.56 -56.14 -49.19
CA GLY J 266 0.74 -57.52 -49.62
C GLY J 266 2.17 -57.89 -49.99
N GLU J 267 2.31 -59.13 -50.48
CA GLU J 267 3.61 -59.64 -50.89
C GLU J 267 4.09 -58.94 -52.15
N PRO J 268 5.26 -58.27 -52.09
CA PRO J 268 5.78 -57.58 -53.26
C PRO J 268 6.42 -58.54 -54.25
N ILE J 269 6.56 -58.09 -55.49
CA ILE J 269 7.27 -58.86 -56.52
C ILE J 269 8.56 -58.14 -56.92
N VAL J 270 9.67 -58.89 -56.95
CA VAL J 270 10.98 -58.36 -57.32
C VAL J 270 11.17 -58.49 -58.83
N PHE J 271 11.66 -57.42 -59.46
CA PHE J 271 11.79 -57.35 -60.92
C PHE J 271 13.07 -56.66 -61.35
N GLU J 272 13.58 -57.06 -62.51
CA GLU J 272 14.82 -56.48 -63.05
C GLU J 272 14.50 -55.34 -64.00
N GLY J 273 15.31 -54.28 -63.94
CA GLY J 273 15.20 -53.19 -64.89
C GLY J 273 14.02 -52.28 -64.69
N LYS J 274 13.26 -52.07 -65.77
CA LYS J 274 12.15 -51.13 -65.80
C LYS J 274 10.90 -51.78 -65.26
N TYR J 275 10.16 -51.05 -64.42
CA TYR J 275 8.84 -51.47 -64.01
C TYR J 275 7.98 -51.44 -65.24
N VAL J 276 7.62 -52.60 -65.74
CA VAL J 276 6.62 -52.70 -66.79
C VAL J 276 5.27 -52.57 -66.10
N TRP J 277 4.46 -51.61 -66.55
CA TRP J 277 3.18 -51.31 -65.90
C TRP J 277 2.41 -52.61 -65.60
N ASP J 278 1.94 -52.74 -64.35
CA ASP J 278 1.02 -53.81 -63.97
C ASP J 278 -0.16 -53.17 -63.26
N GLU J 279 -1.33 -53.30 -63.87
CA GLU J 279 -2.58 -52.82 -63.28
C GLU J 279 -2.88 -53.45 -61.90
N ASP J 280 -2.54 -54.73 -61.72
CA ASP J 280 -2.73 -55.40 -60.42
C ASP J 280 -1.66 -55.02 -59.37
N TYR J 281 -0.52 -54.50 -59.86
CA TYR J 281 0.58 -54.04 -59.00
C TYR J 281 1.00 -52.63 -59.45
N PRO J 282 0.14 -51.63 -59.20
CA PRO J 282 0.35 -50.29 -59.77
C PRO J 282 1.54 -49.51 -59.19
N LEU J 283 1.82 -49.73 -57.91
CA LEU J 283 2.86 -48.99 -57.22
C LEU J 283 4.18 -49.75 -57.22
N HIS J 284 5.29 -49.01 -57.22
CA HIS J 284 6.60 -49.64 -57.24
C HIS J 284 7.72 -48.75 -56.71
N ILE J 285 8.75 -49.41 -56.16
CA ILE J 285 10.02 -48.79 -55.82
C ILE J 285 11.05 -49.19 -56.87
N GLN J 286 11.69 -48.20 -57.50
CA GLN J 286 12.62 -48.43 -58.58
C GLN J 286 14.05 -48.15 -58.09
N HIS J 287 15.00 -49.06 -58.37
CA HIS J 287 16.43 -48.72 -58.17
C HIS J 287 16.93 -48.04 -59.43
N ILE J 288 17.20 -46.75 -59.31
CA ILE J 288 17.62 -45.93 -60.43
C ILE J 288 19.06 -45.45 -60.21
N ARG J 289 19.77 -45.26 -61.30
CA ARG J 289 21.03 -44.57 -61.26
C ARG J 289 21.13 -43.67 -62.47
N CYS J 290 21.41 -42.38 -62.26
CA CYS J 290 21.45 -41.46 -63.39
C CYS J 290 22.05 -40.08 -63.10
N GLU J 291 21.97 -39.23 -64.13
CA GLU J 291 22.26 -37.82 -64.03
C GLU J 291 20.97 -37.07 -64.31
N PHE J 292 20.89 -35.80 -63.89
CA PHE J 292 19.67 -34.99 -64.05
C PHE J 292 19.93 -33.48 -64.06
N GLU J 293 18.98 -32.73 -64.61
CA GLU J 293 19.11 -31.27 -64.76
C GLU J 293 17.76 -30.55 -64.53
N LEU J 294 17.69 -29.72 -63.49
CA LEU J 294 16.42 -29.07 -63.09
C LEU J 294 15.77 -28.28 -64.23
N LYS J 295 14.48 -28.55 -64.48
CA LYS J 295 13.72 -27.82 -65.49
C LYS J 295 13.64 -26.34 -65.13
N GLU J 296 13.57 -25.47 -66.15
CA GLU J 296 13.58 -24.03 -65.94
C GLU J 296 12.20 -23.59 -65.42
N GLY J 297 12.20 -22.95 -64.26
CA GLY J 297 10.97 -22.47 -63.62
C GLY J 297 10.31 -23.52 -62.73
N TYR J 298 11.13 -24.42 -62.16
CA TYR J 298 10.64 -25.51 -61.31
C TYR J 298 11.39 -25.60 -59.98
N ILE J 299 10.66 -26.02 -58.95
CA ILE J 299 11.23 -26.36 -57.63
C ILE J 299 12.03 -27.70 -57.71
N PRO J 300 13.20 -27.78 -57.05
CA PRO J 300 13.93 -29.06 -56.95
C PRO J 300 13.35 -30.05 -55.92
N THR J 301 13.51 -31.35 -56.17
CA THR J 301 12.96 -32.41 -55.29
C THR J 301 13.92 -33.55 -54.90
N ILE J 302 15.12 -33.56 -55.47
CA ILE J 302 16.10 -34.64 -55.24
C ILE J 302 17.09 -34.31 -54.12
N GLN J 303 17.20 -35.19 -53.15
CA GLN J 303 18.08 -34.98 -52.00
C GLN J 303 18.76 -36.29 -51.60
N ILE J 304 20.07 -36.36 -51.83
CA ILE J 304 20.86 -37.62 -51.74
C ILE J 304 21.75 -37.63 -50.50
N LYS J 305 21.76 -38.73 -49.75
CA LYS J 305 22.54 -38.83 -48.50
C LYS J 305 23.48 -40.03 -48.44
N TYR J 310 26.80 -35.23 -51.75
CA TYR J 310 26.89 -33.86 -52.22
C TYR J 310 26.90 -32.89 -51.05
N ASN J 313 21.36 -32.42 -47.11
CA ASN J 313 20.44 -31.34 -46.75
C ASN J 313 20.02 -30.43 -47.91
N GLU J 314 20.36 -30.82 -49.15
CA GLU J 314 20.31 -29.91 -50.29
C GLU J 314 19.54 -30.50 -51.47
N TYR J 315 18.46 -29.82 -51.86
CA TYR J 315 17.70 -30.19 -53.06
C TYR J 315 18.42 -29.67 -54.31
N LEU J 316 19.00 -30.60 -55.06
CA LEU J 316 20.02 -30.29 -56.06
C LEU J 316 19.46 -29.66 -57.34
N LYS J 317 20.29 -28.84 -57.99
CA LYS J 317 19.93 -28.23 -59.28
C LYS J 317 20.30 -29.17 -60.42
N SER J 318 21.39 -29.92 -60.21
CA SER J 318 21.81 -30.98 -61.14
C SER J 318 22.61 -32.06 -60.42
N SER J 319 22.84 -33.17 -61.11
CA SER J 319 23.77 -34.18 -60.63
C SER J 319 25.20 -33.71 -60.88
N GLY J 320 25.36 -32.84 -61.87
CA GLY J 320 26.59 -32.07 -62.08
C GLY J 320 27.87 -32.88 -62.28
N GLY J 321 27.90 -33.68 -63.35
CA GLY J 321 29.09 -34.47 -63.67
C GLY J 321 29.12 -35.81 -62.97
N GLU J 322 28.52 -35.90 -61.78
CA GLU J 322 28.45 -37.15 -61.02
C GLU J 322 27.16 -37.93 -61.29
N ILE J 323 27.18 -39.20 -60.91
CA ILE J 323 26.17 -40.19 -61.32
C ILE J 323 25.43 -40.79 -60.10
N ALA J 324 24.18 -40.33 -59.89
CA ALA J 324 23.42 -40.56 -58.63
C ALA J 324 22.78 -41.93 -58.52
N ASP J 325 22.68 -42.42 -57.27
CA ASP J 325 22.33 -43.83 -56.95
C ASP J 325 21.14 -43.94 -56.00
N LEU J 326 19.92 -43.86 -56.53
CA LEU J 326 18.74 -43.66 -55.70
C LEU J 326 17.72 -44.79 -55.77
N TRP J 327 17.07 -45.04 -54.63
CA TRP J 327 15.85 -45.83 -54.58
C TRP J 327 14.68 -44.85 -54.44
N LEU J 328 13.68 -44.99 -55.30
CA LEU J 328 12.55 -44.05 -55.35
C LEU J 328 11.21 -44.76 -55.46
N SER J 329 10.15 -44.16 -54.91
CA SER J 329 8.79 -44.66 -55.14
C SER J 329 8.36 -44.18 -56.50
N ASN J 330 7.30 -44.76 -57.04
CA ASN J 330 6.78 -44.26 -58.32
C ASN J 330 6.28 -42.83 -58.23
N VAL J 331 5.86 -42.41 -57.04
CA VAL J 331 5.42 -41.02 -56.83
C VAL J 331 6.60 -40.03 -56.90
N ASP J 332 7.73 -40.43 -56.33
CA ASP J 332 8.96 -39.63 -56.41
C ASP J 332 9.41 -39.50 -57.85
N LEU J 333 9.47 -40.64 -58.53
CA LEU J 333 10.00 -40.69 -59.88
C LEU J 333 9.08 -39.88 -60.79
N GLU J 334 7.81 -40.27 -60.89
CA GLU J 334 6.86 -39.59 -61.77
C GLU J 334 6.88 -38.07 -61.51
N LEU J 335 7.10 -37.67 -60.26
CA LEU J 335 7.28 -36.25 -59.93
C LEU J 335 8.62 -35.74 -60.44
N MET J 336 9.68 -36.48 -60.14
CA MET J 336 11.04 -36.09 -60.53
C MET J 336 11.17 -35.87 -62.04
N LYS J 337 10.43 -36.63 -62.83
CA LYS J 337 10.38 -36.47 -64.28
C LYS J 337 9.73 -35.14 -64.73
N GLU J 338 8.75 -34.68 -63.97
CA GLU J 338 8.03 -33.43 -64.27
C GLU J 338 8.87 -32.19 -63.90
N HIS J 339 9.76 -32.34 -62.91
CA HIS J 339 10.60 -31.25 -62.40
C HIS J 339 12.03 -31.30 -62.94
N TYR J 340 12.38 -32.36 -63.67
CA TYR J 340 13.73 -32.54 -64.19
C TYR J 340 13.82 -33.09 -65.62
N ASP J 341 14.84 -32.63 -66.34
CA ASP J 341 15.38 -33.35 -67.47
C ASP J 341 16.27 -34.44 -66.87
N LEU J 342 15.89 -35.70 -67.06
CA LEU J 342 16.69 -36.84 -66.57
C LEU J 342 17.37 -37.48 -67.76
N TYR J 343 18.68 -37.71 -67.71
CA TYR J 343 19.32 -38.35 -68.88
C TYR J 343 19.97 -39.77 -68.74
N ASN J 344 20.84 -40.06 -67.77
CA ASN J 344 21.80 -41.19 -67.95
C ASN J 344 21.99 -42.34 -66.94
N VAL J 345 21.19 -43.41 -66.93
CA VAL J 345 19.71 -43.46 -66.87
C VAL J 345 19.41 -44.93 -66.53
N GLU J 346 19.85 -45.37 -65.35
CA GLU J 346 19.70 -46.77 -65.03
C GLU J 346 18.43 -47.35 -64.43
N TYR J 347 18.46 -48.65 -64.19
CA TYR J 347 17.26 -49.44 -64.03
C TYR J 347 17.71 -50.78 -63.45
N ILE J 348 18.24 -50.73 -62.24
CA ILE J 348 19.00 -51.86 -61.72
C ILE J 348 18.11 -52.99 -61.23
N SER J 349 17.14 -52.63 -60.39
CA SER J 349 16.22 -53.59 -59.81
C SER J 349 14.97 -52.85 -59.39
N GLY J 350 14.06 -53.55 -58.71
CA GLY J 350 12.88 -52.91 -58.19
C GLY J 350 11.90 -53.82 -57.49
N LEU J 351 10.94 -53.21 -56.80
CA LEU J 351 9.88 -53.89 -56.07
C LEU J 351 8.56 -53.28 -56.48
N LYS J 352 7.59 -54.14 -56.84
CA LYS J 352 6.22 -53.67 -57.15
C LYS J 352 5.20 -54.27 -56.18
N PHE J 353 4.19 -53.45 -55.83
CA PHE J 353 3.20 -53.81 -54.83
C PHE J 353 1.80 -53.71 -55.37
N LYS J 354 0.90 -54.54 -54.85
CA LYS J 354 -0.54 -54.31 -55.07
C LYS J 354 -0.95 -53.16 -54.18
N ALA J 355 -1.96 -52.41 -54.60
CA ALA J 355 -2.33 -51.19 -53.90
C ALA J 355 -3.84 -50.97 -53.82
N THR J 356 -4.25 -50.08 -52.91
CA THR J 356 -5.66 -49.73 -52.74
C THR J 356 -5.81 -48.46 -51.90
N THR J 357 -6.99 -47.85 -51.92
CA THR J 357 -7.20 -46.54 -51.29
C THR J 357 -7.88 -46.59 -49.94
N GLY J 358 -8.54 -47.70 -49.61
CA GLY J 358 -9.45 -47.73 -48.44
C GLY J 358 -8.97 -48.30 -47.10
N LEU J 359 -7.70 -48.68 -47.01
CA LEU J 359 -7.20 -49.43 -45.85
C LEU J 359 -7.42 -48.77 -44.46
N PHE J 360 -7.33 -47.44 -44.41
CA PHE J 360 -7.44 -46.68 -43.13
C PHE J 360 -8.76 -45.94 -42.90
N LYS J 361 -9.67 -46.00 -43.86
CA LYS J 361 -11.00 -45.40 -43.75
C LYS J 361 -11.68 -45.66 -42.40
N ASP J 362 -11.93 -46.92 -42.11
CA ASP J 362 -12.70 -47.29 -40.95
C ASP J 362 -12.10 -46.63 -39.70
N PHE J 363 -10.77 -46.71 -39.58
CA PHE J 363 -10.05 -46.13 -38.46
C PHE J 363 -10.17 -44.62 -38.41
N ILE J 364 -9.79 -43.95 -39.50
CA ILE J 364 -9.86 -42.48 -39.60
C ILE J 364 -11.29 -41.95 -39.39
N ASP J 365 -12.28 -42.58 -40.05
CA ASP J 365 -13.70 -42.25 -39.81
C ASP J 365 -14.03 -42.30 -38.32
N LYS J 366 -13.66 -43.40 -37.69
CA LYS J 366 -13.94 -43.61 -36.28
C LYS J 366 -13.46 -42.43 -35.41
N TRP J 367 -12.17 -42.09 -35.55
CA TRP J 367 -11.56 -41.09 -34.66
C TRP J 367 -11.78 -39.65 -35.09
N THR J 368 -12.05 -39.43 -36.36
CA THR J 368 -12.43 -38.10 -36.80
C THR J 368 -13.81 -37.73 -36.21
N TYR J 369 -14.76 -38.68 -36.23
CA TYR J 369 -16.09 -38.42 -35.67
C TYR J 369 -15.95 -38.09 -34.20
N ILE J 370 -15.21 -38.92 -33.49
CA ILE J 370 -14.93 -38.70 -32.08
C ILE J 370 -14.23 -37.35 -31.85
N LYS J 371 -13.34 -36.97 -32.75
CA LYS J 371 -12.61 -35.71 -32.60
C LYS J 371 -13.57 -34.54 -32.71
N THR J 372 -14.36 -34.55 -33.78
CA THR J 372 -15.16 -33.41 -34.14
C THR J 372 -16.41 -33.28 -33.26
N THR J 373 -16.85 -34.39 -32.65
CA THR J 373 -18.03 -34.37 -31.77
C THR J 373 -17.66 -34.10 -30.31
N SER J 374 -16.37 -34.14 -30.04
CA SER J 374 -15.88 -34.12 -28.67
C SER J 374 -15.14 -32.82 -28.32
N GLU J 375 -15.13 -32.50 -27.04
CA GLU J 375 -14.38 -31.36 -26.49
C GLU J 375 -13.30 -31.86 -25.54
N GLY J 376 -12.28 -31.03 -25.31
CA GLY J 376 -11.28 -31.26 -24.26
C GLY J 376 -10.45 -32.51 -24.38
N ALA J 377 -10.19 -33.15 -23.24
CA ALA J 377 -9.30 -34.31 -23.14
C ALA J 377 -9.55 -35.39 -24.16
N ILE J 378 -10.79 -35.88 -24.20
CA ILE J 378 -11.08 -37.02 -25.06
C ILE J 378 -10.88 -36.66 -26.54
N LYS J 379 -11.08 -35.40 -26.90
CA LYS J 379 -10.86 -34.96 -28.28
C LYS J 379 -9.37 -34.88 -28.61
N GLN J 380 -8.53 -34.53 -27.62
CA GLN J 380 -7.06 -34.57 -27.79
C GLN J 380 -6.56 -36.00 -27.99
N LEU J 381 -7.12 -36.93 -27.21
CA LEU J 381 -6.82 -38.36 -27.39
C LEU J 381 -7.16 -38.88 -28.79
N ALA J 382 -8.23 -38.38 -29.40
CA ALA J 382 -8.62 -38.79 -30.74
C ALA J 382 -7.63 -38.21 -31.74
N LYS J 383 -7.15 -36.99 -31.49
CA LYS J 383 -6.07 -36.42 -32.31
C LYS J 383 -4.79 -37.25 -32.20
N LEU J 384 -4.53 -37.74 -31.00
CA LEU J 384 -3.36 -38.56 -30.72
C LEU J 384 -3.42 -39.83 -31.52
N MET J 385 -4.57 -40.48 -31.47
CA MET J 385 -4.76 -41.73 -32.21
C MET J 385 -4.60 -41.49 -33.71
N LEU J 386 -5.24 -40.45 -34.22
CA LEU J 386 -5.17 -40.16 -35.64
C LEU J 386 -3.74 -39.88 -36.09
N ASN J 387 -2.99 -39.16 -35.27
CA ASN J 387 -1.67 -38.70 -35.65
C ASN J 387 -0.53 -39.64 -35.32
N SER J 388 -0.80 -40.71 -34.57
CA SER J 388 0.27 -41.62 -34.13
C SER J 388 0.37 -42.94 -34.88
N LEU J 389 -0.40 -43.12 -35.96
CA LEU J 389 -0.44 -44.41 -36.62
C LEU J 389 0.65 -44.59 -37.68
N TYR J 390 0.74 -43.67 -38.63
CA TYR J 390 1.55 -43.94 -39.84
C TYR J 390 2.99 -44.37 -39.50
N GLY J 391 3.56 -43.75 -38.46
CA GLY J 391 4.95 -44.01 -38.05
C GLY J 391 5.23 -45.46 -37.71
N LYS J 392 4.26 -46.15 -37.10
CA LYS J 392 4.49 -47.52 -36.67
C LYS J 392 4.74 -48.48 -37.84
N PHE J 393 4.31 -48.11 -39.04
CA PHE J 393 4.51 -48.97 -40.20
C PHE J 393 5.97 -49.12 -40.59
N ALA J 394 6.70 -48.02 -40.66
CA ALA J 394 8.10 -48.06 -41.08
C ALA J 394 9.06 -48.31 -39.92
N SER J 395 8.50 -48.59 -38.74
CA SER J 395 9.27 -48.97 -37.54
C SER J 395 10.51 -49.80 -37.84
N ASN J 396 11.63 -49.44 -37.21
CA ASN J 396 12.92 -50.11 -37.47
C ASN J 396 13.08 -51.47 -36.73
N PRO J 397 13.43 -52.54 -37.47
CA PRO J 397 13.47 -53.86 -36.85
C PRO J 397 14.69 -54.06 -35.95
N ASP J 398 15.64 -53.14 -36.06
CA ASP J 398 16.78 -53.09 -35.16
C ASP J 398 16.39 -52.43 -33.85
N VAL J 399 16.11 -53.23 -32.84
CA VAL J 399 15.79 -52.71 -31.52
C VAL J 399 16.93 -52.97 -30.52
N THR J 400 18.17 -52.90 -31.01
CA THR J 400 19.33 -52.94 -30.12
C THR J 400 19.21 -51.78 -29.16
N GLY J 401 19.62 -52.00 -27.93
CA GLY J 401 19.39 -51.03 -26.87
C GLY J 401 20.66 -50.64 -26.14
N LYS J 402 20.50 -49.65 -25.26
CA LYS J 402 21.60 -49.17 -24.43
C LYS J 402 21.46 -49.74 -23.03
N VAL J 403 22.48 -50.48 -22.58
CA VAL J 403 22.54 -50.96 -21.19
C VAL J 403 23.32 -49.96 -20.31
N PRO J 404 22.71 -49.57 -19.16
CA PRO J 404 23.26 -48.59 -18.23
C PRO J 404 24.17 -49.20 -17.18
N TYR J 405 25.21 -48.48 -16.79
CA TYR J 405 26.10 -48.93 -15.72
C TYR J 405 26.67 -47.75 -14.94
N LEU J 406 27.24 -48.05 -13.78
CA LEU J 406 27.95 -47.03 -12.99
C LEU J 406 29.39 -46.95 -13.45
N LYS J 407 29.75 -45.81 -14.05
CA LYS J 407 31.12 -45.51 -14.44
C LYS J 407 32.05 -45.44 -13.24
N GLU J 408 33.34 -45.30 -13.54
CA GLU J 408 34.40 -45.16 -12.54
C GLU J 408 34.20 -43.94 -11.61
N ASN J 409 34.04 -42.74 -12.16
CA ASN J 409 33.40 -41.69 -11.35
C ASN J 409 31.96 -42.16 -11.17
N GLY J 410 31.33 -41.84 -10.06
CA GLY J 410 30.03 -42.48 -9.77
C GLY J 410 28.89 -42.05 -10.68
N ALA J 411 29.19 -41.73 -11.93
CA ALA J 411 28.21 -41.24 -12.89
C ALA J 411 27.63 -42.39 -13.67
N LEU J 412 26.48 -42.16 -14.30
CA LEU J 412 25.77 -43.19 -15.02
C LEU J 412 26.28 -43.21 -16.46
N GLY J 413 26.79 -44.36 -16.89
CA GLY J 413 27.21 -44.54 -18.28
C GLY J 413 26.30 -45.51 -18.98
N PHE J 414 26.47 -45.65 -20.31
CA PHE J 414 25.65 -46.54 -21.13
C PHE J 414 26.46 -47.21 -22.22
N ARG J 415 26.33 -48.53 -22.30
CA ARG J 415 26.95 -49.31 -23.35
C ARG J 415 25.89 -49.85 -24.30
N LEU J 416 26.25 -50.00 -25.56
CA LEU J 416 25.37 -50.61 -26.55
C LEU J 416 25.28 -52.12 -26.27
N GLY J 417 24.06 -52.63 -26.23
CA GLY J 417 23.82 -54.04 -25.92
C GLY J 417 23.91 -55.00 -27.10
N GLU J 418 23.43 -56.22 -26.87
CA GLU J 418 23.41 -57.25 -27.89
C GLU J 418 22.59 -56.79 -29.08
N GLU J 419 23.08 -57.11 -30.28
CA GLU J 419 22.34 -56.91 -31.50
C GLU J 419 21.04 -57.70 -31.36
N GLU J 420 19.92 -56.98 -31.42
CA GLU J 420 18.61 -57.60 -31.30
C GLU J 420 17.71 -57.19 -32.45
N THR J 421 16.99 -58.15 -32.98
CA THR J 421 16.09 -57.93 -34.09
C THR J 421 14.63 -58.14 -33.72
N LYS J 422 13.80 -57.39 -34.42
CA LYS J 422 12.36 -57.46 -34.33
C LYS J 422 11.93 -57.66 -35.77
N ASP J 423 10.70 -58.13 -35.97
CA ASP J 423 10.19 -58.25 -37.32
C ASP J 423 9.70 -56.89 -37.82
N PRO J 424 9.86 -56.65 -39.13
CA PRO J 424 9.30 -55.47 -39.75
C PRO J 424 7.78 -55.46 -39.67
N VAL J 425 7.20 -54.26 -39.56
CA VAL J 425 5.75 -54.09 -39.67
C VAL J 425 5.37 -54.05 -41.17
N TYR J 426 5.41 -52.88 -41.79
CA TYR J 426 5.23 -52.80 -43.25
C TYR J 426 5.77 -51.45 -43.73
N THR J 427 7.10 -51.42 -43.88
CA THR J 427 7.81 -50.22 -44.29
C THR J 427 7.36 -49.66 -45.65
N PRO J 428 7.00 -50.51 -46.62
CA PRO J 428 6.47 -50.01 -47.90
C PRO J 428 5.36 -48.99 -47.74
N MET J 429 4.50 -49.19 -46.75
CA MET J 429 3.47 -48.22 -46.44
C MET J 429 4.07 -46.87 -46.04
N GLY J 430 5.08 -46.90 -45.17
CA GLY J 430 5.73 -45.67 -44.74
C GLY J 430 6.39 -44.91 -45.90
N VAL J 431 7.03 -45.65 -46.80
CA VAL J 431 7.62 -45.06 -48.00
C VAL J 431 6.57 -44.28 -48.78
N PHE J 432 5.42 -44.89 -49.00
CA PHE J 432 4.37 -44.28 -49.82
C PHE J 432 3.51 -43.24 -49.09
N ILE J 433 3.39 -43.34 -47.78
CA ILE J 433 2.66 -42.30 -47.06
C ILE J 433 3.49 -41.01 -47.14
N THR J 434 4.74 -41.05 -46.68
CA THR J 434 5.63 -39.87 -46.74
C THR J 434 5.84 -39.36 -48.19
N ALA J 435 5.88 -40.28 -49.14
CA ALA J 435 6.07 -39.91 -50.54
C ALA J 435 4.91 -39.05 -51.01
N TRP J 436 3.70 -39.55 -50.84
CA TRP J 436 2.48 -38.83 -51.22
C TRP J 436 2.36 -37.51 -50.48
N ALA J 437 2.80 -37.49 -49.22
CA ALA J 437 2.83 -36.23 -48.49
C ALA J 437 3.65 -35.20 -49.25
N ARG J 438 4.86 -35.59 -49.66
CA ARG J 438 5.73 -34.68 -50.40
C ARG J 438 5.09 -34.18 -51.68
N TYR J 439 4.47 -35.10 -52.42
CA TYR J 439 3.77 -34.76 -53.64
C TYR J 439 2.73 -33.67 -53.38
N THR J 440 2.01 -33.81 -52.27
CA THR J 440 1.00 -32.81 -51.88
C THR J 440 1.65 -31.43 -51.71
N THR J 441 2.73 -31.41 -50.93
CA THR J 441 3.41 -30.17 -50.58
C THR J 441 4.07 -29.52 -51.79
N ILE J 442 4.86 -30.30 -52.52
CA ILE J 442 5.62 -29.79 -53.64
C ILE J 442 4.74 -29.28 -54.77
N THR J 443 3.72 -30.05 -55.14
CA THR J 443 2.86 -29.66 -56.26
C THR J 443 2.16 -28.33 -55.95
N ALA J 444 1.69 -28.18 -54.72
CA ALA J 444 1.07 -26.93 -54.29
C ALA J 444 2.07 -25.80 -54.44
N ALA J 445 3.26 -25.99 -53.89
CA ALA J 445 4.37 -25.05 -54.06
C ALA J 445 4.61 -24.67 -55.54
N GLN J 446 4.72 -25.66 -56.42
CA GLN J 446 5.04 -25.42 -57.84
C GLN J 446 3.95 -24.62 -58.54
N ALA J 447 2.69 -24.88 -58.18
CA ALA J 447 1.57 -24.10 -58.69
C ALA J 447 1.75 -22.60 -58.37
N CYS J 448 2.46 -22.32 -57.27
CA CYS J 448 2.79 -20.94 -56.85
C CYS J 448 4.26 -20.58 -57.03
N TYR J 449 4.90 -21.11 -58.06
CA TYR J 449 6.33 -20.87 -58.25
C TYR J 449 6.68 -19.38 -58.13
N ASP J 450 5.98 -18.55 -58.90
CA ASP J 450 6.28 -17.11 -58.95
C ASP J 450 6.15 -16.39 -57.60
N ARG J 451 5.45 -17.00 -56.64
CA ARG J 451 5.30 -16.43 -55.28
C ARG J 451 6.00 -17.22 -54.16
N ILE J 452 6.41 -18.45 -54.43
CA ILE J 452 6.93 -19.34 -53.37
C ILE J 452 8.17 -18.78 -52.66
N ILE J 453 8.19 -18.96 -51.33
CA ILE J 453 9.31 -18.54 -50.47
C ILE J 453 9.99 -19.73 -49.81
N TYR J 454 9.19 -20.61 -49.22
CA TYR J 454 9.69 -21.64 -48.30
C TYR J 454 8.68 -22.80 -48.14
N CYS J 455 9.18 -23.96 -47.69
CA CYS J 455 8.35 -25.14 -47.38
C CYS J 455 8.86 -25.88 -46.17
N ASP J 456 7.98 -26.65 -45.54
CA ASP J 456 8.36 -27.53 -44.44
C ASP J 456 7.25 -28.53 -44.17
N THR J 457 7.34 -29.67 -44.87
CA THR J 457 6.51 -30.84 -44.66
C THR J 457 5.07 -30.55 -45.03
N ASP J 458 4.37 -29.75 -44.25
CA ASP J 458 2.95 -29.45 -44.51
C ASP J 458 2.66 -27.95 -44.70
N SER J 459 3.70 -27.16 -44.95
CA SER J 459 3.55 -25.71 -45.06
C SER J 459 4.20 -25.16 -46.33
N ILE J 460 3.49 -24.24 -46.99
CA ILE J 460 4.04 -23.40 -48.07
C ILE J 460 4.01 -21.95 -47.56
N HIS J 461 5.12 -21.23 -47.73
CA HIS J 461 5.19 -19.83 -47.33
C HIS J 461 5.30 -19.00 -48.63
N LEU J 462 4.30 -18.15 -48.88
CA LEU J 462 4.28 -17.32 -50.09
C LEU J 462 4.51 -15.84 -49.79
N THR J 463 4.82 -15.08 -50.82
CA THR J 463 4.83 -13.62 -50.72
C THR J 463 3.46 -13.11 -51.14
N GLY J 464 3.08 -11.95 -50.63
CA GLY J 464 1.74 -11.38 -50.89
C GLY J 464 0.79 -11.71 -49.77
N THR J 465 -0.49 -11.40 -49.93
CA THR J 465 -1.47 -11.66 -48.87
C THR J 465 -2.82 -12.21 -49.35
N GLU J 466 -2.87 -12.66 -50.60
CA GLU J 466 -4.12 -12.99 -51.26
C GLU J 466 -3.87 -13.76 -52.52
N ILE J 467 -4.65 -14.80 -52.84
CA ILE J 467 -4.64 -16.12 -52.21
C ILE J 467 -4.63 -16.83 -53.55
N PRO J 468 -3.55 -17.57 -53.88
CA PRO J 468 -3.37 -18.01 -55.26
C PRO J 468 -4.62 -18.65 -55.84
N ASP J 469 -5.17 -18.06 -56.91
CA ASP J 469 -6.33 -18.64 -57.61
C ASP J 469 -6.02 -20.03 -58.17
N VAL J 470 -4.76 -20.24 -58.53
CA VAL J 470 -4.27 -21.55 -58.95
C VAL J 470 -4.59 -22.64 -57.90
N ILE J 471 -4.60 -22.23 -56.63
CA ILE J 471 -4.74 -23.11 -55.47
C ILE J 471 -6.10 -22.97 -54.74
N LYS J 472 -7.04 -22.31 -55.38
CA LYS J 472 -8.29 -21.84 -54.73
C LYS J 472 -9.26 -22.96 -54.31
N ASP J 473 -9.34 -24.04 -55.10
CA ASP J 473 -10.28 -25.14 -54.87
C ASP J 473 -9.77 -26.20 -53.89
N ILE J 474 -8.53 -26.05 -53.43
CA ILE J 474 -8.02 -26.94 -52.38
C ILE J 474 -7.74 -26.16 -51.10
N VAL J 475 -8.29 -24.95 -51.00
CA VAL J 475 -8.20 -24.17 -49.76
C VAL J 475 -9.48 -24.26 -48.91
N ASP J 476 -9.31 -24.59 -47.63
CA ASP J 476 -10.41 -24.71 -46.69
C ASP J 476 -9.80 -24.82 -45.29
N PRO J 477 -10.34 -24.10 -44.30
CA PRO J 477 -9.77 -24.08 -42.94
C PRO J 477 -9.98 -25.36 -42.11
N LYS J 478 -10.94 -26.20 -42.50
CA LYS J 478 -11.25 -27.39 -41.72
C LYS J 478 -10.99 -28.68 -42.46
N LYS J 479 -11.47 -28.74 -43.71
CA LYS J 479 -11.53 -29.99 -44.47
C LYS J 479 -10.21 -30.71 -44.58
N LEU J 480 -10.26 -32.02 -44.36
CA LEU J 480 -9.09 -32.91 -44.42
C LEU J 480 -8.46 -32.89 -45.82
N GLY J 481 -7.13 -32.81 -45.85
CA GLY J 481 -6.38 -32.75 -47.10
C GLY J 481 -6.22 -31.33 -47.61
N TYR J 482 -7.26 -30.51 -47.44
CA TYR J 482 -7.30 -29.12 -47.91
C TYR J 482 -6.27 -28.24 -47.20
N TRP J 483 -5.80 -27.20 -47.90
CA TRP J 483 -4.85 -26.22 -47.35
C TRP J 483 -5.58 -25.17 -46.52
N ALA J 484 -4.99 -24.81 -45.38
CA ALA J 484 -5.58 -23.82 -44.49
C ALA J 484 -4.70 -22.58 -44.49
N HIS J 485 -5.31 -21.42 -44.75
CA HIS J 485 -4.66 -20.12 -44.57
C HIS J 485 -4.44 -19.90 -43.06
N GLU J 486 -3.25 -20.24 -42.59
CA GLU J 486 -2.94 -20.20 -41.14
C GLU J 486 -2.56 -18.80 -40.66
N SER J 487 -1.86 -18.04 -41.49
CA SER J 487 -1.30 -16.75 -41.08
C SER J 487 -0.94 -15.80 -42.24
N THR J 488 -0.85 -14.52 -41.89
CA THR J 488 -0.37 -13.49 -42.79
C THR J 488 0.64 -12.66 -41.99
N PHE J 489 1.79 -12.35 -42.59
CA PHE J 489 2.81 -11.56 -41.88
C PHE J 489 3.13 -10.20 -42.55
N LYS J 490 3.60 -9.26 -41.74
CA LYS J 490 4.01 -7.93 -42.20
C LYS J 490 5.38 -8.04 -42.88
N ARG J 491 6.33 -8.67 -42.18
CA ARG J 491 7.65 -8.92 -42.75
C ARG J 491 8.24 -10.24 -42.26
N ALA J 492 9.35 -10.66 -42.89
CA ALA J 492 9.99 -11.93 -42.55
C ALA J 492 11.43 -12.03 -43.03
N LYS J 493 12.23 -12.80 -42.30
CA LYS J 493 13.56 -13.18 -42.75
C LYS J 493 13.72 -14.69 -42.62
N TYR J 494 14.22 -15.31 -43.68
CA TYR J 494 14.49 -16.76 -43.71
C TYR J 494 15.97 -16.93 -44.00
N LEU J 495 16.70 -17.47 -43.02
CA LEU J 495 18.15 -17.68 -43.13
C LEU J 495 18.46 -18.96 -43.92
N ARG J 496 17.66 -20.00 -43.66
CA ARG J 496 17.89 -21.35 -44.22
C ARG J 496 16.73 -22.29 -43.80
N GLN J 497 16.94 -23.60 -43.93
CA GLN J 497 15.93 -24.59 -43.56
C GLN J 497 15.65 -24.56 -42.06
N LYS J 498 14.36 -24.44 -41.71
CA LYS J 498 13.93 -24.45 -40.30
C LYS J 498 14.55 -23.35 -39.43
N THR J 499 14.84 -22.20 -40.05
CA THR J 499 15.48 -21.05 -39.37
C THR J 499 14.93 -19.74 -39.93
N TYR J 500 13.82 -19.24 -39.35
CA TYR J 500 13.17 -18.01 -39.85
C TYR J 500 12.32 -17.28 -38.81
N ILE J 501 12.11 -15.98 -39.06
CA ILE J 501 11.26 -15.14 -38.21
C ILE J 501 10.19 -14.41 -39.05
N GLN J 502 9.01 -14.21 -38.43
CA GLN J 502 7.88 -13.51 -39.07
C GLN J 502 7.19 -12.59 -38.07
N ASP J 503 6.86 -11.38 -38.51
CA ASP J 503 5.94 -10.49 -37.76
C ASP J 503 4.50 -10.76 -38.21
N ILE J 504 3.80 -11.59 -37.45
CA ILE J 504 2.45 -12.07 -37.84
C ILE J 504 1.37 -11.04 -37.54
N TYR J 505 0.46 -10.81 -38.49
CA TYR J 505 -0.71 -9.94 -38.23
C TYR J 505 -1.64 -10.57 -37.20
N MET J 506 -2.04 -9.80 -36.19
CA MET J 506 -2.86 -10.31 -35.09
C MET J 506 -4.08 -9.43 -34.80
N LYS J 507 -5.12 -10.04 -34.23
CA LYS J 507 -6.34 -9.33 -33.86
C LYS J 507 -6.89 -9.82 -32.52
N GLU J 508 -7.52 -8.91 -31.79
CA GLU J 508 -8.11 -9.19 -30.48
C GLU J 508 -9.63 -9.35 -30.56
N VAL J 509 -10.07 -10.61 -30.48
CA VAL J 509 -11.49 -10.94 -30.32
C VAL J 509 -11.48 -12.40 -29.84
N ASP J 510 -11.85 -12.70 -28.59
CA ASP J 510 -12.93 -12.04 -27.82
C ASP J 510 -12.40 -11.26 -26.63
N GLY J 511 -11.10 -11.35 -26.47
CA GLY J 511 -10.46 -11.16 -25.18
C GLY J 511 -8.99 -11.49 -25.34
N LYS J 512 -8.70 -12.41 -26.26
CA LYS J 512 -7.33 -12.83 -26.57
C LYS J 512 -7.01 -12.61 -28.05
N LEU J 513 -5.84 -13.08 -28.48
CA LEU J 513 -5.30 -12.78 -29.81
C LEU J 513 -5.51 -13.92 -30.80
N VAL J 514 -5.97 -13.60 -32.01
CA VAL J 514 -5.98 -14.58 -33.11
C VAL J 514 -5.25 -14.01 -34.33
N GLU J 515 -4.73 -14.91 -35.16
CA GLU J 515 -4.05 -14.52 -36.39
C GLU J 515 -4.99 -13.66 -37.25
N GLY J 516 -4.47 -12.52 -37.73
CA GLY J 516 -5.27 -11.53 -38.45
C GLY J 516 -4.83 -11.31 -39.88
N SER J 517 -5.04 -10.08 -40.37
CA SER J 517 -4.74 -9.71 -41.77
C SER J 517 -4.60 -8.18 -41.88
N PRO J 518 -4.05 -7.67 -43.00
CA PRO J 518 -3.74 -6.23 -43.15
C PRO J 518 -4.89 -5.27 -42.87
N ASP J 519 -6.09 -5.63 -43.32
CA ASP J 519 -7.28 -4.83 -43.05
C ASP J 519 -7.70 -4.97 -41.60
N ASP J 520 -7.64 -6.21 -41.11
CA ASP J 520 -8.27 -6.60 -39.86
C ASP J 520 -7.25 -7.03 -38.79
N TYR J 521 -6.41 -6.09 -38.36
CA TYR J 521 -5.42 -6.36 -37.30
C TYR J 521 -5.35 -5.22 -36.27
N THR J 522 -4.71 -5.53 -35.15
CA THR J 522 -4.50 -4.56 -34.07
C THR J 522 -3.10 -4.68 -33.44
N ASP J 523 -2.61 -5.91 -33.32
CA ASP J 523 -1.25 -6.17 -32.82
C ASP J 523 -0.42 -6.93 -33.85
N ILE J 524 0.89 -7.02 -33.59
CA ILE J 524 1.82 -7.77 -34.43
C ILE J 524 2.65 -8.71 -33.57
N LYS J 525 2.41 -10.02 -33.66
CA LYS J 525 3.19 -11.02 -32.90
C LYS J 525 4.49 -11.38 -33.59
N PHE J 526 5.59 -11.18 -32.88
CA PHE J 526 6.92 -11.58 -33.32
C PHE J 526 7.09 -13.05 -33.00
N SER J 527 7.44 -13.84 -34.00
CA SER J 527 7.61 -15.27 -33.83
C SER J 527 9.00 -15.69 -34.32
N VAL J 528 9.66 -16.57 -33.57
CA VAL J 528 10.95 -17.12 -33.99
C VAL J 528 10.85 -18.65 -34.11
N LYS J 529 11.14 -19.13 -35.32
CA LYS J 529 11.24 -20.57 -35.59
C LYS J 529 12.69 -20.90 -35.88
N CYS J 530 13.25 -21.83 -35.12
CA CYS J 530 14.69 -22.13 -35.26
C CYS J 530 15.13 -23.45 -34.63
N ALA J 531 15.61 -24.35 -35.48
CA ALA J 531 16.08 -25.67 -35.05
C ALA J 531 17.22 -25.58 -34.04
N GLY J 532 17.00 -26.15 -32.85
CA GLY J 532 18.02 -26.21 -31.81
C GLY J 532 18.03 -25.02 -30.88
N MET J 533 16.95 -24.25 -30.87
CA MET J 533 16.90 -23.02 -30.06
C MET J 533 15.79 -23.05 -29.01
N THR J 534 16.21 -22.93 -27.75
CA THR J 534 15.32 -23.03 -26.59
C THR J 534 14.55 -21.71 -26.36
N ASP J 535 13.36 -21.82 -25.79
CA ASP J 535 12.43 -20.67 -25.67
C ASP J 535 13.03 -19.37 -25.12
N LYS J 536 13.98 -19.47 -24.19
CA LYS J 536 14.47 -18.26 -23.52
C LYS J 536 15.40 -17.45 -24.41
N ILE J 537 16.18 -18.16 -25.22
CA ILE J 537 17.03 -17.54 -26.23
C ILE J 537 16.16 -16.88 -27.32
N LYS J 538 15.08 -17.54 -27.72
CA LYS J 538 14.13 -16.95 -28.68
C LYS J 538 13.74 -15.54 -28.27
N LYS J 539 13.51 -15.35 -26.97
CA LYS J 539 13.06 -14.06 -26.45
C LYS J 539 14.10 -12.94 -26.60
N GLU J 540 15.27 -13.27 -27.13
CA GLU J 540 16.34 -12.31 -27.35
C GLU J 540 16.66 -12.00 -28.81
N VAL J 541 16.14 -12.80 -29.73
CA VAL J 541 16.32 -12.55 -31.15
C VAL J 541 15.52 -11.31 -31.57
N THR J 542 16.20 -10.29 -32.06
CA THR J 542 15.53 -9.16 -32.70
C THR J 542 15.61 -9.37 -34.21
N PHE J 543 14.79 -8.61 -34.95
CA PHE J 543 14.78 -8.70 -36.42
C PHE J 543 16.13 -8.28 -37.02
N GLU J 544 16.81 -7.38 -36.32
CA GLU J 544 18.09 -6.84 -36.76
C GLU J 544 19.24 -7.84 -36.53
N ASN J 545 19.23 -8.55 -35.40
CA ASN J 545 20.34 -9.45 -35.03
C ASN J 545 20.18 -10.92 -35.45
N PHE J 546 19.09 -11.25 -36.14
CA PHE J 546 18.82 -12.62 -36.53
C PHE J 546 19.62 -12.97 -37.79
N LYS J 547 20.81 -13.50 -37.58
CA LYS J 547 21.72 -13.77 -38.70
C LYS J 547 22.83 -14.68 -38.27
N VAL J 548 23.56 -15.18 -39.26
CA VAL J 548 24.70 -16.08 -39.02
C VAL J 548 25.73 -15.40 -38.11
N GLY J 549 26.13 -16.11 -37.06
CA GLY J 549 27.03 -15.56 -36.03
C GLY J 549 26.35 -15.25 -34.70
N PHE J 550 25.04 -15.01 -34.73
CA PHE J 550 24.26 -14.74 -33.51
C PHE J 550 24.54 -15.81 -32.47
N SER J 551 24.87 -15.41 -31.26
CA SER J 551 25.26 -16.36 -30.22
C SER J 551 24.86 -15.93 -28.82
N ARG J 552 24.34 -16.88 -28.05
CA ARG J 552 23.96 -16.65 -26.66
C ARG J 552 24.39 -17.87 -25.84
N LYS J 553 24.76 -17.65 -24.57
CA LYS J 553 25.20 -18.74 -23.68
C LYS J 553 24.10 -19.07 -22.65
N MET J 554 22.94 -19.50 -23.15
CA MET J 554 21.77 -19.77 -22.30
C MET J 554 21.24 -21.22 -22.39
N LYS J 555 21.48 -21.86 -23.52
CA LYS J 555 20.91 -23.20 -23.82
C LYS J 555 21.20 -24.28 -22.74
N PRO J 556 20.14 -24.79 -22.06
CA PRO J 556 20.29 -25.92 -21.14
C PRO J 556 20.79 -27.21 -21.79
N LYS J 557 21.70 -27.89 -21.10
CA LYS J 557 22.31 -29.13 -21.59
C LYS J 557 22.34 -30.17 -20.46
N PRO J 558 21.64 -31.30 -20.66
CA PRO J 558 21.66 -32.30 -19.58
C PRO J 558 22.95 -33.13 -19.62
N VAL J 559 23.61 -33.23 -18.48
CA VAL J 559 24.83 -34.03 -18.35
C VAL J 559 24.68 -35.05 -17.22
N GLN J 560 25.30 -36.22 -17.42
CA GLN J 560 25.33 -37.26 -16.40
C GLN J 560 26.40 -36.93 -15.38
N VAL J 561 26.04 -36.98 -14.11
CA VAL J 561 27.00 -36.74 -13.03
C VAL J 561 26.71 -37.75 -11.93
N PRO J 562 27.62 -37.87 -10.93
CA PRO J 562 27.31 -38.75 -9.81
C PRO J 562 26.00 -38.36 -9.20
N GLY J 563 25.15 -39.33 -8.91
CA GLY J 563 23.83 -39.05 -8.34
C GLY J 563 22.69 -38.92 -9.35
N GLY J 564 22.97 -38.35 -10.53
CA GLY J 564 21.95 -38.24 -11.57
C GLY J 564 22.25 -37.32 -12.74
N VAL J 565 21.29 -36.47 -13.09
CA VAL J 565 21.44 -35.56 -14.22
C VAL J 565 21.26 -34.13 -13.75
N VAL J 566 22.03 -33.23 -14.34
CA VAL J 566 22.00 -31.81 -14.02
C VAL J 566 22.07 -31.04 -15.34
N LEU J 567 21.40 -29.89 -15.39
CA LEU J 567 21.42 -29.04 -16.57
C LEU J 567 22.47 -27.93 -16.39
N VAL J 568 23.32 -27.76 -17.40
CA VAL J 568 24.36 -26.72 -17.38
C VAL J 568 24.18 -25.80 -18.58
N ASP J 569 24.68 -24.57 -18.46
CA ASP J 569 24.53 -23.56 -19.51
C ASP J 569 25.50 -23.75 -20.68
N ASP J 570 24.96 -24.25 -21.80
CA ASP J 570 25.72 -24.41 -23.05
C ASP J 570 25.44 -23.23 -23.97
N THR J 571 26.23 -23.10 -25.03
CA THR J 571 26.06 -22.01 -26.00
C THR J 571 25.32 -22.48 -27.26
N PHE J 572 24.58 -21.56 -27.88
CA PHE J 572 23.95 -21.77 -29.19
C PHE J 572 24.38 -20.66 -30.14
N THR J 573 24.83 -21.05 -31.34
CA THR J 573 25.28 -20.11 -32.37
C THR J 573 24.72 -20.56 -33.72
N ILE J 574 24.44 -19.61 -34.63
CA ILE J 574 24.03 -19.96 -35.99
C ILE J 574 25.25 -20.11 -36.89
#